data_3WNQ
#
_entry.id   3WNQ
#
_cell.length_a   70.329
_cell.length_b   93.028
_cell.length_c   242.353
_cell.angle_alpha   90.00
_cell.angle_beta   90.00
_cell.angle_gamma   90.00
#
_symmetry.space_group_name_H-M   'P 21 21 21'
#
loop_
_entity.id
_entity.type
_entity.pdbx_description
1 polymer '(R)-specific carbonyl reductase'
2 non-polymer 2-hydroxy-1-phenylethanone
3 non-polymer 'ZINC ION'
4 water water
#
_entity_poly.entity_id   1
_entity_poly.type   'polypeptide(L)'
_entity_poly.pdbx_seq_one_letter_code
;AGAGAMSIPSSQYGFVFNKQSGLKLRNDLPVHKPKAGQLLLKVDAVGLCHSDLAVIYEGLDCGDNYVMGHEIAGTVAAVG
DDVINYKVGDRVACVGPNGCGGCKYCRGAIDNVCKNAFGDWFGLGYDGGYQQYLLVTRPRNLSRIPDNVSADVAAASTDA
VLTPYHAIKMAQVSPTSNILLIGAGGLGGNAIQVAKAFGAKVTVLDKKKEARDQAKKLGADAVYETLPESISPGSFSACF
DFVSVQATFDVCQKYVEPKGVIMPVGLGAPNLSFNLGDLALREIRILGSFWGTTNDLDDVLKLVSEGKVKPVVRSAKLKE
LPEYIEKLRNNAYEGRVVFNP
;
_entity_poly.pdbx_strand_id   A,B,C,D
#
loop_
_chem_comp.id
_chem_comp.type
_chem_comp.name
_chem_comp.formula
HXT non-polymer 2-hydroxy-1-phenylethanone 'C8 H8 O2'
ZN non-polymer 'ZINC ION' 'Zn 2'
#
# COMPACT_ATOMS: atom_id res chain seq x y z
N SER A 7 32.94 -11.58 34.23
CA SER A 7 34.15 -12.45 34.06
C SER A 7 34.17 -13.05 32.64
N ILE A 8 34.49 -12.21 31.65
CA ILE A 8 34.54 -12.59 30.21
C ILE A 8 35.90 -13.20 29.84
N PRO A 9 35.93 -14.48 29.44
CA PRO A 9 37.22 -15.09 29.08
C PRO A 9 37.86 -14.42 27.85
N SER A 10 38.98 -14.98 27.39
CA SER A 10 39.68 -14.41 26.24
C SER A 10 39.97 -15.51 25.26
N SER A 11 39.55 -16.71 25.66
CA SER A 11 39.69 -17.89 24.81
C SER A 11 38.32 -18.56 24.93
N GLN A 12 37.89 -19.31 23.91
CA GLN A 12 36.59 -19.97 23.91
C GLN A 12 36.54 -21.11 22.91
N TYR A 13 35.52 -21.98 23.00
CA TYR A 13 35.38 -23.13 22.09
C TYR A 13 34.26 -22.87 21.10
N GLY A 14 34.28 -23.56 19.95
CA GLY A 14 33.26 -23.31 18.94
C GLY A 14 33.51 -24.13 17.72
N PHE A 15 32.56 -24.22 16.79
CA PHE A 15 32.75 -24.98 15.57
C PHE A 15 32.92 -24.07 14.36
N VAL A 16 34.10 -24.10 13.79
CA VAL A 16 34.45 -23.28 12.64
C VAL A 16 34.21 -24.11 11.40
N PHE A 17 34.01 -23.43 10.27
CA PHE A 17 33.82 -24.17 9.04
C PHE A 17 34.87 -23.75 8.07
N ASN A 18 35.54 -24.74 7.49
CA ASN A 18 36.59 -24.50 6.52
C ASN A 18 36.26 -25.34 5.30
N LYS A 19 36.33 -24.78 4.11
CA LYS A 19 36.00 -25.53 2.90
C LYS A 19 36.86 -26.79 2.73
N GLN A 20 38.07 -26.76 3.32
CA GLN A 20 39.04 -27.86 3.26
C GLN A 20 38.70 -28.97 4.30
N SER A 21 38.61 -28.58 5.58
CA SER A 21 38.34 -29.50 6.69
C SER A 21 36.92 -29.67 7.18
N GLY A 22 35.94 -29.03 6.55
CA GLY A 22 34.56 -29.16 6.99
C GLY A 22 34.30 -28.42 8.30
N LEU A 23 33.32 -28.87 9.06
CA LEU A 23 33.07 -28.21 10.34
C LEU A 23 33.86 -28.93 11.41
N LYS A 24 34.77 -28.25 12.09
CA LYS A 24 35.58 -28.92 13.13
C LYS A 24 35.61 -28.14 14.40
N LEU A 25 35.50 -28.83 15.54
CA LEU A 25 35.53 -28.16 16.83
C LEU A 25 36.89 -27.53 17.14
N ARG A 26 36.92 -26.41 17.87
CA ARG A 26 38.16 -25.71 18.20
C ARG A 26 38.12 -25.06 19.56
N ASN A 27 39.12 -25.35 20.38
CA ASN A 27 39.20 -24.83 21.76
C ASN A 27 40.09 -23.61 21.91
N ASP A 28 40.63 -23.14 20.78
CA ASP A 28 41.56 -21.99 20.74
C ASP A 28 40.95 -20.73 20.15
N LEU A 29 39.61 -20.63 20.10
CA LEU A 29 38.95 -19.46 19.51
C LEU A 29 39.05 -18.21 20.33
N PRO A 30 39.34 -17.09 19.68
CA PRO A 30 39.47 -15.80 20.34
C PRO A 30 38.13 -15.35 20.94
N VAL A 31 38.14 -14.27 21.74
CA VAL A 31 36.93 -13.71 22.30
C VAL A 31 36.96 -12.17 22.11
N HIS A 32 36.89 -11.75 20.85
CA HIS A 32 36.98 -10.35 20.49
C HIS A 32 36.36 -9.38 21.49
N LYS A 33 37.07 -8.31 21.78
CA LYS A 33 36.49 -7.34 22.67
C LYS A 33 35.83 -6.35 21.71
N PRO A 34 34.71 -5.80 22.14
CA PRO A 34 33.94 -4.85 21.35
C PRO A 34 34.59 -3.53 21.02
N LYS A 35 34.89 -3.27 19.73
CA LYS A 35 35.39 -1.97 19.31
C LYS A 35 34.16 -1.12 19.64
N ALA A 36 34.26 0.20 19.75
CA ALA A 36 33.05 0.98 20.09
C ALA A 36 31.95 0.74 19.05
N GLY A 37 30.69 0.76 19.45
CA GLY A 37 29.65 0.52 18.46
C GLY A 37 29.32 -0.96 18.34
N GLN A 38 30.32 -1.82 18.59
CA GLN A 38 30.11 -3.27 18.53
C GLN A 38 29.60 -3.76 19.88
N LEU A 39 29.39 -5.06 20.00
CA LEU A 39 28.84 -5.66 21.23
C LEU A 39 29.16 -7.14 21.25
N LEU A 40 29.33 -7.68 22.44
CA LEU A 40 29.68 -9.09 22.56
C LEU A 40 28.53 -9.84 23.09
N LEU A 41 28.19 -10.93 22.43
CA LEU A 41 27.03 -11.69 22.83
C LEU A 41 27.37 -13.04 23.36
N LYS A 42 26.95 -13.35 24.58
CA LYS A 42 27.16 -14.69 25.13
C LYS A 42 26.03 -15.56 24.56
N VAL A 43 26.39 -16.53 23.71
CA VAL A 43 25.41 -17.43 23.07
C VAL A 43 24.73 -18.32 24.11
N ASP A 44 23.39 -18.34 24.08
CA ASP A 44 22.59 -19.14 25.00
C ASP A 44 21.97 -20.33 24.29
N ALA A 45 21.56 -20.12 23.04
CA ALA A 45 20.97 -21.20 22.26
C ALA A 45 21.16 -20.96 20.74
N VAL A 46 21.56 -21.99 20.04
CA VAL A 46 21.76 -21.77 18.64
C VAL A 46 21.17 -22.94 17.87
N GLY A 47 20.25 -22.64 16.96
CA GLY A 47 19.60 -23.69 16.22
C GLY A 47 20.35 -24.24 15.05
N LEU A 48 19.80 -25.33 14.56
CA LEU A 48 20.35 -26.03 13.45
C LEU A 48 19.24 -26.39 12.49
N CYS A 49 19.42 -26.03 11.22
CA CYS A 49 18.43 -26.37 10.22
C CYS A 49 19.09 -26.84 8.93
N HIS A 50 18.28 -27.34 8.00
CA HIS A 50 18.79 -27.86 6.73
C HIS A 50 19.77 -26.90 6.07
N SER A 51 19.50 -25.60 6.09
CA SER A 51 20.42 -24.63 5.46
C SER A 51 21.86 -24.97 5.82
N ASP A 52 22.13 -25.08 7.12
CA ASP A 52 23.45 -25.40 7.61
C ASP A 52 24.08 -26.59 6.84
N LEU A 53 23.28 -27.61 6.56
CA LEU A 53 23.77 -28.78 5.82
C LEU A 53 24.17 -28.50 4.36
N ALA A 54 23.53 -27.56 3.71
CA ALA A 54 23.88 -27.25 2.35
C ALA A 54 25.26 -26.59 2.37
N VAL A 55 25.59 -25.87 3.43
CA VAL A 55 26.89 -25.22 3.53
C VAL A 55 28.03 -26.24 3.65
N ILE A 56 27.78 -27.29 4.46
CA ILE A 56 28.72 -28.38 4.76
C ILE A 56 28.84 -29.52 3.76
N TYR A 57 27.71 -30.03 3.33
CA TYR A 57 27.72 -31.10 2.37
C TYR A 57 27.38 -30.62 1.00
N GLU A 58 26.13 -30.25 0.77
CA GLU A 58 25.74 -29.80 -0.55
C GLU A 58 26.50 -28.64 -1.22
N GLY A 59 27.61 -28.19 -0.66
CA GLY A 59 28.39 -27.13 -1.28
C GLY A 59 27.76 -25.78 -1.61
N LEU A 60 27.16 -25.14 -0.62
CA LEU A 60 26.61 -23.84 -0.80
C LEU A 60 27.76 -22.88 -0.38
N ASP A 61 28.18 -22.00 -1.29
CA ASP A 61 29.27 -21.12 -1.00
C ASP A 61 28.88 -19.83 -0.28
N CYS A 62 29.38 -19.70 0.94
CA CYS A 62 29.08 -18.53 1.72
C CYS A 62 30.37 -17.91 2.17
N GLY A 63 31.44 -18.57 1.76
CA GLY A 63 32.74 -18.09 2.13
C GLY A 63 33.47 -19.11 2.95
N ASP A 64 34.48 -18.64 3.69
CA ASP A 64 35.30 -19.51 4.50
C ASP A 64 35.69 -19.00 5.90
N ASN A 65 35.84 -19.97 6.79
CA ASN A 65 36.27 -19.75 8.16
C ASN A 65 35.41 -18.87 9.02
N TYR A 66 34.28 -19.45 9.41
CA TYR A 66 33.35 -18.76 10.25
C TYR A 66 32.74 -19.75 11.24
N VAL A 67 32.41 -19.28 12.45
CA VAL A 67 31.71 -20.12 13.39
C VAL A 67 30.35 -20.26 12.64
N MET A 68 29.59 -21.32 12.85
CA MET A 68 28.35 -21.41 12.10
C MET A 68 27.10 -21.30 12.93
N GLY A 69 25.94 -21.48 12.28
CA GLY A 69 24.69 -21.41 12.98
C GLY A 69 24.18 -20.01 12.97
N HIS A 70 23.07 -19.86 12.29
CA HIS A 70 22.49 -18.55 12.13
C HIS A 70 21.27 -18.31 13.02
N GLU A 71 20.76 -19.39 13.56
CA GLU A 71 19.58 -19.29 14.40
C GLU A 71 20.15 -19.05 15.76
N ILE A 72 20.46 -17.81 16.06
CA ILE A 72 21.11 -17.39 17.31
C ILE A 72 20.32 -16.59 18.36
N ALA A 73 20.42 -17.01 19.61
CA ALA A 73 19.81 -16.33 20.75
C ALA A 73 20.92 -16.28 21.85
N GLY A 74 21.03 -15.16 22.56
CA GLY A 74 22.06 -15.08 23.58
C GLY A 74 21.86 -13.89 24.49
N THR A 75 22.87 -13.58 25.31
CA THR A 75 22.77 -12.45 26.24
C THR A 75 23.91 -11.47 26.02
N VAL A 76 23.63 -10.18 26.12
CA VAL A 76 24.66 -9.16 25.93
C VAL A 76 25.66 -9.28 27.08
N ALA A 77 26.93 -9.51 26.73
CA ALA A 77 27.99 -9.67 27.73
C ALA A 77 28.91 -8.48 27.93
N ALA A 78 29.09 -7.70 26.88
CA ALA A 78 29.98 -6.58 26.93
C ALA A 78 29.58 -5.67 25.77
N VAL A 79 29.56 -4.37 25.98
CA VAL A 79 29.18 -3.52 24.90
C VAL A 79 30.27 -2.52 24.73
N GLY A 80 30.61 -2.21 23.48
CA GLY A 80 31.63 -1.19 23.22
C GLY A 80 31.08 0.17 23.69
N ASP A 81 31.90 1.19 23.71
CA ASP A 81 31.37 2.48 24.14
C ASP A 81 30.54 2.88 22.95
N ASP A 82 29.76 3.93 23.13
CA ASP A 82 28.90 4.40 22.06
C ASP A 82 27.62 3.53 21.91
N VAL A 83 27.63 2.33 22.50
CA VAL A 83 26.46 1.46 22.46
C VAL A 83 25.44 1.86 23.54
N ILE A 84 24.37 2.54 23.13
CA ILE A 84 23.36 3.01 24.07
C ILE A 84 22.00 2.29 24.02
N ASN A 85 21.67 1.62 22.91
CA ASN A 85 20.39 0.94 22.86
C ASN A 85 20.43 -0.40 23.59
N TYR A 86 21.62 -0.97 23.75
CA TYR A 86 21.72 -2.24 24.50
C TYR A 86 22.66 -2.05 25.68
N LYS A 87 22.29 -2.62 26.83
CA LYS A 87 23.12 -2.53 28.03
C LYS A 87 23.52 -3.96 28.31
N VAL A 88 24.55 -4.19 29.13
CA VAL A 88 24.90 -5.59 29.37
C VAL A 88 23.71 -6.24 30.01
N GLY A 89 23.54 -7.54 29.80
CA GLY A 89 22.42 -8.26 30.38
C GLY A 89 21.26 -8.52 29.43
N ASP A 90 20.87 -7.47 28.64
CA ASP A 90 19.78 -7.49 27.64
C ASP A 90 19.81 -8.81 26.89
N ARG A 91 18.65 -9.45 26.75
CA ARG A 91 18.63 -10.74 26.05
C ARG A 91 18.25 -10.46 24.60
N VAL A 92 19.01 -10.99 23.63
CA VAL A 92 18.67 -10.72 22.23
C VAL A 92 18.75 -11.93 21.28
N ALA A 93 18.14 -11.74 20.10
CA ALA A 93 18.15 -12.72 19.02
C ALA A 93 18.83 -12.10 17.80
N CYS A 94 19.48 -12.95 17.02
CA CYS A 94 20.19 -12.51 15.84
C CYS A 94 19.35 -12.51 14.59
N VAL A 95 19.36 -11.37 13.88
CA VAL A 95 18.64 -11.25 12.63
C VAL A 95 19.65 -11.73 11.62
N GLY A 96 19.43 -12.96 11.15
CA GLY A 96 20.29 -13.64 10.18
C GLY A 96 21.03 -12.91 9.10
N PRO A 97 20.33 -12.24 8.16
CA PRO A 97 20.94 -11.49 7.05
C PRO A 97 21.97 -10.45 7.46
N ASN A 98 21.96 -10.04 8.73
CA ASN A 98 22.90 -9.05 9.29
C ASN A 98 23.01 -7.86 8.39
N GLY A 99 21.92 -7.36 7.85
CA GLY A 99 22.03 -6.21 6.96
C GLY A 99 23.07 -5.17 7.35
N CYS A 100 23.61 -4.43 6.37
CA CYS A 100 24.64 -3.39 6.60
C CYS A 100 24.16 -2.14 7.33
N GLY A 101 22.85 -1.92 7.36
CA GLY A 101 22.25 -0.78 8.06
C GLY A 101 22.54 0.60 7.54
N GLY A 102 23.15 0.68 6.35
CA GLY A 102 23.48 1.96 5.76
C GLY A 102 23.21 2.14 4.28
N CYS A 103 22.67 1.14 3.60
CA CYS A 103 22.39 1.29 2.18
C CYS A 103 20.93 1.55 1.89
N LYS A 104 20.59 1.83 0.62
CA LYS A 104 19.18 2.09 0.27
C LYS A 104 18.23 0.95 0.66
N TYR A 105 18.68 -0.31 0.62
CA TYR A 105 17.77 -1.38 1.02
C TYR A 105 17.55 -1.41 2.55
N CYS A 106 18.60 -1.30 3.37
CA CYS A 106 18.41 -1.38 4.83
C CYS A 106 17.61 -0.20 5.38
N ARG A 107 17.94 0.98 4.86
CA ARG A 107 17.30 2.22 5.26
C ARG A 107 15.86 2.19 4.81
N GLY A 108 15.61 1.37 3.79
CA GLY A 108 14.28 1.23 3.23
C GLY A 108 13.42 0.07 3.71
N ALA A 109 13.75 -0.51 4.86
CA ALA A 109 12.94 -1.60 5.44
C ALA A 109 13.10 -2.99 4.84
N ILE A 110 14.15 -3.17 4.05
CA ILE A 110 14.43 -4.48 3.52
C ILE A 110 15.90 -4.83 3.68
N ASP A 111 16.35 -4.92 4.92
CA ASP A 111 17.72 -5.27 5.20
C ASP A 111 18.04 -6.73 4.86
N ASN A 112 17.00 -7.51 4.60
CA ASN A 112 17.20 -8.91 4.28
C ASN A 112 17.71 -9.11 2.88
N VAL A 113 17.73 -8.04 2.10
CA VAL A 113 18.24 -8.18 0.76
C VAL A 113 19.46 -7.32 0.48
N CYS A 114 20.02 -6.73 1.56
CA CYS A 114 21.20 -5.85 1.52
C CYS A 114 22.32 -6.45 0.65
N LYS A 115 22.69 -5.74 -0.41
CA LYS A 115 23.72 -6.26 -1.28
C LYS A 115 25.05 -6.30 -0.55
N ASN A 116 25.28 -5.30 0.31
CA ASN A 116 26.53 -5.18 1.08
C ASN A 116 26.80 -6.27 2.07
N ALA A 117 25.76 -6.89 2.57
CA ALA A 117 25.92 -7.91 3.59
C ALA A 117 26.06 -9.31 3.07
N PHE A 118 26.20 -9.45 1.76
CA PHE A 118 26.34 -10.75 1.14
C PHE A 118 27.55 -11.56 1.62
N GLY A 119 27.32 -12.74 2.21
CA GLY A 119 28.43 -13.52 2.71
C GLY A 119 28.94 -12.92 4.02
N ASP A 120 28.10 -12.14 4.70
CA ASP A 120 28.44 -11.58 6.01
C ASP A 120 27.23 -11.85 6.95
N TRP A 121 26.46 -12.88 6.60
CA TRP A 121 25.31 -13.32 7.37
C TRP A 121 25.80 -14.04 8.60
N PHE A 122 25.11 -13.94 9.72
CA PHE A 122 25.54 -14.64 10.91
C PHE A 122 25.65 -16.16 10.65
N GLY A 123 26.83 -16.71 10.87
CA GLY A 123 27.01 -18.12 10.66
C GLY A 123 26.82 -18.68 9.26
N LEU A 124 27.04 -17.79 8.28
CA LEU A 124 26.91 -18.06 6.83
C LEU A 124 27.67 -16.95 6.08
N GLY A 125 28.89 -16.72 6.53
CA GLY A 125 29.74 -15.71 5.97
C GLY A 125 30.49 -15.05 7.13
N TYR A 126 29.72 -14.61 8.11
CA TYR A 126 30.28 -13.97 9.27
C TYR A 126 30.18 -15.03 10.33
N ASP A 127 30.75 -14.78 11.50
CA ASP A 127 30.72 -15.77 12.57
C ASP A 127 29.33 -15.96 13.16
N GLY A 128 28.99 -17.22 13.40
CA GLY A 128 27.70 -17.57 13.94
C GLY A 128 27.59 -17.75 15.44
N GLY A 129 26.65 -18.61 15.83
CA GLY A 129 26.39 -18.84 17.23
C GLY A 129 26.84 -20.18 17.74
N TYR A 130 27.60 -20.96 16.92
CA TYR A 130 28.15 -22.27 17.36
C TYR A 130 29.45 -22.06 18.13
N GLN A 131 29.52 -20.96 18.87
CA GLN A 131 30.67 -20.65 19.66
C GLN A 131 30.04 -20.21 20.96
N GLN A 132 30.78 -19.56 21.84
CA GLN A 132 30.23 -19.20 23.13
C GLN A 132 29.95 -17.75 23.32
N TYR A 133 30.73 -16.93 22.60
CA TYR A 133 30.65 -15.48 22.65
C TYR A 133 30.85 -14.89 21.26
N LEU A 134 29.76 -14.41 20.67
CA LEU A 134 29.76 -13.84 19.34
C LEU A 134 29.93 -12.34 19.24
N LEU A 135 30.78 -11.88 18.34
CA LEU A 135 30.99 -10.44 18.20
C LEU A 135 29.96 -9.81 17.27
N VAL A 136 29.05 -9.01 17.78
CA VAL A 136 28.05 -8.44 16.92
C VAL A 136 28.53 -7.13 16.42
N THR A 137 29.04 -7.14 15.19
CA THR A 137 29.54 -5.93 14.49
C THR A 137 28.48 -4.83 14.37
N ARG A 138 27.27 -5.20 13.95
CA ARG A 138 26.17 -4.22 13.81
C ARG A 138 24.97 -4.58 14.69
N PRO A 139 24.84 -3.92 15.84
CA PRO A 139 23.73 -4.18 16.77
C PRO A 139 22.36 -3.92 16.22
N ARG A 140 22.28 -3.26 15.07
CA ARG A 140 20.95 -3.02 14.50
C ARG A 140 20.31 -4.38 14.20
N ASN A 141 21.12 -5.38 13.93
CA ASN A 141 20.58 -6.66 13.60
C ASN A 141 20.28 -7.63 14.74
N LEU A 142 19.78 -7.05 15.82
CA LEU A 142 19.38 -7.76 17.06
C LEU A 142 17.93 -7.42 17.41
N SER A 143 17.23 -8.39 18.01
CA SER A 143 15.84 -8.22 18.41
C SER A 143 15.71 -8.55 19.90
N ARG A 144 15.25 -7.61 20.74
CA ARG A 144 15.14 -7.91 22.19
C ARG A 144 14.22 -9.09 22.44
N ILE A 145 14.70 -10.08 23.20
CA ILE A 145 13.88 -11.23 23.49
C ILE A 145 13.01 -10.94 24.69
N PRO A 146 11.67 -11.11 24.52
CA PRO A 146 10.65 -10.89 25.56
C PRO A 146 11.01 -11.77 26.75
N ASP A 147 10.79 -11.23 27.94
CA ASP A 147 11.14 -11.96 29.17
C ASP A 147 10.55 -13.35 29.32
N ASN A 148 9.32 -13.50 28.88
CA ASN A 148 8.66 -14.77 29.01
C ASN A 148 9.06 -15.77 27.90
N VAL A 149 10.12 -15.45 27.16
CA VAL A 149 10.54 -16.35 26.11
C VAL A 149 11.93 -16.89 26.34
N SER A 150 12.00 -18.22 26.39
CA SER A 150 13.26 -18.89 26.61
C SER A 150 14.23 -18.57 25.50
N ALA A 151 15.51 -18.68 25.83
CA ALA A 151 16.55 -18.44 24.86
C ALA A 151 16.48 -19.53 23.79
N ASP A 152 15.93 -20.69 24.12
CA ASP A 152 15.81 -21.78 23.14
C ASP A 152 14.71 -21.51 22.13
N VAL A 153 13.58 -21.08 22.65
CA VAL A 153 12.46 -20.78 21.78
C VAL A 153 12.87 -19.63 20.85
N ALA A 154 13.46 -18.56 21.38
CA ALA A 154 13.87 -17.49 20.51
C ALA A 154 14.76 -18.03 19.38
N ALA A 155 15.83 -18.74 19.73
CA ALA A 155 16.71 -19.29 18.73
C ALA A 155 15.96 -20.04 17.63
N ALA A 156 14.96 -20.84 18.05
CA ALA A 156 14.10 -21.61 17.12
C ALA A 156 13.42 -20.69 16.07
N SER A 157 12.88 -19.59 16.57
CA SER A 157 12.21 -18.59 15.77
C SER A 157 13.01 -17.79 14.75
N THR A 158 14.31 -17.65 14.93
CA THR A 158 15.12 -16.85 14.00
C THR A 158 15.11 -17.25 12.53
N ASP A 159 14.71 -18.47 12.23
CA ASP A 159 14.61 -18.90 10.86
C ASP A 159 13.27 -19.62 10.75
N ALA A 160 13.13 -20.68 11.53
CA ALA A 160 11.93 -21.48 11.45
C ALA A 160 10.60 -20.75 11.44
N VAL A 161 10.51 -19.69 12.24
CA VAL A 161 9.29 -18.92 12.33
C VAL A 161 9.49 -17.63 11.52
N LEU A 162 10.59 -16.90 11.72
CA LEU A 162 10.85 -15.68 10.95
C LEU A 162 10.65 -15.86 9.45
N THR A 163 11.27 -16.86 8.83
CA THR A 163 11.10 -16.98 7.39
C THR A 163 9.67 -16.98 6.93
N PRO A 164 8.81 -17.89 7.47
CA PRO A 164 7.41 -17.93 7.08
C PRO A 164 6.62 -16.66 7.41
N TYR A 165 6.87 -16.07 8.58
CA TYR A 165 6.20 -14.83 8.97
C TYR A 165 6.51 -13.79 7.94
N HIS A 166 7.76 -13.66 7.56
CA HIS A 166 8.10 -12.65 6.59
C HIS A 166 7.31 -12.79 5.34
N ALA A 167 7.21 -14.03 4.84
CA ALA A 167 6.49 -14.35 3.61
C ALA A 167 4.98 -14.12 3.68
N ILE A 168 4.37 -14.54 4.78
CA ILE A 168 2.95 -14.32 4.98
C ILE A 168 2.67 -12.85 5.14
N LYS A 169 3.53 -12.10 5.77
CA LYS A 169 3.29 -10.67 5.90
C LYS A 169 3.37 -10.06 4.51
N MET A 170 4.36 -10.51 3.73
CA MET A 170 4.55 -10.02 2.36
C MET A 170 3.28 -10.23 1.57
N ALA A 171 2.56 -11.32 1.82
CA ALA A 171 1.33 -11.65 1.09
C ALA A 171 0.09 -10.89 1.56
N GLN A 172 0.25 -10.19 2.66
CA GLN A 172 -0.79 -9.40 3.28
C GLN A 172 -2.00 -10.20 3.60
N VAL A 173 -1.78 -11.35 4.22
CA VAL A 173 -2.83 -12.24 4.66
C VAL A 173 -3.66 -11.53 5.74
N SER A 174 -4.98 -11.66 5.64
CA SER A 174 -5.89 -11.02 6.59
C SER A 174 -6.88 -12.05 7.08
N PRO A 175 -7.85 -11.66 7.91
CA PRO A 175 -8.82 -12.65 8.40
C PRO A 175 -9.85 -13.13 7.34
N THR A 176 -9.89 -12.40 6.22
CA THR A 176 -10.79 -12.73 5.14
C THR A 176 -10.04 -13.52 4.10
N SER A 177 -8.74 -13.72 4.33
CA SER A 177 -7.91 -14.51 3.43
C SER A 177 -8.33 -15.99 3.39
N ASN A 178 -8.00 -16.65 2.29
CA ASN A 178 -8.26 -18.06 2.11
C ASN A 178 -7.01 -18.55 1.41
N ILE A 179 -6.09 -19.06 2.19
CA ILE A 179 -4.82 -19.51 1.63
C ILE A 179 -4.65 -20.99 1.53
N LEU A 180 -3.67 -21.34 0.70
CA LEU A 180 -3.29 -22.71 0.42
C LEU A 180 -1.83 -22.89 0.80
N LEU A 181 -1.51 -23.94 1.55
CA LEU A 181 -0.13 -24.20 1.94
C LEU A 181 0.24 -25.57 1.43
N ILE A 182 1.34 -25.66 0.70
CA ILE A 182 1.79 -26.94 0.17
C ILE A 182 3.10 -27.38 0.88
N GLY A 183 3.03 -28.37 1.77
CA GLY A 183 4.21 -28.81 2.47
C GLY A 183 4.26 -28.35 3.92
N ALA A 184 3.56 -29.10 4.80
CA ALA A 184 3.50 -28.79 6.25
C ALA A 184 4.63 -29.39 7.11
N GLY A 185 5.65 -29.97 6.47
CA GLY A 185 6.75 -30.52 7.23
C GLY A 185 7.81 -29.48 7.52
N GLY A 186 8.55 -29.10 6.45
CA GLY A 186 9.64 -28.14 6.52
C GLY A 186 9.25 -26.69 6.75
N LEU A 187 9.50 -26.21 7.98
CA LEU A 187 9.19 -24.84 8.44
C LEU A 187 7.66 -24.67 8.33
N GLY A 188 7.11 -25.24 7.24
CA GLY A 188 5.69 -25.23 6.93
C GLY A 188 4.79 -25.51 8.13
N GLY A 189 5.37 -26.03 9.23
CA GLY A 189 4.58 -26.32 10.45
C GLY A 189 4.21 -25.01 11.13
N ASN A 190 5.22 -24.17 11.33
CA ASN A 190 5.03 -22.88 11.95
C ASN A 190 4.24 -22.00 11.05
N ALA A 191 4.35 -22.22 9.77
CA ALA A 191 3.61 -21.42 8.81
C ALA A 191 2.12 -21.43 9.16
N ILE A 192 1.62 -22.62 9.44
CA ILE A 192 0.22 -22.75 9.75
C ILE A 192 -0.20 -21.89 10.93
N GLN A 193 0.60 -21.87 11.98
CA GLN A 193 0.26 -21.09 13.16
C GLN A 193 0.30 -19.63 12.93
N VAL A 194 1.25 -19.23 12.11
CA VAL A 194 1.46 -17.87 11.75
C VAL A 194 0.32 -17.40 10.91
N ALA A 195 -0.09 -18.23 9.93
CA ALA A 195 -1.22 -17.86 9.07
C ALA A 195 -2.50 -17.65 9.94
N LYS A 196 -2.74 -18.59 10.85
CA LYS A 196 -3.89 -18.54 11.72
C LYS A 196 -3.81 -17.33 12.58
N ALA A 197 -2.63 -16.94 13.01
CA ALA A 197 -2.50 -15.76 13.86
C ALA A 197 -2.98 -14.51 13.18
N PHE A 198 -3.01 -14.54 11.84
CA PHE A 198 -3.46 -13.41 11.04
C PHE A 198 -4.96 -13.51 10.85
N GLY A 199 -5.50 -14.69 11.20
CA GLY A 199 -6.93 -14.96 11.12
C GLY A 199 -7.44 -15.57 9.83
N ALA A 200 -6.51 -16.06 9.03
CA ALA A 200 -6.79 -16.63 7.73
C ALA A 200 -7.38 -17.97 7.78
N LYS A 201 -7.97 -18.38 6.66
CA LYS A 201 -8.56 -19.71 6.52
C LYS A 201 -7.52 -20.42 5.72
N VAL A 202 -6.90 -21.36 6.39
CA VAL A 202 -5.80 -22.13 5.87
C VAL A 202 -6.12 -23.51 5.34
N THR A 203 -5.80 -23.75 4.08
CA THR A 203 -6.02 -25.08 3.49
C THR A 203 -4.63 -25.64 3.22
N VAL A 204 -4.30 -26.75 3.87
CA VAL A 204 -2.98 -27.44 3.71
C VAL A 204 -3.04 -28.65 2.77
N LEU A 205 -1.93 -28.83 2.06
CA LEU A 205 -1.79 -29.90 1.09
C LEU A 205 -0.44 -30.56 1.32
N ASP A 206 -0.44 -31.85 1.66
CA ASP A 206 0.79 -32.59 1.88
C ASP A 206 0.65 -34.06 1.48
N LYS A 207 1.75 -34.68 1.06
CA LYS A 207 1.73 -36.09 0.64
C LYS A 207 1.81 -37.01 1.84
N LYS A 208 2.79 -36.73 2.70
CA LYS A 208 3.00 -37.52 3.91
C LYS A 208 1.83 -37.46 4.90
N LYS A 209 1.47 -38.60 5.47
CA LYS A 209 0.35 -38.62 6.41
C LYS A 209 0.63 -37.91 7.73
N GLU A 210 1.86 -37.97 8.25
CA GLU A 210 2.17 -37.30 9.53
C GLU A 210 1.99 -35.80 9.37
N ALA A 211 2.62 -35.30 8.32
CA ALA A 211 2.57 -33.89 7.99
C ALA A 211 1.14 -33.40 8.03
N ARG A 212 0.22 -34.18 7.48
CA ARG A 212 -1.18 -33.81 7.47
C ARG A 212 -1.82 -33.83 8.87
N ASP A 213 -1.48 -34.86 9.65
CA ASP A 213 -2.03 -34.99 10.99
C ASP A 213 -1.58 -33.81 11.79
N GLN A 214 -0.30 -33.51 11.69
CA GLN A 214 0.26 -32.38 12.40
C GLN A 214 -0.56 -31.14 12.10
N ALA A 215 -0.77 -30.89 10.81
CA ALA A 215 -1.49 -29.73 10.32
C ALA A 215 -2.85 -29.59 10.97
N LYS A 216 -3.54 -30.73 11.09
CA LYS A 216 -4.85 -30.75 11.69
C LYS A 216 -4.73 -30.21 13.11
N LYS A 217 -3.89 -30.86 13.89
CA LYS A 217 -3.64 -30.49 15.29
C LYS A 217 -3.23 -29.04 15.44
N LEU A 218 -2.53 -28.51 14.44
CA LEU A 218 -2.03 -27.13 14.45
C LEU A 218 -3.03 -26.03 14.13
N GLY A 219 -4.24 -26.44 13.70
CA GLY A 219 -5.30 -25.50 13.39
C GLY A 219 -5.68 -25.28 11.94
N ALA A 220 -5.20 -26.17 11.07
CA ALA A 220 -5.46 -26.03 9.65
C ALA A 220 -6.94 -26.19 9.46
N ASP A 221 -7.50 -25.39 8.59
CA ASP A 221 -8.91 -25.46 8.37
C ASP A 221 -9.25 -26.70 7.55
N ALA A 222 -8.47 -27.02 6.54
CA ALA A 222 -8.74 -28.22 5.73
C ALA A 222 -7.41 -28.82 5.43
N VAL A 223 -7.35 -30.13 5.35
CA VAL A 223 -6.09 -30.81 5.06
C VAL A 223 -6.36 -31.91 4.02
N TYR A 224 -5.54 -31.95 2.96
CA TYR A 224 -5.76 -32.94 1.90
C TYR A 224 -4.48 -33.55 1.40
N GLU A 225 -4.62 -34.76 0.87
CA GLU A 225 -3.51 -35.53 0.29
C GLU A 225 -3.39 -34.92 -1.11
N THR A 226 -4.56 -34.74 -1.74
CA THR A 226 -4.72 -34.16 -3.07
C THR A 226 -5.95 -33.27 -2.99
N LEU A 227 -5.84 -32.10 -3.59
CA LEU A 227 -6.94 -31.20 -3.58
C LEU A 227 -8.11 -31.88 -4.28
N PRO A 228 -9.27 -31.96 -3.61
CA PRO A 228 -10.52 -32.56 -4.07
C PRO A 228 -11.06 -31.84 -5.29
N GLU A 229 -12.00 -32.47 -5.99
CA GLU A 229 -12.57 -31.81 -7.13
C GLU A 229 -13.61 -30.79 -6.69
N SER A 230 -14.13 -30.93 -5.47
CA SER A 230 -15.10 -29.95 -4.96
C SER A 230 -14.48 -28.56 -4.79
N ILE A 231 -13.16 -28.55 -4.48
CA ILE A 231 -12.40 -27.32 -4.30
C ILE A 231 -12.25 -26.75 -5.68
N SER A 232 -12.87 -25.59 -5.86
CA SER A 232 -12.92 -24.85 -7.10
C SER A 232 -11.60 -24.16 -7.50
N PRO A 233 -11.22 -24.20 -8.80
CA PRO A 233 -9.98 -23.55 -9.23
C PRO A 233 -9.99 -22.01 -9.08
N GLY A 234 -8.79 -21.40 -9.06
CA GLY A 234 -8.68 -19.95 -8.93
C GLY A 234 -9.56 -19.40 -7.84
N SER A 235 -9.43 -19.97 -6.64
CA SER A 235 -10.21 -19.56 -5.47
C SER A 235 -9.40 -19.19 -4.21
N PHE A 236 -8.09 -19.34 -4.25
CA PHE A 236 -7.28 -19.01 -3.10
C PHE A 236 -6.63 -17.67 -3.28
N SER A 237 -6.62 -16.86 -2.22
CA SER A 237 -6.04 -15.50 -2.27
C SER A 237 -4.53 -15.55 -2.32
N ALA A 238 -3.98 -16.60 -1.74
CA ALA A 238 -2.54 -16.77 -1.74
C ALA A 238 -2.15 -18.24 -1.60
N CYS A 239 -1.14 -18.61 -2.36
CA CYS A 239 -0.61 -19.96 -2.33
C CYS A 239 0.85 -19.98 -1.92
N PHE A 240 1.18 -20.72 -0.86
CA PHE A 240 2.58 -20.82 -0.43
C PHE A 240 3.17 -22.23 -0.74
N ASP A 241 4.02 -22.32 -1.76
CA ASP A 241 4.58 -23.60 -2.11
C ASP A 241 5.86 -23.81 -1.34
N PHE A 242 5.82 -24.71 -0.37
CA PHE A 242 6.98 -24.99 0.44
C PHE A 242 7.82 -26.08 -0.15
N VAL A 243 7.27 -26.74 -1.15
CA VAL A 243 7.94 -27.83 -1.86
C VAL A 243 8.65 -27.18 -3.04
N SER A 244 7.91 -26.40 -3.81
CA SER A 244 8.43 -25.69 -4.97
C SER A 244 9.09 -26.56 -6.04
N VAL A 245 8.26 -27.32 -6.71
CA VAL A 245 8.63 -28.23 -7.78
C VAL A 245 7.67 -27.90 -8.93
N GLN A 246 8.10 -28.06 -10.17
CA GLN A 246 7.17 -27.70 -11.23
C GLN A 246 5.73 -28.15 -10.94
N ALA A 247 5.62 -29.35 -10.40
CA ALA A 247 4.31 -29.90 -10.07
C ALA A 247 3.49 -29.07 -9.14
N THR A 248 4.07 -28.80 -7.99
CA THR A 248 3.43 -28.02 -6.94
C THR A 248 3.15 -26.57 -7.35
N PHE A 249 4.07 -25.98 -8.07
CA PHE A 249 3.86 -24.64 -8.51
C PHE A 249 2.65 -24.62 -9.43
N ASP A 250 2.55 -25.63 -10.28
CA ASP A 250 1.43 -25.72 -11.20
C ASP A 250 0.08 -25.75 -10.50
N VAL A 251 0.06 -26.37 -9.32
CA VAL A 251 -1.11 -26.49 -8.49
C VAL A 251 -1.50 -25.11 -7.99
N CYS A 252 -0.47 -24.34 -7.60
CA CYS A 252 -0.65 -22.99 -7.12
C CYS A 252 -1.25 -22.14 -8.20
N GLN A 253 -0.64 -22.14 -9.38
CA GLN A 253 -1.15 -21.31 -10.46
C GLN A 253 -2.56 -21.72 -10.92
N LYS A 254 -2.91 -22.98 -10.68
CA LYS A 254 -4.22 -23.47 -11.06
C LYS A 254 -5.27 -23.00 -10.06
N TYR A 255 -4.93 -23.10 -8.77
CA TYR A 255 -5.83 -22.77 -7.69
C TYR A 255 -5.82 -21.36 -7.08
N VAL A 256 -4.83 -20.55 -7.44
CA VAL A 256 -4.77 -19.18 -6.94
C VAL A 256 -5.81 -18.39 -7.72
N GLU A 257 -6.46 -17.43 -7.05
CA GLU A 257 -7.49 -16.65 -7.72
C GLU A 257 -6.95 -15.47 -8.50
N PRO A 258 -7.80 -14.78 -9.26
CA PRO A 258 -7.29 -13.64 -10.01
C PRO A 258 -6.69 -12.62 -9.04
N LYS A 259 -5.62 -11.99 -9.50
CA LYS A 259 -4.89 -11.00 -8.72
C LYS A 259 -4.26 -11.60 -7.44
N GLY A 260 -4.28 -12.95 -7.33
CA GLY A 260 -3.71 -13.65 -6.20
C GLY A 260 -2.19 -13.67 -6.13
N VAL A 261 -1.67 -14.38 -5.14
CA VAL A 261 -0.23 -14.45 -4.90
C VAL A 261 0.25 -15.87 -4.85
N ILE A 262 1.32 -16.18 -5.58
CA ILE A 262 1.92 -17.50 -5.54
C ILE A 262 3.30 -17.26 -4.94
N MET A 263 3.61 -17.91 -3.84
CA MET A 263 4.90 -17.69 -3.21
C MET A 263 5.69 -18.94 -3.07
N PRO A 264 6.63 -19.15 -3.99
CA PRO A 264 7.54 -20.29 -4.09
C PRO A 264 8.58 -20.20 -2.99
N VAL A 265 8.22 -20.72 -1.83
CA VAL A 265 9.12 -20.63 -0.72
C VAL A 265 9.79 -21.93 -0.34
N GLY A 266 10.00 -22.78 -1.33
CA GLY A 266 10.62 -24.06 -1.10
C GLY A 266 11.91 -24.07 -1.87
N LEU A 267 12.62 -25.19 -1.83
CA LEU A 267 13.89 -25.27 -2.54
C LEU A 267 13.92 -26.48 -3.48
N GLY A 268 12.73 -26.98 -3.82
CA GLY A 268 12.61 -28.17 -4.64
C GLY A 268 13.01 -28.26 -6.11
N ALA A 269 13.36 -27.13 -6.71
CA ALA A 269 13.74 -27.11 -8.11
C ALA A 269 14.53 -25.83 -8.29
N PRO A 270 15.54 -25.82 -9.16
CA PRO A 270 16.32 -24.61 -9.35
C PRO A 270 15.60 -23.55 -10.19
N ASN A 271 14.69 -24.02 -11.03
CA ASN A 271 13.87 -23.17 -11.91
C ASN A 271 12.45 -23.65 -11.89
N LEU A 272 11.52 -22.75 -12.17
CA LEU A 272 10.12 -23.15 -12.20
C LEU A 272 9.60 -22.34 -13.33
N SER A 273 8.59 -22.88 -14.00
CA SER A 273 8.01 -22.17 -15.11
C SER A 273 6.54 -21.88 -14.80
N PHE A 274 6.04 -20.83 -15.39
CA PHE A 274 4.67 -20.50 -15.19
C PHE A 274 4.06 -20.33 -16.58
N ASN A 275 2.74 -20.39 -16.66
CA ASN A 275 2.07 -20.23 -17.92
C ASN A 275 1.83 -18.73 -18.14
N LEU A 276 2.57 -18.09 -19.06
CA LEU A 276 2.42 -16.65 -19.34
C LEU A 276 0.98 -16.18 -19.58
N GLY A 277 0.28 -16.84 -20.48
CA GLY A 277 -1.08 -16.42 -20.72
C GLY A 277 -1.94 -16.37 -19.48
N ASP A 278 -1.90 -17.41 -18.65
CA ASP A 278 -2.73 -17.41 -17.44
C ASP A 278 -2.32 -16.34 -16.43
N LEU A 279 -1.01 -16.27 -16.16
CA LEU A 279 -0.45 -15.28 -15.22
C LEU A 279 -0.83 -13.84 -15.58
N ALA A 280 -0.76 -13.57 -16.88
CA ALA A 280 -1.08 -12.28 -17.38
C ALA A 280 -2.57 -12.02 -17.38
N LEU A 281 -3.32 -12.88 -18.04
CA LEU A 281 -4.77 -12.68 -18.10
C LEU A 281 -5.49 -12.57 -16.75
N ARG A 282 -4.93 -13.18 -15.72
CA ARG A 282 -5.57 -13.16 -14.40
C ARG A 282 -4.79 -12.36 -13.34
N GLU A 283 -3.83 -11.55 -13.82
CA GLU A 283 -2.98 -10.68 -13.01
C GLU A 283 -2.34 -11.32 -11.79
N ILE A 284 -2.03 -12.61 -11.90
CA ILE A 284 -1.37 -13.38 -10.86
C ILE A 284 0.01 -12.77 -10.55
N ARG A 285 0.36 -12.73 -9.27
CA ARG A 285 1.63 -12.16 -8.84
C ARG A 285 2.49 -13.23 -8.20
N ILE A 286 3.74 -13.36 -8.61
CA ILE A 286 4.65 -14.33 -8.05
C ILE A 286 5.65 -13.50 -7.24
N LEU A 287 5.62 -13.60 -5.92
CA LEU A 287 6.52 -12.80 -5.10
C LEU A 287 7.55 -13.63 -4.43
N GLY A 288 8.80 -13.25 -4.57
CA GLY A 288 9.86 -14.03 -3.94
C GLY A 288 10.16 -13.44 -2.60
N SER A 289 10.33 -14.27 -1.59
CA SER A 289 10.65 -13.75 -0.29
C SER A 289 11.81 -14.55 0.23
N PHE A 290 12.56 -13.96 1.16
CA PHE A 290 13.75 -14.60 1.71
C PHE A 290 14.03 -14.29 3.19
N TRP A 291 13.97 -15.32 4.03
CA TRP A 291 14.21 -15.11 5.45
C TRP A 291 13.35 -13.97 5.99
N GLY A 292 13.96 -13.02 6.72
CA GLY A 292 13.20 -11.93 7.30
C GLY A 292 13.96 -10.66 7.62
N THR A 293 13.23 -9.57 7.95
CA THR A 293 13.92 -8.33 8.29
C THR A 293 14.12 -8.28 9.79
N THR A 294 14.85 -7.27 10.25
CA THR A 294 15.11 -7.10 11.66
C THR A 294 13.75 -6.82 12.30
N ASN A 295 12.96 -5.91 11.70
CA ASN A 295 11.63 -5.64 12.24
C ASN A 295 10.76 -6.88 12.29
N ASP A 296 10.81 -7.69 11.25
CA ASP A 296 10.05 -8.93 11.24
C ASP A 296 10.32 -9.74 12.50
N LEU A 297 11.60 -9.97 12.81
CA LEU A 297 11.95 -10.75 14.01
C LEU A 297 11.30 -10.12 15.27
N ASP A 298 11.22 -8.78 15.34
CA ASP A 298 10.59 -8.07 16.44
C ASP A 298 9.16 -8.60 16.54
N ASP A 299 8.45 -8.56 15.41
CA ASP A 299 7.07 -9.03 15.31
C ASP A 299 7.02 -10.52 15.70
N VAL A 300 7.96 -11.31 15.18
CA VAL A 300 7.96 -12.74 15.47
C VAL A 300 8.08 -13.05 16.96
N LEU A 301 8.88 -12.29 17.70
CA LEU A 301 8.99 -12.56 19.11
C LEU A 301 7.73 -12.05 19.83
N LYS A 302 7.15 -10.94 19.39
CA LYS A 302 5.91 -10.44 20.01
C LYS A 302 4.87 -11.58 19.83
N LEU A 303 4.88 -12.24 18.68
CA LEU A 303 3.91 -13.32 18.49
C LEU A 303 4.18 -14.61 19.29
N VAL A 304 5.46 -14.95 19.47
CA VAL A 304 5.81 -16.16 20.18
C VAL A 304 5.56 -15.92 21.65
N SER A 305 5.88 -14.70 22.10
CA SER A 305 5.69 -14.27 23.50
C SER A 305 4.21 -14.25 23.79
N GLU A 306 3.41 -13.78 22.83
CA GLU A 306 1.95 -13.75 22.99
C GLU A 306 1.30 -15.14 22.87
N GLY A 307 2.10 -16.17 22.63
CA GLY A 307 1.61 -17.53 22.54
C GLY A 307 0.83 -17.84 21.28
N LYS A 308 0.92 -16.98 20.26
CA LYS A 308 0.18 -17.20 19.01
C LYS A 308 0.92 -18.23 18.13
N VAL A 309 2.20 -18.40 18.43
CA VAL A 309 3.04 -19.37 17.74
C VAL A 309 3.94 -20.03 18.79
N LYS A 310 3.94 -21.34 18.80
CA LYS A 310 4.74 -22.04 19.75
C LYS A 310 5.62 -22.95 18.95
N PRO A 311 6.89 -22.60 18.83
CA PRO A 311 7.71 -23.52 18.03
C PRO A 311 8.18 -24.73 18.83
N VAL A 312 8.41 -25.82 18.11
CA VAL A 312 8.85 -27.10 18.72
C VAL A 312 10.36 -27.35 18.74
N VAL A 313 11.00 -27.19 19.90
CA VAL A 313 12.44 -27.42 19.96
C VAL A 313 12.92 -28.24 21.14
N ARG A 314 14.02 -28.98 20.92
CA ARG A 314 14.66 -29.82 21.95
C ARG A 314 16.11 -29.37 22.14
N SER A 315 16.50 -29.17 23.41
CA SER A 315 17.86 -28.71 23.80
C SER A 315 18.96 -29.73 23.62
N ALA A 316 20.20 -29.29 23.82
CA ALA A 316 21.35 -30.17 23.71
C ALA A 316 22.63 -29.40 24.01
N LYS A 317 23.56 -30.05 24.70
CA LYS A 317 24.82 -29.41 25.02
C LYS A 317 25.44 -29.10 23.64
N LEU A 318 25.96 -27.89 23.44
CA LEU A 318 26.51 -27.53 22.14
C LEU A 318 27.46 -28.57 21.56
N LYS A 319 28.40 -29.06 22.38
CA LYS A 319 29.38 -30.04 21.94
C LYS A 319 28.74 -31.28 21.31
N GLU A 320 27.43 -31.45 21.52
CA GLU A 320 26.66 -32.60 20.96
C GLU A 320 26.26 -32.37 19.51
N LEU A 321 26.58 -31.18 19.01
CA LEU A 321 26.23 -30.81 17.64
C LEU A 321 26.57 -31.84 16.56
N PRO A 322 27.82 -32.23 16.45
CA PRO A 322 28.26 -33.18 15.43
C PRO A 322 27.34 -34.31 15.15
N GLU A 323 26.81 -34.92 16.21
CA GLU A 323 25.90 -36.08 16.06
C GLU A 323 24.54 -35.69 15.51
N TYR A 324 23.99 -34.57 15.99
CA TYR A 324 22.70 -34.10 15.50
C TYR A 324 22.77 -33.77 14.03
N ILE A 325 23.94 -33.34 13.58
CA ILE A 325 24.10 -33.02 12.18
C ILE A 325 24.11 -34.28 11.34
N GLU A 326 24.61 -35.40 11.88
CA GLU A 326 24.62 -36.67 11.13
C GLU A 326 23.21 -37.24 11.11
N LYS A 327 22.48 -37.01 12.19
CA LYS A 327 21.11 -37.48 12.26
C LYS A 327 20.32 -36.73 11.21
N LEU A 328 20.32 -35.39 11.28
CA LEU A 328 19.60 -34.58 10.32
C LEU A 328 20.07 -34.80 8.88
N ARG A 329 21.34 -35.14 8.70
CA ARG A 329 21.89 -35.37 7.36
C ARG A 329 21.14 -36.46 6.61
N ASN A 330 20.60 -37.41 7.38
CA ASN A 330 19.85 -38.54 6.87
C ASN A 330 18.40 -38.35 7.31
N ASN A 331 18.03 -37.08 7.45
CA ASN A 331 16.69 -36.69 7.89
C ASN A 331 16.12 -37.61 8.93
N ALA A 332 16.99 -38.00 9.86
CA ALA A 332 16.64 -38.87 10.98
C ALA A 332 15.94 -38.12 12.15
N TYR A 333 15.85 -36.78 12.05
CA TYR A 333 15.21 -35.91 13.06
C TYR A 333 14.52 -34.75 12.35
N GLU A 334 13.34 -34.39 12.81
CA GLU A 334 12.60 -33.33 12.14
C GLU A 334 11.86 -32.39 13.11
N GLY A 335 12.47 -32.18 14.26
CA GLY A 335 11.92 -31.28 15.25
C GLY A 335 13.11 -30.41 15.57
N ARG A 336 13.04 -29.15 15.17
CA ARG A 336 14.13 -28.22 15.42
C ARG A 336 14.97 -28.60 16.67
N VAL A 337 16.28 -28.48 16.59
CA VAL A 337 17.15 -28.78 17.73
C VAL A 337 17.95 -27.55 18.08
N VAL A 338 17.82 -27.01 19.27
CA VAL A 338 18.64 -25.84 19.59
C VAL A 338 19.83 -26.37 20.44
N PHE A 339 20.93 -25.65 20.48
CA PHE A 339 22.05 -26.11 21.27
C PHE A 339 22.44 -25.05 22.18
N ASN A 340 22.80 -25.46 23.39
CA ASN A 340 23.24 -24.53 24.43
C ASN A 340 24.76 -24.63 24.50
N PRO A 341 25.48 -23.50 24.30
CA PRO A 341 26.93 -23.64 24.36
C PRO A 341 27.39 -23.49 25.80
N SER B 7 -33.24 10.60 -34.37
CA SER B 7 -33.68 9.67 -35.49
C SER B 7 -32.84 8.38 -35.51
N ILE B 8 -33.12 7.50 -34.55
CA ILE B 8 -32.43 6.22 -34.38
C ILE B 8 -33.03 5.10 -35.24
N PRO B 9 -32.28 4.58 -36.23
CA PRO B 9 -32.85 3.50 -37.05
C PRO B 9 -33.19 2.25 -36.24
N SER B 10 -33.63 1.21 -36.94
CA SER B 10 -33.97 -0.06 -36.27
C SER B 10 -33.27 -1.23 -36.97
N SER B 11 -32.49 -0.88 -37.99
CA SER B 11 -31.71 -1.81 -38.75
C SER B 11 -30.34 -1.09 -38.87
N GLN B 12 -29.26 -1.86 -38.96
CA GLN B 12 -27.93 -1.29 -39.07
C GLN B 12 -26.94 -2.28 -39.68
N TYR B 13 -25.77 -1.81 -40.11
CA TYR B 13 -24.73 -2.67 -40.71
C TYR B 13 -23.62 -2.92 -39.70
N GLY B 14 -22.88 -3.99 -39.88
CA GLY B 14 -21.80 -4.29 -38.95
C GLY B 14 -21.10 -5.59 -39.29
N PHE B 15 -19.95 -5.86 -38.68
CA PHE B 15 -19.25 -7.08 -38.98
C PHE B 15 -19.35 -8.04 -37.80
N VAL B 16 -20.04 -9.13 -38.03
CA VAL B 16 -20.24 -10.19 -37.04
C VAL B 16 -19.15 -11.24 -37.22
N PHE B 17 -18.90 -11.98 -36.16
CA PHE B 17 -17.92 -13.02 -36.24
C PHE B 17 -18.58 -14.33 -35.89
N ASN B 18 -18.38 -15.30 -36.76
CA ASN B 18 -18.95 -16.62 -36.54
C ASN B 18 -17.80 -17.60 -36.73
N LYS B 19 -17.69 -18.58 -35.84
CA LYS B 19 -16.60 -19.54 -35.91
C LYS B 19 -16.57 -20.31 -37.24
N GLN B 20 -17.74 -20.42 -37.86
CA GLN B 20 -17.95 -21.10 -39.14
C GLN B 20 -17.56 -20.22 -40.35
N SER B 21 -18.18 -19.03 -40.46
CA SER B 21 -17.94 -18.10 -41.57
C SER B 21 -16.91 -16.98 -41.40
N GLY B 22 -16.21 -16.92 -40.25
CA GLY B 22 -15.23 -15.87 -39.99
C GLY B 22 -15.91 -14.53 -39.75
N LEU B 23 -15.23 -13.44 -40.06
CA LEU B 23 -15.87 -12.13 -39.87
C LEU B 23 -16.53 -11.74 -41.21
N LYS B 24 -17.84 -11.54 -41.21
CA LYS B 24 -18.54 -11.18 -42.46
C LYS B 24 -19.48 -10.00 -42.27
N LEU B 25 -19.47 -9.07 -43.22
CA LEU B 25 -20.34 -7.89 -43.15
C LEU B 25 -21.83 -8.25 -43.22
N ARG B 26 -22.67 -7.49 -42.52
CA ARG B 26 -24.11 -7.75 -42.51
C ARG B 26 -24.92 -6.49 -42.42
N ASN B 27 -25.90 -6.36 -43.33
CA ASN B 27 -26.77 -5.18 -43.43
C ASN B 27 -28.11 -5.32 -42.74
N ASP B 28 -28.31 -6.47 -42.13
CA ASP B 28 -29.57 -6.80 -41.45
C ASP B 28 -29.47 -6.81 -39.94
N LEU B 29 -28.47 -6.14 -39.36
CA LEU B 29 -28.31 -6.12 -37.90
C LEU B 29 -29.33 -5.27 -37.15
N PRO B 30 -29.86 -5.83 -36.06
CA PRO B 30 -30.84 -5.13 -35.25
C PRO B 30 -30.22 -3.88 -34.60
N VAL B 31 -31.07 -3.05 -33.96
CA VAL B 31 -30.62 -1.85 -33.24
C VAL B 31 -31.32 -1.83 -31.87
N HIS B 32 -30.99 -2.79 -31.00
CA HIS B 32 -31.62 -2.94 -29.70
C HIS B 32 -31.99 -1.64 -29.03
N LYS B 33 -33.19 -1.58 -28.48
CA LYS B 33 -33.55 -0.40 -27.74
C LYS B 33 -33.17 -0.69 -26.30
N PRO B 34 -32.68 0.32 -25.59
CA PRO B 34 -32.25 0.20 -24.21
C PRO B 34 -33.27 -0.23 -23.18
N LYS B 35 -33.11 -1.44 -22.62
CA LYS B 35 -33.98 -1.86 -21.53
C LYS B 35 -33.54 -0.82 -20.48
N ALA B 36 -34.30 -0.58 -19.42
CA ALA B 36 -33.88 0.44 -18.45
C ALA B 36 -32.53 0.06 -17.86
N GLY B 37 -31.72 1.06 -17.52
CA GLY B 37 -30.40 0.73 -17.00
C GLY B 37 -29.37 0.57 -18.13
N GLN B 38 -29.82 0.16 -19.32
CA GLN B 38 -28.95 0.01 -20.47
C GLN B 38 -28.83 1.34 -21.20
N LEU B 39 -28.07 1.35 -22.28
CA LEU B 39 -27.83 2.56 -23.04
C LEU B 39 -27.39 2.19 -24.44
N LEU B 40 -27.73 3.03 -25.42
CA LEU B 40 -27.37 2.77 -26.82
C LEU B 40 -26.28 3.74 -27.24
N LEU B 41 -25.20 3.19 -27.79
CA LEU B 41 -24.07 4.00 -28.20
C LEU B 41 -23.90 4.07 -29.67
N LYS B 42 -23.87 5.27 -30.24
CA LYS B 42 -23.63 5.38 -31.66
C LYS B 42 -22.12 5.36 -31.79
N VAL B 43 -21.57 4.32 -32.42
CA VAL B 43 -20.14 4.18 -32.61
C VAL B 43 -19.57 5.28 -33.52
N ASP B 44 -18.49 5.91 -33.06
CA ASP B 44 -17.83 6.99 -33.80
C ASP B 44 -16.50 6.52 -34.34
N ALA B 45 -15.79 5.74 -33.55
CA ALA B 45 -14.50 5.23 -33.98
C ALA B 45 -14.19 3.87 -33.30
N VAL B 46 -13.72 2.90 -34.07
CA VAL B 46 -13.42 1.65 -33.45
C VAL B 46 -12.08 1.14 -33.96
N GLY B 47 -11.14 0.93 -33.06
CA GLY B 47 -9.85 0.48 -33.48
C GLY B 47 -9.72 -0.99 -33.74
N LEU B 48 -8.55 -1.29 -34.30
CA LEU B 48 -8.19 -2.64 -34.68
C LEU B 48 -6.79 -2.91 -34.24
N CYS B 49 -6.61 -4.02 -33.55
CA CYS B 49 -5.29 -4.42 -33.09
C CYS B 49 -5.07 -5.91 -33.26
N HIS B 50 -3.82 -6.34 -33.06
CA HIS B 50 -3.48 -7.75 -33.22
C HIS B 50 -4.45 -8.66 -32.52
N SER B 51 -4.88 -8.32 -31.31
CA SER B 51 -5.82 -9.18 -30.58
C SER B 51 -6.91 -9.68 -31.52
N ASP B 52 -7.59 -8.74 -32.19
CA ASP B 52 -8.69 -9.08 -33.09
C ASP B 52 -8.32 -10.21 -34.06
N LEU B 53 -7.07 -10.20 -34.55
CA LEU B 53 -6.57 -11.24 -35.47
C LEU B 53 -6.47 -12.63 -34.83
N ALA B 54 -6.15 -12.71 -33.54
CA ALA B 54 -6.05 -14.00 -32.90
C ALA B 54 -7.44 -14.58 -32.83
N VAL B 55 -8.47 -13.75 -32.71
CA VAL B 55 -9.84 -14.26 -32.65
C VAL B 55 -10.29 -14.92 -33.98
N ILE B 56 -9.93 -14.27 -35.08
CA ILE B 56 -10.25 -14.66 -36.46
C ILE B 56 -9.36 -15.73 -37.10
N TYR B 57 -8.04 -15.57 -37.00
CA TYR B 57 -7.17 -16.53 -37.60
C TYR B 57 -6.61 -17.45 -36.54
N GLU B 58 -5.70 -16.95 -35.72
CA GLU B 58 -5.10 -17.77 -34.67
C GLU B 58 -6.00 -18.57 -33.71
N GLY B 59 -7.30 -18.61 -33.96
CA GLY B 59 -8.21 -19.37 -33.09
C GLY B 59 -8.25 -19.13 -31.58
N LEU B 60 -8.52 -17.89 -31.17
CA LEU B 60 -8.63 -17.56 -29.76
C LEU B 60 -10.13 -17.63 -29.53
N ASP B 61 -10.52 -18.48 -28.58
CA ASP B 61 -11.93 -18.69 -28.30
C ASP B 61 -12.55 -17.68 -27.34
N CYS B 62 -13.48 -16.89 -27.86
CA CYS B 62 -14.12 -15.90 -27.03
C CYS B 62 -15.60 -16.09 -27.12
N GLY B 63 -15.96 -17.09 -27.90
CA GLY B 63 -17.36 -17.39 -28.08
C GLY B 63 -17.75 -17.22 -29.54
N ASP B 64 -19.06 -17.04 -29.76
CA ASP B 64 -19.63 -16.91 -31.10
C ASP B 64 -20.71 -15.87 -31.30
N ASN B 65 -20.70 -15.33 -32.52
CA ASN B 65 -21.68 -14.35 -32.97
C ASN B 65 -21.75 -13.04 -32.23
N TYR B 66 -20.76 -12.21 -32.49
CA TYR B 66 -20.68 -10.92 -31.88
C TYR B 66 -20.07 -9.94 -32.84
N VAL B 67 -20.51 -8.69 -32.78
CA VAL B 67 -19.91 -7.65 -33.60
C VAL B 67 -18.50 -7.62 -32.96
N MET B 68 -17.46 -7.22 -33.68
CA MET B 68 -16.18 -7.23 -33.04
C MET B 68 -15.60 -5.86 -32.81
N GLY B 69 -14.34 -5.84 -32.33
CA GLY B 69 -13.69 -4.58 -32.09
C GLY B 69 -13.96 -4.13 -30.66
N HIS B 70 -12.92 -4.12 -29.88
CA HIS B 70 -13.04 -3.75 -28.50
C HIS B 70 -12.53 -2.32 -28.20
N GLU B 71 -11.78 -1.75 -29.14
CA GLU B 71 -11.27 -0.43 -28.95
C GLU B 71 -12.34 0.49 -29.45
N ILE B 72 -13.32 0.74 -28.59
CA ILE B 72 -14.51 1.52 -28.96
C ILE B 72 -14.70 2.95 -28.39
N ALA B 73 -15.08 3.88 -29.26
CA ALA B 73 -15.39 5.28 -28.87
C ALA B 73 -16.68 5.65 -29.60
N GLY B 74 -17.58 6.37 -28.95
CA GLY B 74 -18.83 6.71 -29.61
C GLY B 74 -19.63 7.77 -28.87
N THR B 75 -20.90 7.94 -29.21
CA THR B 75 -21.72 8.94 -28.54
C THR B 75 -22.99 8.31 -28.06
N VAL B 76 -23.46 8.73 -26.89
CA VAL B 76 -24.69 8.20 -26.33
C VAL B 76 -25.85 8.63 -27.20
N ALA B 77 -26.58 7.65 -27.72
CA ALA B 77 -27.73 7.92 -28.62
C ALA B 77 -29.14 7.78 -27.99
N ALA B 78 -29.27 6.93 -27.01
CA ALA B 78 -30.52 6.71 -26.34
C ALA B 78 -30.19 6.07 -25.02
N VAL B 79 -30.87 6.46 -23.95
CA VAL B 79 -30.57 5.85 -22.69
C VAL B 79 -31.86 5.28 -22.13
N GLY B 80 -31.78 4.08 -21.56
CA GLY B 80 -32.96 3.50 -20.95
C GLY B 80 -33.38 4.37 -19.76
N ASP B 81 -34.53 4.09 -19.17
CA ASP B 81 -34.92 4.91 -18.03
C ASP B 81 -34.01 4.40 -16.96
N ASP B 82 -33.95 5.12 -15.86
CA ASP B 82 -33.09 4.74 -14.74
C ASP B 82 -31.63 5.17 -14.97
N VAL B 83 -31.26 5.46 -16.21
CA VAL B 83 -29.90 5.90 -16.52
C VAL B 83 -29.75 7.40 -16.20
N ILE B 84 -29.09 7.72 -15.10
CA ILE B 84 -28.92 9.11 -14.70
C ILE B 84 -27.50 9.66 -14.83
N ASN B 85 -26.48 8.79 -14.86
CA ASN B 85 -25.12 9.31 -14.98
C ASN B 85 -24.77 9.72 -16.39
N TYR B 86 -25.48 9.17 -17.39
CA TYR B 86 -25.22 9.55 -18.79
C TYR B 86 -26.54 10.07 -19.40
N LYS B 87 -26.43 11.14 -20.20
CA LYS B 87 -27.59 11.74 -20.86
C LYS B 87 -27.32 11.56 -22.33
N VAL B 88 -28.31 11.68 -23.19
CA VAL B 88 -27.99 11.52 -24.60
C VAL B 88 -26.98 12.59 -24.97
N GLY B 89 -26.13 12.28 -25.93
CA GLY B 89 -25.13 13.22 -26.37
C GLY B 89 -23.72 12.98 -25.84
N ASP B 90 -23.64 12.64 -24.55
CA ASP B 90 -22.38 12.38 -23.81
C ASP B 90 -21.46 11.54 -24.69
N ARG B 91 -20.20 11.93 -24.79
CA ARG B 91 -19.27 11.15 -25.61
C ARG B 91 -18.53 10.17 -24.71
N VAL B 92 -18.49 8.90 -25.07
CA VAL B 92 -17.81 7.93 -24.19
C VAL B 92 -16.93 6.91 -24.88
N ALA B 93 -16.08 6.26 -24.07
CA ALA B 93 -15.19 5.21 -24.52
C ALA B 93 -15.53 3.90 -23.77
N CYS B 94 -15.29 2.78 -24.43
CA CYS B 94 -15.61 1.49 -23.84
C CYS B 94 -14.46 0.86 -23.13
N VAL B 95 -14.77 0.44 -21.91
CA VAL B 95 -13.79 -0.22 -21.09
C VAL B 95 -13.94 -1.67 -21.50
N GLY B 96 -13.01 -2.15 -22.31
CA GLY B 96 -12.99 -3.50 -22.84
C GLY B 96 -13.51 -4.69 -22.06
N PRO B 97 -12.89 -5.02 -20.91
CA PRO B 97 -13.31 -6.15 -20.07
C PRO B 97 -14.78 -6.20 -19.72
N ASN B 98 -15.46 -5.06 -19.80
CA ASN B 98 -16.88 -4.94 -19.47
C ASN B 98 -17.20 -5.60 -18.15
N GLY B 99 -16.38 -5.41 -17.14
CA GLY B 99 -16.67 -6.05 -15.87
C GLY B 99 -18.16 -6.09 -15.49
N CYS B 100 -18.55 -7.06 -14.67
CA CYS B 100 -19.95 -7.25 -14.23
C CYS B 100 -20.49 -6.20 -13.25
N GLY B 101 -19.58 -5.47 -12.61
CA GLY B 101 -19.94 -4.41 -11.68
C GLY B 101 -20.66 -4.82 -10.40
N GLY B 102 -20.71 -6.12 -10.13
CA GLY B 102 -21.39 -6.61 -8.95
C GLY B 102 -20.67 -7.67 -8.15
N CYS B 103 -19.49 -8.12 -8.58
CA CYS B 103 -18.75 -9.16 -7.82
C CYS B 103 -17.61 -8.63 -6.97
N LYS B 104 -16.97 -9.50 -6.18
CA LYS B 104 -15.89 -9.02 -5.31
C LYS B 104 -14.78 -8.35 -6.08
N TYR B 105 -14.51 -8.77 -7.30
CA TYR B 105 -13.42 -8.14 -8.06
C TYR B 105 -13.80 -6.73 -8.56
N CYS B 106 -15.00 -6.55 -9.14
CA CYS B 106 -15.38 -5.24 -9.67
C CYS B 106 -15.55 -4.18 -8.60
N ARG B 107 -16.17 -4.60 -7.49
CA ARG B 107 -16.44 -3.76 -6.33
C ARG B 107 -15.12 -3.40 -5.65
N GLY B 108 -14.13 -4.26 -5.88
CA GLY B 108 -12.82 -4.06 -5.33
C GLY B 108 -11.78 -3.39 -6.22
N ALA B 109 -12.21 -2.66 -7.26
CA ALA B 109 -11.29 -1.93 -8.11
C ALA B 109 -10.50 -2.73 -9.17
N ILE B 110 -10.91 -3.96 -9.40
CA ILE B 110 -10.26 -4.74 -10.43
C ILE B 110 -11.29 -5.41 -11.32
N ASP B 111 -12.06 -4.59 -12.00
CA ASP B 111 -13.08 -5.12 -12.89
C ASP B 111 -12.48 -5.79 -14.16
N ASN B 112 -11.18 -5.59 -14.36
CA ASN B 112 -10.55 -6.18 -15.52
C ASN B 112 -10.33 -7.68 -15.32
N VAL B 113 -10.54 -8.19 -14.12
CA VAL B 113 -10.33 -9.62 -13.94
C VAL B 113 -11.59 -10.35 -13.53
N CYS B 114 -12.72 -9.65 -13.66
CA CYS B 114 -14.05 -10.13 -13.34
C CYS B 114 -14.29 -11.52 -13.89
N LYS B 115 -14.53 -12.49 -13.01
CA LYS B 115 -14.76 -13.85 -13.46
C LYS B 115 -16.09 -13.95 -14.22
N ASN B 116 -17.09 -13.18 -13.78
CA ASN B 116 -18.42 -13.18 -14.41
C ASN B 116 -18.48 -12.62 -15.79
N ALA B 117 -17.54 -11.76 -16.16
CA ALA B 117 -17.59 -11.14 -17.48
C ALA B 117 -16.80 -11.86 -18.53
N PHE B 118 -16.29 -13.05 -18.21
CA PHE B 118 -15.52 -13.83 -19.16
C PHE B 118 -16.27 -14.19 -20.48
N GLY B 119 -15.74 -13.75 -21.63
CA GLY B 119 -16.42 -14.01 -22.87
C GLY B 119 -17.64 -13.09 -23.02
N ASP B 120 -17.63 -11.95 -22.31
CA ASP B 120 -18.68 -10.92 -22.41
C ASP B 120 -17.97 -9.55 -22.55
N TRP B 121 -16.72 -9.59 -23.03
CA TRP B 121 -15.90 -8.41 -23.28
C TRP B 121 -16.40 -7.72 -24.56
N PHE B 122 -16.33 -6.40 -24.62
CA PHE B 122 -16.82 -5.75 -25.82
C PHE B 122 -16.06 -6.27 -27.03
N GLY B 123 -16.79 -6.77 -28.02
CA GLY B 123 -16.19 -7.27 -29.24
C GLY B 123 -15.21 -8.44 -29.16
N LEU B 124 -15.42 -9.26 -28.12
CA LEU B 124 -14.63 -10.43 -27.80
C LEU B 124 -15.45 -11.26 -26.83
N GLY B 125 -16.71 -11.46 -27.19
CA GLY B 125 -17.64 -12.23 -26.39
C GLY B 125 -19.00 -11.55 -26.48
N TYR B 126 -19.03 -10.26 -26.20
CA TYR B 126 -20.26 -9.50 -26.30
C TYR B 126 -20.06 -8.67 -27.56
N ASP B 127 -21.11 -7.97 -27.99
CA ASP B 127 -21.02 -7.18 -29.21
C ASP B 127 -20.05 -5.99 -29.11
N GLY B 128 -19.27 -5.80 -30.16
CA GLY B 128 -18.28 -4.73 -30.19
C GLY B 128 -18.69 -3.44 -30.86
N GLY B 129 -17.67 -2.77 -31.42
CA GLY B 129 -17.87 -1.49 -32.06
C GLY B 129 -17.76 -1.51 -33.57
N TYR B 130 -17.69 -2.70 -34.17
CA TYR B 130 -17.65 -2.79 -35.64
C TYR B 130 -19.06 -2.79 -36.20
N GLN B 131 -19.95 -2.04 -35.55
CA GLN B 131 -21.31 -1.92 -36.00
C GLN B 131 -21.54 -0.42 -35.91
N GLN B 132 -22.79 0.03 -35.91
CA GLN B 132 -23.04 1.48 -35.90
C GLN B 132 -23.60 2.01 -34.62
N TYR B 133 -24.32 1.11 -33.95
CA TYR B 133 -25.01 1.38 -32.67
C TYR B 133 -24.91 0.22 -31.72
N LEU B 134 -24.08 0.37 -30.70
CA LEU B 134 -23.82 -0.67 -29.71
C LEU B 134 -24.65 -0.61 -28.47
N LEU B 135 -25.17 -1.75 -28.04
CA LEU B 135 -25.98 -1.78 -26.80
C LEU B 135 -25.11 -1.96 -25.58
N VAL B 136 -24.96 -0.91 -24.77
CA VAL B 136 -24.14 -1.03 -23.56
C VAL B 136 -24.97 -1.54 -22.38
N THR B 137 -24.89 -2.84 -22.14
CA THR B 137 -25.63 -3.49 -21.07
C THR B 137 -25.28 -2.89 -19.72
N ARG B 138 -23.99 -2.64 -19.47
CA ARG B 138 -23.54 -2.07 -18.18
C ARG B 138 -22.79 -0.77 -18.40
N PRO B 139 -23.44 0.37 -18.20
CA PRO B 139 -22.80 1.66 -18.38
C PRO B 139 -21.64 1.96 -17.44
N ARG B 140 -21.45 1.13 -16.43
CA ARG B 140 -20.34 1.37 -15.51
C ARG B 140 -19.07 1.26 -16.34
N ASN B 141 -19.14 0.47 -17.41
CA ASN B 141 -17.95 0.26 -18.21
C ASN B 141 -17.68 1.25 -19.37
N LEU B 142 -18.02 2.51 -19.08
CA LEU B 142 -17.81 3.64 -19.99
C LEU B 142 -16.97 4.73 -19.30
N SER B 143 -16.19 5.44 -20.11
CA SER B 143 -15.33 6.51 -19.63
C SER B 143 -15.65 7.78 -20.40
N ARG B 144 -16.03 8.88 -19.74
CA ARG B 144 -16.37 10.11 -20.50
C ARG B 144 -15.18 10.63 -21.27
N ILE B 145 -15.40 10.91 -22.53
CA ILE B 145 -14.33 11.41 -23.35
C ILE B 145 -14.25 12.90 -23.25
N PRO B 146 -13.07 13.40 -22.85
CA PRO B 146 -12.76 14.83 -22.70
C PRO B 146 -13.08 15.52 -24.01
N ASP B 147 -13.66 16.72 -23.91
CA ASP B 147 -14.05 17.48 -25.10
C ASP B 147 -12.95 17.72 -26.14
N ASN B 148 -11.74 17.94 -25.67
CA ASN B 148 -10.67 18.20 -26.60
C ASN B 148 -10.06 16.93 -27.17
N VAL B 149 -10.75 15.80 -27.01
CA VAL B 149 -10.22 14.56 -27.54
C VAL B 149 -11.13 13.97 -28.58
N SER B 150 -10.55 13.76 -29.76
CA SER B 150 -11.30 13.19 -30.87
C SER B 150 -11.77 11.82 -30.54
N ALA B 151 -12.86 11.43 -31.20
CA ALA B 151 -13.39 10.09 -31.01
C ALA B 151 -12.38 9.04 -31.52
N ASP B 152 -11.52 9.43 -32.45
CA ASP B 152 -10.53 8.52 -32.98
C ASP B 152 -9.42 8.29 -31.98
N VAL B 153 -8.94 9.38 -31.41
CA VAL B 153 -7.87 9.26 -30.44
C VAL B 153 -8.36 8.44 -29.25
N ALA B 154 -9.58 8.69 -28.79
CA ALA B 154 -10.11 7.93 -27.69
C ALA B 154 -10.07 6.45 -28.03
N ALA B 155 -10.69 6.09 -29.14
CA ALA B 155 -10.72 4.67 -29.55
C ALA B 155 -9.32 4.04 -29.52
N ALA B 156 -8.34 4.79 -30.01
CA ALA B 156 -6.94 4.33 -30.04
C ALA B 156 -6.45 3.92 -28.61
N SER B 157 -6.76 4.79 -27.65
CA SER B 157 -6.40 4.64 -26.28
C SER B 157 -6.98 3.50 -25.48
N THR B 158 -8.17 3.01 -25.86
CA THR B 158 -8.86 1.92 -25.14
C THR B 158 -8.07 0.62 -24.97
N ASP B 159 -7.05 0.40 -25.78
CA ASP B 159 -6.20 -0.78 -25.59
C ASP B 159 -4.76 -0.28 -25.67
N ALA B 160 -4.45 0.32 -26.82
CA ALA B 160 -3.09 0.73 -27.08
C ALA B 160 -2.40 1.53 -25.97
N VAL B 161 -3.18 2.38 -25.28
CA VAL B 161 -2.66 3.19 -24.21
C VAL B 161 -3.11 2.60 -22.89
N LEU B 162 -4.38 2.31 -22.76
CA LEU B 162 -4.89 1.72 -21.52
C LEU B 162 -4.07 0.51 -21.05
N THR B 163 -3.82 -0.49 -21.89
CA THR B 163 -3.05 -1.63 -21.38
C THR B 163 -1.73 -1.27 -20.73
N PRO B 164 -0.88 -0.50 -21.41
CA PRO B 164 0.40 -0.10 -20.80
C PRO B 164 0.24 0.77 -19.54
N TYR B 165 -0.69 1.72 -19.57
CA TYR B 165 -0.90 2.58 -18.41
C TYR B 165 -1.26 1.71 -17.21
N HIS B 166 -2.15 0.74 -17.41
CA HIS B 166 -2.52 -0.11 -16.30
C HIS B 166 -1.33 -0.81 -15.68
N ALA B 167 -0.46 -1.33 -16.55
CA ALA B 167 0.77 -2.06 -16.12
C ALA B 167 1.79 -1.20 -15.40
N ILE B 168 2.04 -0.03 -15.94
CA ILE B 168 2.94 0.92 -15.34
C ILE B 168 2.38 1.43 -13.99
N LYS B 169 1.08 1.66 -13.90
CA LYS B 169 0.54 2.10 -12.64
C LYS B 169 0.72 0.96 -11.64
N MET B 170 0.47 -0.27 -12.09
CA MET B 170 0.61 -1.44 -11.26
C MET B 170 2.01 -1.50 -10.69
N ALA B 171 2.99 -1.07 -11.46
CA ALA B 171 4.40 -1.11 -11.02
C ALA B 171 4.82 0.02 -10.10
N GLN B 172 3.92 1.00 -9.98
CA GLN B 172 4.06 2.19 -9.16
C GLN B 172 5.28 2.95 -9.52
N VAL B 173 5.45 3.18 -10.81
CA VAL B 173 6.56 3.94 -11.34
C VAL B 173 6.45 5.38 -10.84
N SER B 174 7.57 5.95 -10.42
CA SER B 174 7.60 7.32 -9.92
C SER B 174 8.70 8.11 -10.61
N PRO B 175 8.90 9.38 -10.23
CA PRO B 175 9.97 10.17 -10.91
C PRO B 175 11.41 9.69 -10.60
N THR B 176 11.50 8.91 -9.55
CA THR B 176 12.77 8.39 -9.12
C THR B 176 13.02 6.97 -9.67
N SER B 177 12.03 6.46 -10.39
CA SER B 177 12.13 5.16 -10.99
C SER B 177 13.18 5.14 -12.11
N ASN B 178 13.70 3.95 -12.36
CA ASN B 178 14.65 3.70 -13.44
C ASN B 178 14.18 2.39 -14.10
N ILE B 179 13.39 2.53 -15.16
CA ILE B 179 12.87 1.35 -15.78
C ILE B 179 13.52 0.96 -17.09
N LEU B 180 13.26 -0.30 -17.43
CA LEU B 180 13.73 -0.95 -18.63
C LEU B 180 12.52 -1.40 -19.45
N LEU B 181 12.50 -1.09 -20.76
CA LEU B 181 11.40 -1.50 -21.64
C LEU B 181 11.95 -2.34 -22.71
N ILE B 182 11.43 -3.52 -22.90
CA ILE B 182 11.92 -4.37 -23.97
C ILE B 182 10.83 -4.51 -25.05
N GLY B 183 11.02 -3.85 -26.21
CA GLY B 183 10.05 -3.94 -27.29
C GLY B 183 9.22 -2.68 -27.46
N ALA B 184 9.79 -1.69 -28.15
CA ALA B 184 9.11 -0.42 -28.39
C ALA B 184 8.17 -0.39 -29.64
N GLY B 185 7.91 -1.55 -30.26
CA GLY B 185 7.03 -1.56 -31.42
C GLY B 185 5.58 -1.72 -30.99
N GLY B 186 5.23 -2.94 -30.56
CA GLY B 186 3.88 -3.28 -30.15
C GLY B 186 3.39 -2.66 -28.86
N LEU B 187 2.49 -1.68 -28.98
CA LEU B 187 1.89 -0.91 -27.85
C LEU B 187 3.04 -0.20 -27.12
N GLY B 188 4.17 -0.92 -27.02
CA GLY B 188 5.38 -0.45 -26.37
C GLY B 188 5.75 0.98 -26.74
N GLY B 189 5.14 1.53 -27.81
CA GLY B 189 5.42 2.92 -28.20
C GLY B 189 4.81 3.88 -27.20
N ASN B 190 3.52 3.67 -26.92
CA ASN B 190 2.78 4.47 -25.97
C ASN B 190 3.33 4.26 -24.59
N ALA B 191 3.87 3.08 -24.35
CA ALA B 191 4.44 2.78 -23.05
C ALA B 191 5.47 3.83 -22.66
N ILE B 192 6.33 4.16 -23.60
CA ILE B 192 7.37 5.12 -23.34
C ILE B 192 6.81 6.46 -22.90
N GLN B 193 5.78 6.94 -23.57
CA GLN B 193 5.21 8.24 -23.19
C GLN B 193 4.56 8.24 -21.82
N VAL B 194 3.92 7.12 -21.53
CA VAL B 194 3.21 6.90 -20.30
C VAL B 194 4.20 6.86 -19.20
N ALA B 195 5.27 6.12 -19.40
CA ALA B 195 6.30 6.03 -18.38
C ALA B 195 6.88 7.43 -18.09
N LYS B 196 7.15 8.18 -19.16
CA LYS B 196 7.71 9.52 -19.00
C LYS B 196 6.72 10.42 -18.32
N ALA B 197 5.43 10.22 -18.55
CA ALA B 197 4.41 11.05 -17.90
C ALA B 197 4.42 10.89 -16.39
N PHE B 198 5.00 9.79 -15.90
CA PHE B 198 5.11 9.54 -14.49
C PHE B 198 6.41 10.11 -13.98
N GLY B 199 7.25 10.52 -14.92
CA GLY B 199 8.52 11.14 -14.59
C GLY B 199 9.72 10.22 -14.47
N ALA B 200 9.56 8.97 -14.90
CA ALA B 200 10.60 7.96 -14.81
C ALA B 200 11.70 8.10 -15.79
N LYS B 201 12.80 7.40 -15.52
CA LYS B 201 13.97 7.38 -16.38
C LYS B 201 13.80 6.05 -17.10
N VAL B 202 13.51 6.17 -18.39
CA VAL B 202 13.24 5.05 -19.26
C VAL B 202 14.40 4.56 -20.12
N THR B 203 14.75 3.28 -20.00
CA THR B 203 15.78 2.72 -20.84
C THR B 203 15.09 1.69 -21.73
N VAL B 204 15.13 1.92 -23.05
CA VAL B 204 14.51 1.01 -24.01
C VAL B 204 15.51 0.08 -24.67
N LEU B 205 15.04 -1.13 -24.96
CA LEU B 205 15.83 -2.20 -25.57
C LEU B 205 15.03 -2.80 -26.71
N ASP B 206 15.52 -2.69 -27.96
CA ASP B 206 14.82 -3.25 -29.13
C ASP B 206 15.83 -3.74 -30.18
N LYS B 207 15.47 -4.78 -30.93
CA LYS B 207 16.35 -5.31 -31.97
C LYS B 207 16.23 -4.47 -33.26
N LYS B 208 14.98 -4.20 -33.69
CA LYS B 208 14.71 -3.41 -34.90
C LYS B 208 15.23 -1.98 -34.78
N LYS B 209 15.83 -1.45 -35.85
CA LYS B 209 16.33 -0.10 -35.77
C LYS B 209 15.26 0.99 -35.76
N GLU B 210 14.15 0.82 -36.48
CA GLU B 210 13.09 1.85 -36.47
C GLU B 210 12.55 1.98 -35.06
N ALA B 211 12.21 0.84 -34.45
CA ALA B 211 11.67 0.79 -33.09
C ALA B 211 12.54 1.63 -32.19
N ARG B 212 13.86 1.53 -32.33
CA ARG B 212 14.78 2.30 -31.50
C ARG B 212 14.74 3.78 -31.81
N ASP B 213 14.69 4.12 -33.08
CA ASP B 213 14.66 5.53 -33.49
C ASP B 213 13.38 6.15 -32.94
N GLN B 214 12.26 5.45 -33.11
CA GLN B 214 10.99 5.92 -32.61
C GLN B 214 11.15 6.27 -31.14
N ALA B 215 11.68 5.32 -30.39
CA ALA B 215 11.90 5.44 -28.95
C ALA B 215 12.62 6.73 -28.59
N LYS B 216 13.68 7.00 -29.32
CA LYS B 216 14.48 8.20 -29.08
C LYS B 216 13.57 9.42 -29.20
N LYS B 217 12.90 9.56 -30.35
CA LYS B 217 12.01 10.68 -30.66
C LYS B 217 10.90 10.80 -29.62
N LEU B 218 10.50 9.66 -29.05
CA LEU B 218 9.42 9.58 -28.06
C LEU B 218 9.78 9.98 -26.61
N GLY B 219 11.08 10.16 -26.36
CA GLY B 219 11.53 10.60 -25.06
C GLY B 219 12.29 9.62 -24.21
N ALA B 220 12.67 8.51 -24.84
CA ALA B 220 13.39 7.47 -24.12
C ALA B 220 14.72 8.05 -23.65
N ASP B 221 15.12 7.71 -22.45
CA ASP B 221 16.35 8.27 -21.95
C ASP B 221 17.56 7.59 -22.56
N ALA B 222 17.50 6.27 -22.76
CA ALA B 222 18.60 5.52 -23.38
C ALA B 222 17.97 4.51 -24.23
N VAL B 223 18.60 4.21 -25.36
CA VAL B 223 18.06 3.23 -26.29
C VAL B 223 19.22 2.33 -26.74
N TYR B 224 19.03 1.00 -26.69
CA TYR B 224 20.09 0.06 -27.08
C TYR B 224 19.59 -1.11 -27.88
N GLU B 225 20.49 -1.66 -28.68
CA GLU B 225 20.23 -2.82 -29.51
C GLU B 225 20.40 -3.97 -28.53
N THR B 226 21.49 -3.85 -27.77
CA THR B 226 21.86 -4.82 -26.75
C THR B 226 22.31 -4.01 -25.55
N LEU B 227 21.87 -4.40 -24.36
CA LEU B 227 22.28 -3.66 -23.18
C LEU B 227 23.81 -3.77 -23.07
N PRO B 228 24.49 -2.62 -22.96
CA PRO B 228 25.94 -2.42 -22.84
C PRO B 228 26.46 -3.07 -21.60
N GLU B 229 27.76 -3.27 -21.52
CA GLU B 229 28.31 -3.86 -20.32
C GLU B 229 28.45 -2.83 -19.26
N SER B 230 28.42 -1.55 -19.64
CA SER B 230 28.51 -0.46 -18.65
C SER B 230 27.29 -0.41 -17.76
N ILE B 231 26.15 -0.82 -18.33
CA ILE B 231 24.89 -0.87 -17.60
C ILE B 231 25.02 -2.06 -16.67
N SER B 232 25.00 -1.73 -15.38
CA SER B 232 25.17 -2.66 -14.30
C SER B 232 23.97 -3.56 -14.02
N PRO B 233 24.18 -4.86 -13.70
CA PRO B 233 23.09 -5.78 -13.42
C PRO B 233 22.31 -5.42 -12.16
N GLY B 234 21.07 -5.90 -12.08
CA GLY B 234 20.22 -5.64 -10.93
C GLY B 234 20.19 -4.18 -10.54
N SER B 235 19.88 -3.31 -11.51
CA SER B 235 19.86 -1.88 -11.30
C SER B 235 18.54 -1.20 -11.74
N PHE B 236 17.60 -1.94 -12.30
CA PHE B 236 16.37 -1.31 -12.74
C PHE B 236 15.28 -1.61 -11.75
N SER B 237 14.46 -0.59 -11.42
CA SER B 237 13.37 -0.72 -10.47
C SER B 237 12.23 -1.56 -11.05
N ALA B 238 12.07 -1.49 -12.38
CA ALA B 238 11.05 -2.26 -13.03
C ALA B 238 11.40 -2.58 -14.43
N CYS B 239 11.08 -3.78 -14.88
CA CYS B 239 11.33 -4.22 -16.25
C CYS B 239 10.05 -4.64 -16.92
N PHE B 240 9.73 -4.00 -18.05
CA PHE B 240 8.53 -4.37 -18.80
C PHE B 240 8.89 -5.16 -20.10
N ASP B 241 8.69 -6.48 -20.11
CA ASP B 241 9.01 -7.24 -21.30
C ASP B 241 7.79 -7.28 -22.23
N PHE B 242 7.91 -6.56 -23.33
CA PHE B 242 6.84 -6.51 -24.29
C PHE B 242 6.92 -7.60 -25.34
N VAL B 243 8.07 -8.26 -25.35
CA VAL B 243 8.34 -9.38 -26.24
C VAL B 243 7.94 -10.66 -25.48
N SER B 244 8.45 -10.79 -24.26
CA SER B 244 8.16 -11.93 -23.40
C SER B 244 8.47 -13.30 -24.03
N VAL B 245 9.77 -13.54 -24.14
CA VAL B 245 10.35 -14.76 -24.64
C VAL B 245 11.39 -15.21 -23.58
N GLN B 246 11.62 -16.51 -23.42
CA GLN B 246 12.58 -16.93 -22.40
C GLN B 246 13.80 -16.03 -22.37
N ALA B 247 14.25 -15.66 -23.55
CA ALA B 247 15.41 -14.79 -23.69
C ALA B 247 15.28 -13.43 -23.03
N THR B 248 14.22 -12.72 -23.40
CA THR B 248 13.92 -11.39 -22.89
C THR B 248 13.60 -11.39 -21.41
N PHE B 249 12.84 -12.38 -20.96
CA PHE B 249 12.53 -12.45 -19.56
C PHE B 249 13.86 -12.60 -18.78
N ASP B 250 14.77 -13.38 -19.30
CA ASP B 250 16.04 -13.60 -18.64
C ASP B 250 16.82 -12.33 -18.45
N VAL B 251 16.65 -11.43 -19.39
CA VAL B 251 17.33 -10.14 -19.37
C VAL B 251 16.75 -9.31 -18.24
N CYS B 252 15.43 -9.38 -18.10
CA CYS B 252 14.73 -8.69 -17.05
C CYS B 252 15.22 -9.16 -15.70
N GLN B 253 15.19 -10.47 -15.47
CA GLN B 253 15.59 -11.01 -14.18
C GLN B 253 17.05 -10.73 -13.89
N LYS B 254 17.82 -10.50 -14.93
CA LYS B 254 19.25 -10.23 -14.73
C LYS B 254 19.48 -8.79 -14.33
N TYR B 255 18.75 -7.91 -15.00
CA TYR B 255 18.87 -6.48 -14.82
C TYR B 255 17.95 -5.76 -13.82
N VAL B 256 16.91 -6.45 -13.34
CA VAL B 256 15.97 -5.86 -12.38
C VAL B 256 16.69 -5.85 -11.05
N GLU B 257 16.50 -4.82 -10.23
CA GLU B 257 17.18 -4.76 -8.93
C GLU B 257 16.48 -5.54 -7.84
N PRO B 258 17.11 -5.67 -6.66
CA PRO B 258 16.43 -6.41 -5.60
C PRO B 258 15.09 -5.74 -5.29
N LYS B 259 14.14 -6.60 -4.95
CA LYS B 259 12.77 -6.17 -4.67
C LYS B 259 12.08 -5.50 -5.87
N GLY B 260 12.72 -5.59 -7.05
CA GLY B 260 12.21 -5.02 -8.31
C GLY B 260 11.01 -5.74 -8.88
N VAL B 261 10.53 -5.24 -10.01
CA VAL B 261 9.33 -5.77 -10.69
C VAL B 261 9.63 -6.20 -12.10
N ILE B 262 9.26 -7.41 -12.47
CA ILE B 262 9.42 -7.88 -13.85
C ILE B 262 7.99 -8.04 -14.34
N MET B 263 7.65 -7.38 -15.42
CA MET B 263 6.29 -7.46 -15.91
C MET B 263 6.23 -7.94 -17.35
N PRO B 264 5.95 -9.24 -17.54
CA PRO B 264 5.85 -9.94 -18.80
C PRO B 264 4.58 -9.55 -19.49
N VAL B 265 4.67 -8.47 -20.22
CA VAL B 265 3.51 -7.95 -20.89
C VAL B 265 3.48 -8.14 -22.37
N GLY B 266 4.11 -9.20 -22.81
CA GLY B 266 4.12 -9.55 -24.22
C GLY B 266 3.42 -10.88 -24.41
N LEU B 267 3.37 -11.36 -25.64
CA LEU B 267 2.70 -12.64 -25.89
C LEU B 267 3.66 -13.63 -26.60
N GLY B 268 4.97 -13.39 -26.48
CA GLY B 268 5.95 -14.21 -27.16
C GLY B 268 6.23 -15.65 -26.83
N ALA B 269 5.65 -16.20 -25.77
CA ALA B 269 5.89 -17.59 -25.39
C ALA B 269 4.72 -17.93 -24.52
N PRO B 270 4.31 -19.20 -24.53
CA PRO B 270 3.16 -19.58 -23.71
C PRO B 270 3.54 -19.77 -22.22
N ASN B 271 4.83 -20.07 -21.99
CA ASN B 271 5.40 -20.29 -20.67
C ASN B 271 6.73 -19.56 -20.57
N LEU B 272 7.14 -19.20 -19.37
CA LEU B 272 8.44 -18.56 -19.20
C LEU B 272 8.88 -19.13 -17.92
N SER B 273 10.19 -19.25 -17.76
CA SER B 273 10.69 -19.79 -16.53
C SER B 273 11.57 -18.75 -15.87
N PHE B 274 11.64 -18.81 -14.55
CA PHE B 274 12.50 -17.89 -13.82
C PHE B 274 13.45 -18.72 -12.94
N ASN B 275 14.55 -18.11 -12.52
CA ASN B 275 15.48 -18.82 -11.67
C ASN B 275 15.00 -18.67 -10.22
N LEU B 276 14.47 -19.73 -9.61
CA LEU B 276 13.98 -19.65 -8.23
C LEU B 276 14.95 -19.02 -7.21
N GLY B 277 16.17 -19.53 -7.17
CA GLY B 277 17.14 -19.00 -6.25
C GLY B 277 17.32 -17.49 -6.36
N ASP B 278 17.46 -16.96 -7.58
CA ASP B 278 17.62 -15.53 -7.73
C ASP B 278 16.36 -14.75 -7.30
N LEU B 279 15.20 -15.19 -7.80
CA LEU B 279 13.93 -14.51 -7.52
C LEU B 279 13.67 -14.42 -6.03
N ALA B 280 13.96 -15.52 -5.34
CA ALA B 280 13.75 -15.58 -3.92
C ALA B 280 14.81 -14.77 -3.15
N LEU B 281 16.09 -15.03 -3.38
CA LEU B 281 17.13 -14.33 -2.67
C LEU B 281 17.10 -12.81 -2.84
N ARG B 282 16.56 -12.32 -3.95
CA ARG B 282 16.54 -10.86 -4.18
C ARG B 282 15.13 -10.25 -4.15
N GLU B 283 14.20 -11.04 -3.64
CA GLU B 283 12.80 -10.66 -3.50
C GLU B 283 12.10 -10.10 -4.70
N ILE B 284 12.58 -10.52 -5.86
CA ILE B 284 12.04 -10.10 -7.15
C ILE B 284 10.54 -10.45 -7.23
N ARG B 285 9.75 -9.53 -7.81
CA ARG B 285 8.30 -9.72 -7.93
C ARG B 285 7.90 -9.76 -9.41
N ILE B 286 7.15 -10.79 -9.79
CA ILE B 286 6.70 -10.91 -11.17
C ILE B 286 5.23 -10.65 -11.10
N LEU B 287 4.79 -9.52 -11.63
CA LEU B 287 3.37 -9.16 -11.57
C LEU B 287 2.69 -9.26 -12.92
N GLY B 288 1.57 -9.96 -12.98
CA GLY B 288 0.89 -10.10 -14.25
C GLY B 288 -0.15 -9.03 -14.35
N SER B 289 -0.23 -8.38 -15.50
CA SER B 289 -1.24 -7.36 -15.68
C SER B 289 -1.97 -7.63 -16.98
N PHE B 290 -3.20 -7.13 -17.07
CA PHE B 290 -4.04 -7.40 -18.23
C PHE B 290 -4.99 -6.27 -18.59
N TRP B 291 -4.77 -5.66 -19.76
CA TRP B 291 -5.64 -4.57 -20.19
C TRP B 291 -5.71 -3.48 -19.11
N GLY B 292 -6.93 -3.06 -18.77
CA GLY B 292 -7.12 -2.02 -17.78
C GLY B 292 -8.47 -1.92 -17.08
N THR B 293 -8.56 -1.13 -16.02
CA THR B 293 -9.83 -1.01 -15.30
C THR B 293 -10.59 0.15 -15.87
N THR B 294 -11.83 0.30 -15.42
CA THR B 294 -12.68 1.40 -15.90
C THR B 294 -12.02 2.68 -15.42
N ASN B 295 -11.57 2.71 -14.17
CA ASN B 295 -10.92 3.91 -13.66
C ASN B 295 -9.66 4.21 -14.42
N ASP B 296 -8.87 3.20 -14.73
CA ASP B 296 -7.67 3.39 -15.52
C ASP B 296 -7.99 4.17 -16.78
N LEU B 297 -8.99 3.74 -17.55
CA LEU B 297 -9.35 4.45 -18.77
C LEU B 297 -9.65 5.93 -18.48
N ASP B 298 -10.28 6.22 -17.32
CA ASP B 298 -10.57 7.60 -16.89
C ASP B 298 -9.21 8.36 -16.86
N ASP B 299 -8.23 7.77 -16.19
CA ASP B 299 -6.89 8.35 -16.06
C ASP B 299 -6.28 8.47 -17.46
N VAL B 300 -6.41 7.42 -18.28
CA VAL B 300 -5.82 7.45 -19.62
C VAL B 300 -6.35 8.58 -20.45
N LEU B 301 -7.62 8.88 -20.38
CA LEU B 301 -8.13 9.99 -21.14
C LEU B 301 -7.67 11.34 -20.53
N LYS B 302 -7.59 11.43 -19.21
CA LYS B 302 -7.13 12.67 -18.59
C LYS B 302 -5.72 12.88 -19.12
N LEU B 303 -4.93 11.82 -19.27
CA LEU B 303 -3.57 11.99 -19.78
C LEU B 303 -3.48 12.33 -21.27
N VAL B 304 -4.37 11.76 -22.08
CA VAL B 304 -4.33 12.01 -23.50
C VAL B 304 -4.80 13.42 -23.78
N SER B 305 -5.86 13.82 -23.05
CA SER B 305 -6.46 15.15 -23.13
C SER B 305 -5.42 16.17 -22.68
N GLU B 306 -4.66 15.85 -21.62
CA GLU B 306 -3.61 16.73 -21.12
C GLU B 306 -2.38 16.75 -22.04
N GLY B 307 -2.42 15.98 -23.12
CA GLY B 307 -1.33 15.93 -24.09
C GLY B 307 -0.05 15.27 -23.62
N LYS B 308 -0.11 14.48 -22.53
CA LYS B 308 1.08 13.80 -22.00
C LYS B 308 1.31 12.51 -22.83
N VAL B 309 0.27 12.06 -23.53
CA VAL B 309 0.36 10.89 -24.40
C VAL B 309 -0.41 11.23 -25.65
N LYS B 310 0.24 11.07 -26.78
CA LYS B 310 -0.43 11.36 -28.02
C LYS B 310 -0.38 10.07 -28.82
N PRO B 311 -1.52 9.34 -28.93
CA PRO B 311 -1.39 8.11 -29.70
C PRO B 311 -1.49 8.36 -31.20
N VAL B 312 -0.85 7.48 -31.98
CA VAL B 312 -0.79 7.59 -33.46
C VAL B 312 -1.86 6.79 -34.19
N VAL B 313 -2.87 7.47 -34.72
CA VAL B 313 -3.91 6.73 -35.46
C VAL B 313 -4.34 7.34 -36.76
N ARG B 314 -4.77 6.47 -37.69
CA ARG B 314 -5.24 6.89 -39.01
C ARG B 314 -6.66 6.39 -39.23
N SER B 315 -7.55 7.31 -39.67
CA SER B 315 -8.97 7.01 -39.91
C SER B 315 -9.26 6.12 -41.12
N ALA B 316 -10.52 5.71 -41.25
CA ALA B 316 -10.94 4.88 -42.38
C ALA B 316 -12.42 4.58 -42.31
N LYS B 317 -13.13 4.60 -43.44
CA LYS B 317 -14.57 4.30 -43.46
C LYS B 317 -14.65 2.87 -42.90
N LEU B 318 -15.59 2.61 -42.00
CA LEU B 318 -15.67 1.29 -41.38
C LEU B 318 -15.68 0.17 -42.38
N LYS B 319 -16.50 0.32 -43.42
CA LYS B 319 -16.61 -0.72 -44.45
C LYS B 319 -15.23 -1.11 -45.06
N GLU B 320 -14.21 -0.27 -44.84
CA GLU B 320 -12.85 -0.52 -45.36
C GLU B 320 -12.08 -1.49 -44.46
N LEU B 321 -12.73 -1.89 -43.38
CA LEU B 321 -12.11 -2.80 -42.41
C LEU B 321 -11.42 -4.05 -43.01
N PRO B 322 -12.18 -4.88 -43.73
CA PRO B 322 -11.65 -6.10 -44.33
C PRO B 322 -10.26 -6.02 -44.89
N GLU B 323 -9.96 -4.95 -45.64
CA GLU B 323 -8.64 -4.80 -46.25
C GLU B 323 -7.58 -4.48 -45.21
N TYR B 324 -7.90 -3.64 -44.22
CA TYR B 324 -6.91 -3.30 -43.22
C TYR B 324 -6.53 -4.52 -42.40
N ILE B 325 -7.49 -5.43 -42.28
CA ILE B 325 -7.24 -6.66 -41.55
C ILE B 325 -6.25 -7.57 -42.33
N GLU B 326 -6.32 -7.57 -43.66
CA GLU B 326 -5.40 -8.38 -44.46
C GLU B 326 -4.04 -7.75 -44.45
N LYS B 327 -4.01 -6.41 -44.41
CA LYS B 327 -2.75 -5.69 -44.35
C LYS B 327 -2.08 -6.07 -43.03
N LEU B 328 -2.78 -5.83 -41.92
CA LEU B 328 -2.23 -6.16 -40.60
C LEU B 328 -1.92 -7.64 -40.43
N ARG B 329 -2.69 -8.51 -41.11
CA ARG B 329 -2.47 -9.95 -41.01
C ARG B 329 -1.05 -10.35 -41.42
N ASN B 330 -0.47 -9.56 -42.34
CA ASN B 330 0.88 -9.78 -42.85
C ASN B 330 1.75 -8.64 -42.32
N ASN B 331 1.36 -8.13 -41.15
CA ASN B 331 2.04 -7.00 -40.51
C ASN B 331 2.54 -5.96 -41.47
N ALA B 332 1.68 -5.69 -42.47
CA ALA B 332 1.94 -4.69 -43.51
C ALA B 332 1.63 -3.23 -43.05
N TYR B 333 1.08 -3.08 -41.83
CA TYR B 333 0.76 -1.77 -41.20
C TYR B 333 1.01 -1.85 -39.69
N GLU B 334 1.61 -0.79 -39.14
CA GLU B 334 1.94 -0.82 -37.72
C GLU B 334 1.70 0.52 -37.00
N GLY B 335 0.65 1.22 -37.44
CA GLY B 335 0.25 2.48 -36.83
C GLY B 335 -1.23 2.27 -36.65
N ARG B 336 -1.65 2.12 -35.39
CA ARG B 336 -3.06 1.90 -35.09
C ARG B 336 -4.02 2.48 -36.16
N VAL B 337 -5.07 1.75 -36.49
CA VAL B 337 -6.03 2.22 -37.48
C VAL B 337 -7.40 2.26 -36.83
N VAL B 338 -8.03 3.42 -36.77
CA VAL B 338 -9.38 3.44 -36.19
C VAL B 338 -10.33 3.49 -37.37
N PHE B 339 -11.57 3.06 -37.17
CA PHE B 339 -12.55 3.05 -38.23
C PHE B 339 -13.75 3.81 -37.81
N ASN B 340 -14.29 4.59 -38.72
CA ASN B 340 -15.49 5.38 -38.44
C ASN B 340 -16.65 4.65 -39.11
N PRO B 341 -17.65 4.23 -38.32
CA PRO B 341 -18.74 3.53 -39.00
C PRO B 341 -19.74 4.53 -39.59
N SER C 7 45.83 16.88 4.61
CA SER C 7 46.29 17.86 5.66
C SER C 7 45.12 18.37 6.52
N ILE C 8 44.64 17.50 7.42
CA ILE C 8 43.51 17.78 8.32
C ILE C 8 43.95 18.49 9.62
N PRO C 9 43.53 19.75 9.84
CA PRO C 9 43.94 20.43 11.06
C PRO C 9 43.42 19.73 12.31
N SER C 10 43.65 20.34 13.47
CA SER C 10 43.21 19.76 14.74
C SER C 10 42.48 20.82 15.54
N SER C 11 42.40 21.99 14.94
CA SER C 11 41.72 23.12 15.51
C SER C 11 40.90 23.64 14.32
N GLN C 12 39.75 24.28 14.59
CA GLN C 12 38.89 24.82 13.53
C GLN C 12 37.94 25.91 14.07
N TYR C 13 37.34 26.69 13.17
CA TYR C 13 36.42 27.75 13.60
C TYR C 13 34.98 27.31 13.36
N GLY C 14 34.00 27.92 14.05
CA GLY C 14 32.62 27.53 13.87
C GLY C 14 31.70 28.28 14.78
N PHE C 15 30.40 28.20 14.55
CA PHE C 15 29.47 28.92 15.38
C PHE C 15 28.71 27.94 16.26
N VAL C 16 28.96 28.03 17.57
CA VAL C 16 28.32 27.20 18.56
C VAL C 16 27.11 27.91 19.11
N PHE C 17 26.20 27.15 19.67
CA PHE C 17 25.02 27.75 20.23
C PHE C 17 24.93 27.36 21.65
N ASN C 18 24.74 28.36 22.49
CA ASN C 18 24.63 28.14 23.91
C ASN C 18 23.38 28.88 24.36
N LYS C 19 22.53 28.24 25.18
CA LYS C 19 21.27 28.87 25.64
C LYS C 19 21.52 30.19 26.40
N GLN C 20 22.71 30.31 26.97
CA GLN C 20 23.16 31.47 27.74
C GLN C 20 23.67 32.60 26.80
N SER C 21 24.68 32.30 25.97
CA SER C 21 25.29 33.29 25.07
C SER C 21 24.79 33.41 23.63
N GLY C 22 23.76 32.62 23.26
CA GLY C 22 23.25 32.65 21.89
C GLY C 22 24.24 31.97 20.92
N LEU C 23 24.23 32.40 19.66
CA LEU C 23 25.17 31.78 18.72
C LEU C 23 26.40 32.66 18.68
N LYS C 24 27.55 32.11 19.03
CA LYS C 24 28.77 32.90 19.02
C LYS C 24 29.92 32.22 18.30
N LEU C 25 30.67 32.96 17.48
CA LEU C 25 31.79 32.39 16.74
C LEU C 25 32.90 31.92 17.66
N ARG C 26 33.62 30.87 17.27
CA ARG C 26 34.71 30.33 18.09
C ARG C 26 35.82 29.76 17.25
N ASN C 27 37.05 30.20 17.55
CA ASN C 27 38.24 29.79 16.79
C ASN C 27 39.03 28.66 17.43
N ASP C 28 38.52 28.17 18.56
CA ASP C 28 39.15 27.11 19.37
C ASP C 28 38.45 25.75 19.27
N LEU C 29 37.62 25.52 18.24
CA LEU C 29 36.89 24.27 18.10
C LEU C 29 37.74 23.06 17.70
N PRO C 30 37.50 21.93 18.36
CA PRO C 30 38.25 20.71 18.09
C PRO C 30 37.96 20.18 16.69
N VAL C 31 38.70 19.16 16.27
CA VAL C 31 38.50 18.54 14.96
C VAL C 31 38.54 17.01 15.16
N HIS C 32 37.52 16.51 15.87
CA HIS C 32 37.45 15.09 16.21
C HIS C 32 37.98 14.11 15.13
N LYS C 33 38.76 13.14 15.53
CA LYS C 33 39.20 12.19 14.54
C LYS C 33 38.18 11.10 14.63
N PRO C 34 37.87 10.49 13.50
CA PRO C 34 36.88 9.43 13.40
C PRO C 34 37.16 8.14 14.14
N LYS C 35 36.35 7.87 15.17
CA LYS C 35 36.46 6.57 15.86
C LYS C 35 36.08 5.63 14.68
N ALA C 36 36.38 4.35 14.71
CA ALA C 36 36.00 3.50 13.55
C ALA C 36 34.52 3.55 13.33
N GLY C 37 34.08 3.44 12.09
CA GLY C 37 32.64 3.52 11.88
C GLY C 37 32.15 4.96 11.68
N GLN C 38 32.87 5.92 12.28
CA GLN C 38 32.56 7.33 12.10
C GLN C 38 33.28 7.86 10.86
N LEU C 39 33.10 9.13 10.58
CA LEU C 39 33.69 9.75 9.39
C LEU C 39 33.73 11.25 9.62
N LEU C 40 34.73 11.90 9.00
CA LEU C 40 34.91 13.34 9.15
C LEU C 40 34.54 14.02 7.87
N LEU C 41 33.67 15.02 7.96
CA LEU C 41 33.21 15.72 6.78
C LEU C 41 33.68 17.13 6.70
N LYS C 42 34.36 17.46 5.61
CA LYS C 42 34.79 18.85 5.41
C LYS C 42 33.57 19.58 4.83
N VAL C 43 32.98 20.50 5.63
CA VAL C 43 31.82 21.26 5.20
C VAL C 43 32.15 22.17 4.00
N ASP C 44 31.31 22.09 2.97
CA ASP C 44 31.48 22.89 1.78
C ASP C 44 30.40 23.94 1.70
N ALA C 45 29.20 23.60 2.11
CA ALA C 45 28.13 24.57 2.07
C ALA C 45 27.09 24.28 3.13
N VAL C 46 26.65 25.30 3.86
CA VAL C 46 25.67 25.02 4.87
C VAL C 46 24.59 26.07 4.82
N GLY C 47 23.36 25.64 4.65
CA GLY C 47 22.28 26.58 4.56
C GLY C 47 21.73 27.08 5.86
N LEU C 48 20.90 28.09 5.70
CA LEU C 48 20.24 28.74 6.79
C LEU C 48 18.76 28.95 6.46
N CYS C 49 17.91 28.54 7.38
CA CYS C 49 16.47 28.71 7.16
C CYS C 49 15.78 29.14 8.45
N HIS C 50 14.50 29.51 8.33
CA HIS C 50 13.77 29.97 9.50
C HIS C 50 13.93 29.06 10.71
N SER C 51 13.93 27.74 10.52
CA SER C 51 14.08 26.81 11.66
C SER C 51 15.18 27.32 12.60
N ASP C 52 16.38 27.53 12.06
CA ASP C 52 17.55 27.97 12.82
C ASP C 52 17.18 29.14 13.73
N LEU C 53 16.35 30.06 13.24
CA LEU C 53 15.92 31.25 14.02
C LEU C 53 15.05 30.91 15.24
N ALA C 54 14.25 29.85 15.14
CA ALA C 54 13.41 29.49 16.27
C ALA C 54 14.32 28.97 17.35
N VAL C 55 15.43 28.36 17.00
CA VAL C 55 16.36 27.83 18.00
C VAL C 55 17.02 28.96 18.81
N ILE C 56 17.42 30.02 18.11
CA ILE C 56 18.12 31.18 18.66
C ILE C 56 17.26 32.27 19.33
N TYR C 57 16.18 32.67 18.66
CA TYR C 57 15.31 33.71 19.22
C TYR C 57 14.07 33.09 19.80
N GLU C 58 13.18 32.61 18.94
CA GLU C 58 11.93 32.00 19.42
C GLU C 58 11.98 30.88 20.46
N GLY C 59 13.15 30.60 21.04
CA GLY C 59 13.24 29.56 22.05
C GLY C 59 12.74 28.14 21.79
N LEU C 60 13.26 27.51 20.74
CA LEU C 60 12.91 26.12 20.46
C LEU C 60 14.03 25.29 21.12
N ASP C 61 13.64 24.41 22.03
CA ASP C 61 14.61 23.61 22.73
C ASP C 61 15.10 22.37 22.03
N CYS C 62 16.39 22.36 21.69
CA CYS C 62 16.95 21.20 21.03
C CYS C 62 18.14 20.74 21.78
N GLY C 63 18.38 21.44 22.87
CA GLY C 63 19.51 21.11 23.70
C GLY C 63 20.50 22.26 23.76
N ASP C 64 21.74 21.93 24.12
CA ASP C 64 22.81 22.92 24.28
C ASP C 64 24.18 22.54 23.76
N ASN C 65 24.87 23.58 23.30
CA ASN C 65 26.24 23.49 22.82
C ASN C 65 26.50 22.60 21.62
N TYR C 66 26.09 23.11 20.46
CA TYR C 66 26.28 22.39 19.23
C TYR C 66 26.58 23.37 18.12
N VAL C 67 27.38 22.97 17.15
CA VAL C 67 27.62 23.82 16.00
C VAL C 67 26.18 23.83 15.37
N MET C 68 25.77 24.82 14.61
CA MET C 68 24.42 24.73 14.11
C MET C 68 24.37 24.57 12.61
N GLY C 69 23.15 24.62 12.07
CA GLY C 69 22.97 24.50 10.63
C GLY C 69 22.77 23.04 10.28
N HIS C 70 21.59 22.74 9.80
CA HIS C 70 21.26 21.38 9.47
C HIS C 70 21.27 21.13 7.98
N GLU C 71 21.23 22.21 7.21
CA GLU C 71 21.24 22.07 5.77
C GLU C 71 22.71 21.94 5.38
N ILE C 72 23.25 20.74 5.50
CA ILE C 72 24.66 20.48 5.26
C ILE C 72 25.11 19.69 4.03
N ALA C 73 26.15 20.20 3.36
CA ALA C 73 26.77 19.57 2.18
C ALA C 73 28.28 19.67 2.40
N GLY C 74 29.04 18.63 2.08
CA GLY C 74 30.48 18.70 2.30
C GLY C 74 31.22 17.58 1.63
N THR C 75 32.50 17.41 1.95
CA THR C 75 33.27 16.32 1.33
C THR C 75 33.89 15.45 2.40
N VAL C 76 33.97 14.14 2.14
CA VAL C 76 34.54 13.20 3.09
C VAL C 76 36.04 13.49 3.20
N ALA C 77 36.51 13.80 4.41
CA ALA C 77 37.91 14.13 4.64
C ALA C 77 38.74 13.03 5.30
N ALA C 78 38.11 12.19 6.10
CA ALA C 78 38.81 11.13 6.80
C ALA C 78 37.74 10.15 7.21
N VAL C 79 38.03 8.88 7.09
CA VAL C 79 37.04 7.92 7.47
C VAL C 79 37.66 6.98 8.49
N GLY C 80 36.89 6.64 9.54
CA GLY C 80 37.41 5.70 10.52
C GLY C 80 37.62 4.37 9.82
N ASP C 81 38.22 3.41 10.50
CA ASP C 81 38.39 2.11 9.86
C ASP C 81 36.99 1.54 9.95
N ASP C 82 36.79 0.44 9.23
CA ASP C 82 35.47 -0.18 9.21
C ASP C 82 34.49 0.56 8.25
N VAL C 83 34.80 1.80 7.87
CA VAL C 83 33.97 2.57 6.94
C VAL C 83 34.28 2.16 5.52
N ILE C 84 33.39 1.38 4.91
CA ILE C 84 33.59 0.87 3.56
C ILE C 84 32.68 1.47 2.49
N ASN C 85 31.52 2.02 2.87
CA ASN C 85 30.62 2.59 1.86
C ASN C 85 31.08 3.97 1.41
N TYR C 86 31.87 4.67 2.22
CA TYR C 86 32.36 5.98 1.81
C TYR C 86 33.88 5.94 1.86
N LYS C 87 34.53 6.56 0.89
CA LYS C 87 36.00 6.62 0.82
C LYS C 87 36.31 8.13 0.93
N VAL C 88 37.54 8.49 1.22
CA VAL C 88 37.82 9.93 1.32
C VAL C 88 37.56 10.51 -0.04
N GLY C 89 37.14 11.76 -0.08
CA GLY C 89 36.83 12.40 -1.35
C GLY C 89 35.34 12.48 -1.70
N ASP C 90 34.61 11.38 -1.51
CA ASP C 90 33.17 11.26 -1.76
C ASP C 90 32.45 12.53 -1.33
N ARG C 91 31.58 13.05 -2.18
CA ARG C 91 30.86 14.25 -1.79
C ARG C 91 29.49 13.84 -1.20
N VAL C 92 29.12 14.37 -0.04
CA VAL C 92 27.84 13.98 0.53
C VAL C 92 26.99 15.10 1.12
N ALA C 93 25.71 14.80 1.34
CA ALA C 93 24.76 15.70 1.98
C ALA C 93 24.25 15.04 3.30
N CYS C 94 23.91 15.89 4.25
CA CYS C 94 23.46 15.41 5.53
C CYS C 94 21.96 15.30 5.64
N VAL C 95 21.56 14.13 6.13
CA VAL C 95 20.16 13.84 6.31
C VAL C 95 19.93 14.34 7.70
N GLY C 96 19.27 15.51 7.79
CA GLY C 96 18.94 16.22 9.03
C GLY C 96 18.61 15.46 10.30
N PRO C 97 17.52 14.71 10.33
CA PRO C 97 17.09 13.94 11.51
C PRO C 97 18.14 13.04 12.14
N ASN C 98 19.18 12.68 11.36
CA ASN C 98 20.28 11.80 11.81
C ASN C 98 19.74 10.56 12.49
N GLY C 99 18.71 9.92 11.94
CA GLY C 99 18.18 8.74 12.61
C GLY C 99 19.24 7.83 13.23
N CYS C 100 18.87 7.11 14.27
CA CYS C 100 19.79 6.18 14.95
C CYS C 100 20.21 4.92 14.16
N GLY C 101 19.47 4.60 13.10
CA GLY C 101 19.79 3.46 12.26
C GLY C 101 19.70 2.06 12.84
N GLY C 102 19.15 1.95 14.05
CA GLY C 102 19.03 0.66 14.72
C GLY C 102 17.70 0.35 15.40
N CYS C 103 16.72 1.26 15.38
CA CYS C 103 15.43 0.99 16.01
C CYS C 103 14.34 0.60 15.01
N LYS C 104 13.16 0.23 15.52
CA LYS C 104 12.07 -0.16 14.63
C LYS C 104 11.69 0.90 13.58
N TYR C 105 11.82 2.17 13.91
CA TYR C 105 11.47 3.20 12.93
C TYR C 105 12.53 3.34 11.81
N CYS C 106 13.83 3.31 12.17
CA CYS C 106 14.89 3.46 11.15
C CYS C 106 14.98 2.27 10.22
N ARG C 107 14.90 1.11 10.81
CA ARG C 107 14.94 -0.15 10.10
C ARG C 107 13.70 -0.30 9.21
N GLY C 108 12.63 0.41 9.60
CA GLY C 108 11.37 0.39 8.87
C GLY C 108 11.13 1.51 7.85
N ALA C 109 12.17 2.19 7.40
CA ALA C 109 12.04 3.25 6.38
C ALA C 109 11.52 4.62 6.84
N ILE C 110 11.51 4.85 8.14
CA ILE C 110 11.11 6.14 8.63
C ILE C 110 12.08 6.65 9.72
N ASP C 111 13.33 6.85 9.31
CA ASP C 111 14.33 7.33 10.22
C ASP C 111 14.10 8.79 10.63
N ASN C 112 13.17 9.45 9.93
CA ASN C 112 12.89 10.85 10.24
C ASN C 112 12.07 10.99 11.53
N VAL C 113 11.57 9.88 12.05
CA VAL C 113 10.81 10.01 13.28
C VAL C 113 11.40 9.22 14.45
N CYS C 114 12.66 8.78 14.27
CA CYS C 114 13.45 8.01 15.22
C CYS C 114 13.35 8.63 16.59
N LYS C 115 12.80 7.87 17.55
CA LYS C 115 12.67 8.39 18.90
C LYS C 115 14.06 8.58 19.52
N ASN C 116 14.98 7.67 19.22
CA ASN C 116 16.33 7.70 19.73
C ASN C 116 17.18 8.86 19.31
N ALA C 117 16.86 9.45 18.18
CA ALA C 117 17.68 10.56 17.67
C ALA C 117 17.21 11.92 18.05
N PHE C 118 16.21 11.99 18.92
CA PHE C 118 15.67 13.27 19.37
C PHE C 118 16.71 14.20 20.05
N GLY C 119 16.88 15.40 19.49
CA GLY C 119 17.88 16.29 20.05
C GLY C 119 19.30 15.82 19.67
N ASP C 120 19.41 15.01 18.62
CA ASP C 120 20.70 14.57 18.10
C ASP C 120 20.72 14.82 16.56
N TRP C 121 19.86 15.73 16.14
CA TRP C 121 19.74 16.13 14.76
C TRP C 121 20.95 16.97 14.38
N PHE C 122 21.45 16.88 13.15
CA PHE C 122 22.57 17.71 12.78
C PHE C 122 22.24 19.20 12.96
N GLY C 123 23.07 19.88 13.74
CA GLY C 123 22.88 21.30 14.00
C GLY C 123 21.58 21.71 14.68
N LEU C 124 21.02 20.81 15.49
CA LEU C 124 19.78 20.98 16.23
C LEU C 124 19.74 19.91 17.29
N GLY C 125 20.87 19.76 17.97
CA GLY C 125 21.01 18.77 19.03
C GLY C 125 22.43 18.23 18.99
N TYR C 126 22.83 17.82 17.80
CA TYR C 126 24.18 17.31 17.60
C TYR C 126 24.84 18.44 16.80
N ASP C 127 26.14 18.32 16.56
CA ASP C 127 26.89 19.36 15.84
C ASP C 127 26.51 19.49 14.37
N GLY C 128 26.32 20.73 13.93
CA GLY C 128 25.92 21.00 12.56
C GLY C 128 27.02 21.28 11.53
N GLY C 129 26.68 22.08 10.54
CA GLY C 129 27.64 22.37 9.50
C GLY C 129 28.14 23.79 9.53
N TYR C 130 27.87 24.55 10.61
CA TYR C 130 28.39 25.93 10.74
C TYR C 130 29.79 25.87 11.32
N GLN C 131 30.54 24.83 10.98
CA GLN C 131 31.89 24.69 11.42
C GLN C 131 32.62 24.32 10.14
N GLN C 132 33.83 23.78 10.22
CA GLN C 132 34.59 23.48 8.99
C GLN C 132 34.73 22.02 8.67
N TYR C 133 34.70 21.25 9.76
CA TYR C 133 34.87 19.81 9.76
C TYR C 133 33.91 19.13 10.74
N LEU C 134 32.85 18.51 10.23
CA LEU C 134 31.83 17.84 11.03
C LEU C 134 32.05 16.38 11.27
N LEU C 135 31.88 15.94 12.51
CA LEU C 135 32.05 14.53 12.81
C LEU C 135 30.74 13.74 12.56
N VAL C 136 30.71 12.88 11.53
CA VAL C 136 29.49 12.15 11.28
C VAL C 136 29.49 10.85 12.03
N THR C 137 28.82 10.84 13.17
CA THR C 137 28.74 9.65 14.00
C THR C 137 28.12 8.48 13.26
N ARG C 138 27.03 8.71 12.53
CA ARG C 138 26.36 7.63 11.77
C ARG C 138 26.30 7.94 10.29
N PRO C 139 27.19 7.33 9.49
CA PRO C 139 27.23 7.54 8.05
C PRO C 139 26.00 7.12 7.27
N ARG C 140 25.11 6.39 7.92
CA ARG C 140 23.89 5.99 7.22
C ARG C 140 23.16 7.29 6.84
N ASN C 141 23.30 8.33 7.63
CA ASN C 141 22.54 9.53 7.36
C ASN C 141 23.15 10.54 6.41
N LEU C 142 23.80 9.98 5.39
CA LEU C 142 24.47 10.73 4.32
C LEU C 142 23.91 10.32 2.97
N SER C 143 23.86 11.28 2.02
CA SER C 143 23.37 11.00 0.67
C SER C 143 24.42 11.42 -0.34
N ARG C 144 24.90 10.50 -1.20
CA ARG C 144 25.95 10.87 -2.16
C ARG C 144 25.52 11.97 -3.08
N ILE C 145 26.28 13.04 -3.19
CA ILE C 145 25.88 14.13 -4.07
C ILE C 145 26.34 13.88 -5.48
N PRO C 146 25.41 13.90 -6.41
CA PRO C 146 25.66 13.67 -7.83
C PRO C 146 26.74 14.64 -8.28
N ASP C 147 27.61 14.17 -9.16
CA ASP C 147 28.69 15.01 -9.65
C ASP C 147 28.30 16.34 -10.26
N ASN C 148 27.20 16.36 -10.98
CA ASN C 148 26.77 17.60 -11.62
C ASN C 148 26.04 18.54 -10.69
N VAL C 149 26.13 18.28 -9.39
CA VAL C 149 25.44 19.14 -8.44
C VAL C 149 26.40 19.83 -7.52
N SER C 150 26.37 21.15 -7.54
CA SER C 150 27.21 21.94 -6.68
C SER C 150 26.92 21.62 -5.21
N ALA C 151 27.95 21.85 -4.39
CA ALA C 151 27.81 21.63 -2.96
C ALA C 151 26.80 22.64 -2.38
N ASP C 152 26.60 23.77 -3.05
CA ASP C 152 25.66 24.76 -2.57
C ASP C 152 24.24 24.32 -2.87
N VAL C 153 24.03 23.84 -4.08
CA VAL C 153 22.72 23.43 -4.43
C VAL C 153 22.32 22.29 -3.51
N ALA C 154 23.21 21.32 -3.30
CA ALA C 154 22.90 20.20 -2.41
C ALA C 154 22.44 20.72 -1.03
N ALA C 155 23.30 21.51 -0.41
CA ALA C 155 22.97 22.08 0.87
C ALA C 155 21.55 22.70 0.89
N ALA C 156 21.20 23.42 -0.17
CA ALA C 156 19.89 24.06 -0.28
C ALA C 156 18.75 23.02 -0.15
N SER C 157 18.95 21.91 -0.86
CA SER C 157 18.01 20.81 -0.90
C SER C 157 17.73 20.01 0.37
N THR C 158 18.69 19.97 1.30
CA THR C 158 18.52 19.19 2.51
C THR C 158 17.32 19.52 3.38
N ASP C 159 16.73 20.69 3.18
CA ASP C 159 15.52 20.99 3.92
C ASP C 159 14.58 21.59 2.89
N ALA C 160 15.00 22.67 2.27
CA ALA C 160 14.13 23.36 1.35
C ALA C 160 13.38 22.52 0.33
N VAL C 161 14.07 21.51 -0.17
CA VAL C 161 13.50 20.60 -1.16
C VAL C 161 13.11 19.29 -0.48
N LEU C 162 14.01 18.69 0.28
CA LEU C 162 13.70 17.46 1.02
C LEU C 162 12.37 17.51 1.76
N THR C 163 12.12 18.52 2.58
CA THR C 163 10.85 18.54 3.29
C THR C 163 9.61 18.41 2.43
N PRO C 164 9.48 19.24 1.38
CA PRO C 164 8.31 19.14 0.49
C PRO C 164 8.24 17.82 -0.29
N TYR C 165 9.36 17.34 -0.80
CA TYR C 165 9.41 16.08 -1.52
C TYR C 165 8.89 14.97 -0.61
N HIS C 166 9.35 14.93 0.62
CA HIS C 166 8.89 13.88 1.50
C HIS C 166 7.40 13.90 1.65
N ALA C 167 6.83 15.10 1.83
CA ALA C 167 5.38 15.29 1.99
C ALA C 167 4.57 14.89 0.78
N ILE C 168 5.02 15.35 -0.39
CA ILE C 168 4.36 15.02 -1.63
C ILE C 168 4.44 13.53 -1.91
N LYS C 169 5.56 12.89 -1.60
CA LYS C 169 5.64 11.46 -1.84
C LYS C 169 4.68 10.78 -0.90
N MET C 170 4.60 11.29 0.33
CA MET C 170 3.70 10.72 1.32
C MET C 170 2.28 10.75 0.78
N ALA C 171 1.97 11.77 0.02
CA ALA C 171 0.62 11.95 -0.53
C ALA C 171 0.30 11.12 -1.76
N GLN C 172 1.35 10.49 -2.28
CA GLN C 172 1.31 9.66 -3.47
C GLN C 172 0.74 10.37 -4.67
N VAL C 173 1.22 11.57 -4.90
CA VAL C 173 0.81 12.38 -6.03
C VAL C 173 1.27 11.69 -7.30
N SER C 174 0.38 11.66 -8.29
CA SER C 174 0.68 11.01 -9.58
C SER C 174 0.34 11.99 -10.72
N PRO C 175 0.47 11.57 -11.98
CA PRO C 175 0.17 12.49 -13.07
C PRO C 175 -1.30 12.82 -13.23
N THR C 176 -2.11 12.02 -12.55
CA THR C 176 -3.55 12.18 -12.59
C THR C 176 -4.05 12.97 -11.40
N SER C 177 -3.13 13.27 -10.50
CA SER C 177 -3.46 14.08 -9.34
C SER C 177 -3.88 15.54 -9.71
N ASN C 178 -4.65 16.13 -8.82
CA ASN C 178 -5.07 17.50 -8.95
C ASN C 178 -4.92 18.07 -7.55
N ILE C 179 -3.80 18.74 -7.33
CA ILE C 179 -3.54 19.25 -6.00
C ILE C 179 -3.69 20.73 -5.83
N LEU C 180 -3.81 21.12 -4.56
CA LEU C 180 -3.94 22.50 -4.13
C LEU C 180 -2.77 22.83 -3.21
N LEU C 181 -2.11 23.96 -3.43
CA LEU C 181 -0.98 24.37 -2.59
C LEU C 181 -1.31 25.69 -2.00
N ILE C 182 -1.25 25.82 -0.68
CA ILE C 182 -1.53 27.11 -0.07
C ILE C 182 -0.22 27.72 0.53
N GLY C 183 0.33 28.76 -0.10
CA GLY C 183 1.54 29.36 0.41
C GLY C 183 2.76 29.01 -0.42
N ALA C 184 2.95 29.74 -1.51
CA ALA C 184 4.10 29.51 -2.39
C ALA C 184 5.40 30.25 -2.00
N GLY C 185 5.44 30.88 -0.83
CA GLY C 185 6.64 31.59 -0.42
C GLY C 185 7.61 30.65 0.28
N GLY C 186 7.25 30.29 1.50
CA GLY C 186 8.10 29.43 2.34
C GLY C 186 8.19 27.98 1.92
N LEU C 187 9.36 27.60 1.40
CA LEU C 187 9.69 26.24 0.89
C LEU C 187 8.70 25.93 -0.24
N GLY C 188 7.45 26.37 -0.03
CA GLY C 188 6.37 26.19 -0.96
C GLY C 188 6.75 26.47 -2.40
N GLY C 189 7.90 27.12 -2.62
CA GLY C 189 8.35 27.41 -3.98
C GLY C 189 8.80 26.14 -4.66
N ASN C 190 9.68 25.40 -3.95
CA ASN C 190 10.20 24.14 -4.44
C ASN C 190 9.10 23.15 -4.51
N ALA C 191 8.10 23.30 -3.66
CA ALA C 191 6.97 22.38 -3.65
C ALA C 191 6.35 22.29 -5.02
N ILE C 192 6.14 23.44 -5.64
CA ILE C 192 5.55 23.45 -6.96
C ILE C 192 6.34 22.64 -7.98
N GLN C 193 7.65 22.80 -8.01
CA GLN C 193 8.45 22.06 -8.98
C GLN C 193 8.44 20.55 -8.76
N VAL C 194 8.44 20.19 -7.49
CA VAL C 194 8.45 18.83 -7.06
C VAL C 194 7.16 18.22 -7.45
N ALA C 195 6.05 18.93 -7.20
CA ALA C 195 4.71 18.43 -7.57
C ALA C 195 4.63 18.20 -9.09
N LYS C 196 5.13 19.17 -9.85
CA LYS C 196 5.11 19.05 -11.27
C LYS C 196 6.01 17.91 -11.71
N ALA C 197 7.10 17.66 -11.01
CA ALA C 197 7.98 16.57 -11.40
C ALA C 197 7.28 15.21 -11.34
N PHE C 198 6.19 15.14 -10.58
CA PHE C 198 5.42 13.92 -10.42
C PHE C 198 4.36 13.88 -11.48
N GLY C 199 4.21 15.00 -12.18
CA GLY C 199 3.24 15.11 -13.26
C GLY C 199 1.85 15.59 -12.89
N ALA C 200 1.69 16.09 -11.67
CA ALA C 200 0.43 16.56 -11.15
C ALA C 200 -0.04 17.89 -11.69
N LYS C 201 -1.32 18.15 -11.51
CA LYS C 201 -1.92 19.39 -11.93
C LYS C 201 -1.99 20.16 -10.62
N VAL C 202 -1.19 21.22 -10.56
CA VAL C 202 -1.03 22.05 -9.40
C VAL C 202 -1.82 23.35 -9.38
N THR C 203 -2.65 23.55 -8.36
CA THR C 203 -3.38 24.82 -8.23
C THR C 203 -2.82 25.48 -6.98
N VAL C 204 -2.21 26.67 -7.15
CA VAL C 204 -1.62 27.44 -6.04
C VAL C 204 -2.55 28.55 -5.53
N LEU C 205 -2.48 28.80 -4.24
CA LEU C 205 -3.28 29.80 -3.57
C LEU C 205 -2.36 30.60 -2.66
N ASP C 206 -2.23 31.92 -2.90
CA ASP C 206 -1.37 32.80 -2.08
C ASP C 206 -1.97 34.22 -2.00
N LYS C 207 -1.76 34.89 -0.86
CA LYS C 207 -2.26 36.27 -0.67
C LYS C 207 -1.32 37.29 -1.35
N LYS C 208 -0.02 37.16 -1.08
CA LYS C 208 1.02 38.01 -1.66
C LYS C 208 1.07 37.91 -3.20
N LYS C 209 1.19 39.04 -3.88
CA LYS C 209 1.26 38.99 -5.33
C LYS C 209 2.56 38.41 -5.88
N GLU C 210 3.70 38.66 -5.26
CA GLU C 210 4.98 38.09 -5.76
C GLU C 210 4.88 36.57 -5.73
N ALA C 211 4.51 36.06 -4.56
CA ALA C 211 4.37 34.63 -4.35
C ALA C 211 3.61 34.02 -5.52
N ARG C 212 2.53 34.68 -5.93
CA ARG C 212 1.72 34.19 -7.05
C ARG C 212 2.45 34.25 -8.39
N ASP C 213 3.16 35.34 -8.64
CA ASP C 213 3.86 35.50 -9.89
C ASP C 213 4.92 34.43 -9.98
N GLN C 214 5.66 34.24 -8.90
CA GLN C 214 6.69 33.22 -8.86
C GLN C 214 6.08 31.89 -9.28
N ALA C 215 4.98 31.53 -8.63
CA ALA C 215 4.26 30.28 -8.89
C ALA C 215 3.99 30.08 -10.36
N LYS C 216 3.53 31.13 -11.01
CA LYS C 216 3.23 31.06 -12.42
C LYS C 216 4.48 30.65 -13.17
N LYS C 217 5.53 31.42 -12.98
CA LYS C 217 6.82 31.18 -13.64
C LYS C 217 7.36 29.78 -13.36
N LEU C 218 7.03 29.26 -12.17
CA LEU C 218 7.50 27.94 -11.73
C LEU C 218 6.76 26.73 -12.29
N GLY C 219 5.67 27.00 -13.00
CA GLY C 219 4.89 25.95 -13.64
C GLY C 219 3.54 25.59 -13.05
N ALA C 220 3.05 26.45 -12.18
CA ALA C 220 1.78 26.21 -11.52
C ALA C 220 0.73 26.21 -12.60
N ASP C 221 -0.23 25.30 -12.50
CA ASP C 221 -1.25 25.26 -13.50
C ASP C 221 -2.27 26.40 -13.31
N ALA C 222 -2.64 26.72 -12.08
CA ALA C 222 -3.58 27.81 -11.83
C ALA C 222 -3.08 28.51 -10.60
N VAL C 223 -3.25 29.84 -10.55
CA VAL C 223 -2.79 30.62 -9.41
C VAL C 223 -3.92 31.58 -9.03
N TYR C 224 -4.26 31.64 -7.73
CA TYR C 224 -5.34 32.52 -7.29
C TYR C 224 -5.05 33.21 -5.97
N GLU C 225 -5.68 34.37 -5.81
CA GLU C 225 -5.56 35.20 -4.61
C GLU C 225 -6.55 34.52 -3.66
N THR C 226 -7.71 34.21 -4.21
CA THR C 226 -8.81 33.56 -3.52
C THR C 226 -9.36 32.55 -4.50
N LEU C 227 -9.66 31.35 -4.01
CA LEU C 227 -10.18 30.34 -4.87
C LEU C 227 -11.53 30.83 -5.39
N PRO C 228 -11.69 30.86 -6.73
CA PRO C 228 -12.88 31.28 -7.51
C PRO C 228 -14.07 30.44 -7.18
N GLU C 229 -15.25 30.93 -7.52
CA GLU C 229 -16.44 30.15 -7.24
C GLU C 229 -16.60 29.07 -8.29
N SER C 230 -15.95 29.25 -9.44
CA SER C 230 -16.03 28.24 -10.49
C SER C 230 -15.36 26.95 -10.06
N ILE C 231 -14.35 27.07 -9.18
CA ILE C 231 -13.62 25.93 -8.66
C ILE C 231 -14.55 25.30 -7.67
N SER C 232 -14.92 24.08 -8.00
CA SER C 232 -15.86 23.25 -7.27
C SER C 232 -15.32 22.64 -5.98
N PRO C 233 -16.13 22.60 -4.91
CA PRO C 233 -15.69 22.03 -3.62
C PRO C 233 -15.40 20.55 -3.70
N GLY C 234 -14.61 20.05 -2.75
CA GLY C 234 -14.27 18.64 -2.69
C GLY C 234 -13.86 18.07 -4.02
N SER C 235 -12.89 18.70 -4.66
CA SER C 235 -12.42 18.29 -5.95
C SER C 235 -10.88 18.12 -6.05
N PHE C 236 -10.14 18.35 -4.97
CA PHE C 236 -8.68 18.20 -5.03
C PHE C 236 -8.28 16.93 -4.36
N SER C 237 -7.38 16.17 -5.00
CA SER C 237 -6.93 14.88 -4.47
C SER C 237 -6.08 15.08 -3.24
N ALA C 238 -5.38 16.22 -3.19
CA ALA C 238 -4.54 16.51 -2.06
C ALA C 238 -4.37 18.00 -1.87
N CYS C 239 -4.37 18.42 -0.61
CA CYS C 239 -4.17 19.81 -0.24
C CYS C 239 -3.00 19.98 0.66
N PHE C 240 -2.05 20.82 0.26
CA PHE C 240 -0.90 21.09 1.09
C PHE C 240 -0.95 22.49 1.70
N ASP C 241 -1.25 22.61 2.99
CA ASP C 241 -1.31 23.93 3.62
C ASP C 241 0.06 24.27 4.17
N PHE C 242 0.69 25.22 3.52
CA PHE C 242 2.00 25.68 3.93
C PHE C 242 1.94 26.82 4.93
N VAL C 243 0.74 27.36 5.09
CA VAL C 243 0.43 28.43 6.03
C VAL C 243 -0.03 27.76 7.33
N SER C 244 -1.01 26.88 7.21
CA SER C 244 -1.52 26.13 8.36
C SER C 244 -2.05 26.98 9.50
N VAL C 245 -3.18 27.60 9.20
CA VAL C 245 -3.91 28.47 10.10
C VAL C 245 -5.34 27.97 10.06
N GLN C 246 -6.09 28.08 11.16
CA GLN C 246 -7.45 27.58 11.12
C GLN C 246 -8.12 27.93 9.78
N ALA C 247 -7.89 29.15 9.33
CA ALA C 247 -8.46 29.62 8.07
C ALA C 247 -8.13 28.77 6.84
N THR C 248 -6.83 28.62 6.62
CA THR C 248 -6.30 27.87 5.50
C THR C 248 -6.62 26.38 5.58
N PHE C 249 -6.56 25.81 6.78
CA PHE C 249 -6.90 24.41 6.91
C PHE C 249 -8.36 24.23 6.50
N ASP C 250 -9.22 25.18 6.87
CA ASP C 250 -10.65 25.12 6.54
C ASP C 250 -10.88 25.09 5.06
N VAL C 251 -10.02 25.75 4.32
CA VAL C 251 -10.11 25.80 2.88
C VAL C 251 -9.78 24.43 2.30
N CYS C 252 -8.79 23.79 2.90
CA CYS C 252 -8.37 22.47 2.49
C CYS C 252 -9.48 21.50 2.70
N GLN C 253 -10.05 21.46 3.89
CA GLN C 253 -11.13 20.53 4.17
C GLN C 253 -12.38 20.79 3.34
N LYS C 254 -12.49 22.01 2.86
CA LYS C 254 -13.63 22.38 2.04
C LYS C 254 -13.45 21.92 0.61
N TYR C 255 -12.24 22.11 0.11
CA TYR C 255 -11.89 21.78 -1.26
C TYR C 255 -11.24 20.41 -1.56
N VAL C 256 -10.83 19.67 -0.54
CA VAL C 256 -10.25 18.35 -0.75
C VAL C 256 -11.42 17.42 -1.09
N GLU C 257 -11.20 16.46 -1.99
CA GLU C 257 -12.26 15.53 -2.37
C GLU C 257 -12.41 14.35 -1.41
N PRO C 258 -13.44 13.53 -1.61
CA PRO C 258 -13.61 12.40 -0.71
C PRO C 258 -12.38 11.51 -0.77
N LYS C 259 -12.01 10.95 0.37
CA LYS C 259 -10.85 10.11 0.49
C LYS C 259 -9.54 10.84 0.19
N GLY C 260 -9.62 12.16 0.07
CA GLY C 260 -8.46 13.00 -0.17
C GLY C 260 -7.48 13.18 0.99
N VAL C 261 -6.46 13.98 0.78
CA VAL C 261 -5.41 14.18 1.77
C VAL C 261 -5.23 15.65 2.07
N ILE C 262 -5.20 16.00 3.36
CA ILE C 262 -4.95 17.38 3.78
C ILE C 262 -3.65 17.30 4.52
N MET C 263 -2.67 18.05 4.06
CA MET C 263 -1.38 17.98 4.72
C MET C 263 -0.90 19.34 5.23
N PRO C 264 -1.11 19.56 6.54
CA PRO C 264 -0.76 20.76 7.28
C PRO C 264 0.75 20.82 7.43
N VAL C 265 1.39 21.38 6.42
CA VAL C 265 2.81 21.46 6.45
C VAL C 265 3.37 22.84 6.70
N GLY C 266 2.62 23.62 7.45
CA GLY C 266 3.06 24.96 7.82
C GLY C 266 3.24 25.03 9.31
N LEU C 267 3.60 26.20 9.81
CA LEU C 267 3.78 26.34 11.26
C LEU C 267 2.91 27.50 11.81
N GLY C 268 1.86 27.86 11.07
CA GLY C 268 1.01 28.98 11.46
C GLY C 268 0.10 29.00 12.68
N ALA C 269 -0.06 27.88 13.35
CA ALA C 269 -0.94 27.82 14.53
C ALA C 269 -0.48 26.60 15.28
N PRO C 270 -0.60 26.61 16.59
CA PRO C 270 -0.15 25.46 17.37
C PRO C 270 -1.15 24.29 17.34
N ASN C 271 -2.40 24.64 17.09
CA ASN C 271 -3.50 23.71 17.04
C ASN C 271 -4.39 24.04 15.83
N LEU C 272 -5.09 23.06 15.30
CA LEU C 272 -5.99 23.31 14.18
C LEU C 272 -7.10 22.39 14.47
N SER C 273 -8.28 22.78 14.05
CA SER C 273 -9.43 21.96 14.28
C SER C 273 -10.03 21.57 12.94
N PHE C 274 -10.69 20.42 12.92
CA PHE C 274 -11.32 19.95 11.72
C PHE C 274 -12.77 19.64 12.07
N ASN C 275 -13.64 19.60 11.08
CA ASN C 275 -15.04 19.27 11.30
C ASN C 275 -15.17 17.72 11.30
N LEU C 276 -15.42 17.10 12.47
CA LEU C 276 -15.56 15.64 12.57
C LEU C 276 -16.54 15.02 11.58
N GLY C 277 -17.75 15.56 11.53
CA GLY C 277 -18.72 15.03 10.61
C GLY C 277 -18.26 14.98 9.17
N ASP C 278 -17.68 16.07 8.65
CA ASP C 278 -17.20 16.05 7.26
C ASP C 278 -16.02 15.09 7.04
N LEU C 279 -15.01 15.14 7.92
CA LEU C 279 -13.82 14.28 7.81
C LEU C 279 -14.17 12.79 7.78
N ALA C 280 -15.14 12.42 8.62
CA ALA C 280 -15.58 11.04 8.72
C ALA C 280 -16.46 10.66 7.54
N LEU C 281 -17.52 11.42 7.30
CA LEU C 281 -18.42 11.10 6.20
C LEU C 281 -17.76 11.04 4.80
N ARG C 282 -16.69 11.79 4.58
CA ARG C 282 -16.01 11.78 3.29
C ARG C 282 -14.62 11.12 3.33
N GLU C 283 -14.34 10.36 4.39
CA GLU C 283 -13.11 9.65 4.61
C GLU C 283 -11.84 10.40 4.38
N ILE C 284 -11.90 11.72 4.67
CA ILE C 284 -10.74 12.62 4.54
C ILE C 284 -9.58 12.15 5.44
N ARG C 285 -8.34 12.23 4.94
CA ARG C 285 -7.20 11.80 5.69
C ARG C 285 -6.29 13.02 5.97
N ILE C 286 -5.88 13.22 7.22
CA ILE C 286 -4.96 14.30 7.54
C ILE C 286 -3.65 13.61 7.88
N LEU C 287 -2.64 13.79 7.05
CA LEU C 287 -1.39 13.13 7.31
C LEU C 287 -0.33 14.10 7.72
N GLY C 288 0.36 13.84 8.82
CA GLY C 288 1.41 14.74 9.22
C GLY C 288 2.72 14.26 8.65
N SER C 289 3.53 15.18 8.15
CA SER C 289 4.83 14.80 7.64
C SER C 289 5.89 15.73 8.23
N PHE C 290 7.12 15.27 8.27
CA PHE C 290 8.17 16.04 8.88
C PHE C 290 9.56 15.82 8.24
N TRP C 291 10.10 16.89 7.64
CA TRP C 291 11.41 16.81 7.01
C TRP C 291 11.44 15.67 6.00
N GLY C 292 12.45 14.81 6.08
CA GLY C 292 12.57 13.69 5.14
C GLY C 292 13.44 12.53 5.59
N THR C 293 13.37 11.41 4.88
CA THR C 293 14.19 10.24 5.25
C THR C 293 15.50 10.30 4.49
N THR C 294 16.40 9.39 4.83
CA THR C 294 17.69 9.36 4.18
C THR C 294 17.43 9.01 2.72
N ASN C 295 16.57 8.01 2.48
CA ASN C 295 16.27 7.65 1.09
C ASN C 295 15.63 8.81 0.34
N ASP C 296 14.73 9.54 0.98
CA ASP C 296 14.14 10.70 0.33
C ASP C 296 15.22 11.63 -0.22
N LEU C 297 16.19 12.00 0.60
CA LEU C 297 17.27 12.87 0.14
C LEU C 297 17.94 12.28 -1.06
N ASP C 298 18.10 10.94 -1.13
CA ASP C 298 18.69 10.23 -2.29
C ASP C 298 17.86 10.63 -3.53
N ASP C 299 16.53 10.49 -3.39
CA ASP C 299 15.55 10.83 -4.46
C ASP C 299 15.65 12.33 -4.80
N VAL C 300 15.73 13.17 -3.77
CA VAL C 300 15.82 14.61 -3.95
C VAL C 300 17.06 15.00 -4.75
N LEU C 301 18.20 14.38 -4.52
CA LEU C 301 19.35 14.74 -5.31
C LEU C 301 19.21 14.18 -6.75
N LYS C 302 18.62 12.99 -6.92
CA LYS C 302 18.45 12.44 -8.26
C LYS C 302 17.57 13.43 -9.00
N LEU C 303 16.60 14.04 -8.32
CA LEU C 303 15.74 15.03 -9.01
C LEU C 303 16.41 16.39 -9.31
N VAL C 304 17.26 16.84 -8.41
CA VAL C 304 17.93 18.12 -8.62
C VAL C 304 18.96 17.96 -9.72
N SER C 305 19.67 16.82 -9.69
CA SER C 305 20.70 16.48 -10.66
C SER C 305 20.05 16.38 -12.01
N GLU C 306 18.88 15.78 -12.04
CA GLU C 306 18.12 15.61 -13.29
C GLU C 306 17.50 16.91 -13.77
N GLY C 307 17.68 17.98 -13.00
CA GLY C 307 17.15 19.29 -13.36
C GLY C 307 15.65 19.48 -13.28
N LYS C 308 14.97 18.56 -12.62
CA LYS C 308 13.50 18.62 -12.46
C LYS C 308 13.16 19.64 -11.32
N VAL C 309 14.13 19.92 -10.48
CA VAL C 309 13.99 20.89 -9.41
C VAL C 309 15.29 21.68 -9.35
N LYS C 310 15.18 23.01 -9.44
CA LYS C 310 16.33 23.87 -9.39
C LYS C 310 16.11 24.78 -8.20
N PRO C 311 16.82 24.53 -7.10
CA PRO C 311 16.55 25.45 -5.98
C PRO C 311 17.35 26.74 -6.12
N VAL C 312 16.79 27.81 -5.55
CA VAL C 312 17.39 29.15 -5.60
C VAL C 312 18.30 29.52 -4.43
N VAL C 313 19.63 29.51 -4.61
CA VAL C 313 20.52 29.88 -3.50
C VAL C 313 21.65 30.81 -3.85
N ARG C 314 22.04 31.60 -2.85
CA ARG C 314 23.15 32.56 -3.00
C ARG C 314 24.24 32.26 -1.96
N SER C 315 25.49 32.18 -2.42
CA SER C 315 26.65 31.88 -1.56
C SER C 315 27.07 32.97 -0.60
N ALA C 316 28.02 32.64 0.27
CA ALA C 316 28.51 33.61 1.25
C ALA C 316 29.61 32.99 2.09
N LYS C 317 30.67 33.75 2.40
CA LYS C 317 31.76 33.24 3.23
C LYS C 317 31.06 32.93 4.55
N LEU C 318 31.36 31.77 5.14
CA LEU C 318 30.68 31.37 6.38
C LEU C 318 30.67 32.43 7.47
N LYS C 319 31.82 33.04 7.69
CA LYS C 319 31.95 34.07 8.71
C LYS C 319 30.90 35.22 8.54
N GLU C 320 30.29 35.32 7.35
CA GLU C 320 29.28 36.35 7.04
C GLU C 320 27.93 35.98 7.62
N LEU C 321 27.84 34.78 8.22
CA LEU C 321 26.60 34.28 8.79
C LEU C 321 25.80 35.25 9.69
N PRO C 322 26.42 35.75 10.75
CA PRO C 322 25.76 36.66 11.67
C PRO C 322 24.86 37.70 11.05
N GLU C 323 25.33 38.33 9.98
CA GLU C 323 24.56 39.38 9.32
C GLU C 323 23.36 38.83 8.59
N TYR C 324 23.54 37.72 7.89
CA TYR C 324 22.42 37.12 7.17
C TYR C 324 21.31 36.69 8.11
N ILE C 325 21.70 36.32 9.33
CA ILE C 325 20.74 35.92 10.32
C ILE C 325 19.91 37.13 10.79
N GLU C 326 20.53 38.33 10.85
CA GLU C 326 19.79 39.52 11.28
C GLU C 326 18.88 39.96 10.15
N LYS C 327 19.32 39.74 8.92
CA LYS C 327 18.53 40.08 7.75
C LYS C 327 17.28 39.20 7.77
N LEU C 328 17.49 37.88 7.80
CA LEU C 328 16.38 36.93 7.82
C LEU C 328 15.50 37.11 9.05
N ARG C 329 16.08 37.56 10.16
CA ARG C 329 15.32 37.73 11.39
C ARG C 329 14.15 38.72 11.20
N ASN C 330 14.35 39.68 10.29
CA ASN C 330 13.34 40.69 9.98
C ASN C 330 12.86 40.40 8.57
N ASN C 331 12.88 39.11 8.22
CA ASN C 331 12.49 38.63 6.90
C ASN C 331 12.87 39.58 5.78
N ALA C 332 14.09 40.10 5.89
CA ALA C 332 14.67 41.02 4.92
C ALA C 332 15.28 40.28 3.69
N TYR C 333 15.30 38.93 3.72
CA TYR C 333 15.81 38.05 2.63
C TYR C 333 14.96 36.80 2.54
N GLU C 334 14.64 36.38 1.32
CA GLU C 334 13.77 35.22 1.15
C GLU C 334 14.19 34.30 0.00
N GLY C 335 15.50 34.21 -0.22
CA GLY C 335 16.02 33.33 -1.23
C GLY C 335 17.09 32.60 -0.46
N ARG C 336 16.87 31.31 -0.19
CA ARG C 336 17.85 30.49 0.56
C ARG C 336 19.30 31.03 0.45
N VAL C 337 20.02 31.00 1.58
CA VAL C 337 21.41 31.47 1.56
C VAL C 337 22.28 30.35 2.05
N VAL C 338 23.23 29.89 1.24
CA VAL C 338 24.13 28.83 1.73
C VAL C 338 25.42 29.52 2.10
N PHE C 339 26.19 28.91 2.99
CA PHE C 339 27.45 29.51 3.40
C PHE C 339 28.55 28.55 3.19
N ASN C 340 29.65 29.07 2.71
CA ASN C 340 30.81 28.24 2.47
C ASN C 340 31.78 28.48 3.61
N PRO C 341 32.16 27.43 4.36
CA PRO C 341 33.10 27.69 5.45
C PRO C 341 34.53 27.67 4.95
N SER D 7 -46.17 -16.12 -4.10
CA SER D 7 -47.41 -15.33 -3.78
C SER D 7 -47.04 -13.96 -3.21
N ILE D 8 -46.58 -13.06 -4.09
CA ILE D 8 -46.16 -11.69 -3.74
C ILE D 8 -47.35 -10.69 -3.72
N PRO D 9 -47.71 -10.13 -2.54
CA PRO D 9 -48.83 -9.20 -2.52
C PRO D 9 -48.54 -7.95 -3.37
N SER D 10 -49.48 -7.00 -3.34
CA SER D 10 -49.35 -5.75 -4.10
C SER D 10 -49.60 -4.55 -3.18
N SER D 11 -49.87 -4.87 -1.91
CA SER D 11 -50.10 -3.91 -0.87
C SER D 11 -49.27 -4.46 0.29
N GLN D 12 -48.76 -3.58 1.16
CA GLN D 12 -47.93 -4.00 2.30
C GLN D 12 -47.90 -2.93 3.39
N TYR D 13 -47.45 -3.30 4.60
CA TYR D 13 -47.37 -2.35 5.72
C TYR D 13 -45.92 -1.93 5.93
N GLY D 14 -45.71 -0.80 6.59
CA GLY D 14 -44.35 -0.35 6.83
C GLY D 14 -44.35 0.99 7.53
N PHE D 15 -43.20 1.42 8.03
CA PHE D 15 -43.13 2.72 8.68
C PHE D 15 -42.41 3.74 7.81
N VAL D 16 -43.15 4.75 7.35
CA VAL D 16 -42.61 5.80 6.52
C VAL D 16 -42.19 6.97 7.40
N PHE D 17 -41.29 7.80 6.90
CA PHE D 17 -40.87 8.94 7.66
C PHE D 17 -41.16 10.17 6.87
N ASN D 18 -41.82 11.10 7.52
CA ASN D 18 -42.15 12.34 6.88
C ASN D 18 -41.68 13.45 7.84
N LYS D 19 -41.01 14.48 7.33
CA LYS D 19 -40.51 15.57 8.18
C LYS D 19 -41.61 16.28 8.96
N GLN D 20 -42.84 16.21 8.43
CA GLN D 20 -44.05 16.81 9.02
C GLN D 20 -44.64 15.91 10.14
N SER D 21 -44.99 14.65 9.79
CA SER D 21 -45.61 13.69 10.72
C SER D 21 -44.70 12.71 11.48
N GLY D 22 -43.38 12.80 11.31
CA GLY D 22 -42.47 11.88 11.97
C GLY D 22 -42.56 10.48 11.36
N LEU D 23 -42.27 9.45 12.16
CA LEU D 23 -42.36 8.10 11.63
C LEU D 23 -43.76 7.57 11.95
N LYS D 24 -44.55 7.22 10.94
CA LYS D 24 -45.89 6.71 11.19
C LYS D 24 -46.18 5.44 10.41
N LEU D 25 -46.83 4.49 11.06
CA LEU D 25 -47.17 3.22 10.40
C LEU D 25 -48.18 3.41 9.23
N ARG D 26 -48.07 2.59 8.19
CA ARG D 26 -48.98 2.67 7.02
C ARG D 26 -49.25 1.32 6.41
N ASN D 27 -50.55 1.02 6.25
CA ASN D 27 -51.02 -0.26 5.71
C ASN D 27 -51.36 -0.22 4.23
N ASP D 28 -51.13 0.93 3.61
CA ASP D 28 -51.41 1.16 2.19
C ASP D 28 -50.16 1.25 1.31
N LEU D 29 -49.02 0.73 1.77
CA LEU D 29 -47.77 0.81 1.00
C LEU D 29 -47.71 -0.09 -0.21
N PRO D 30 -47.25 0.45 -1.32
CA PRO D 30 -47.15 -0.30 -2.57
C PRO D 30 -46.14 -1.43 -2.44
N VAL D 31 -46.07 -2.30 -3.45
CA VAL D 31 -45.10 -3.42 -3.50
C VAL D 31 -44.47 -3.46 -4.90
N HIS D 32 -43.72 -2.40 -5.24
CA HIS D 32 -43.10 -2.26 -6.55
C HIS D 32 -42.62 -3.56 -7.19
N LYS D 33 -42.94 -3.72 -8.46
CA LYS D 33 -42.47 -4.92 -9.11
C LYS D 33 -41.15 -4.47 -9.73
N PRO D 34 -40.19 -5.39 -9.76
CA PRO D 34 -38.85 -5.16 -10.29
C PRO D 34 -38.72 -4.81 -11.76
N LYS D 35 -38.34 -3.56 -12.05
CA LYS D 35 -38.06 -3.17 -13.45
C LYS D 35 -36.87 -4.10 -13.70
N ALA D 36 -36.49 -4.37 -14.95
CA ALA D 36 -35.34 -5.28 -15.17
C ALA D 36 -34.09 -4.72 -14.49
N GLY D 37 -33.22 -5.59 -14.00
CA GLY D 37 -32.04 -5.08 -13.31
C GLY D 37 -32.30 -4.87 -11.82
N GLN D 38 -33.56 -4.57 -11.46
CA GLN D 38 -33.92 -4.38 -10.08
C GLN D 38 -34.27 -5.74 -9.45
N LEU D 39 -34.67 -5.71 -8.19
CA LEU D 39 -34.96 -6.93 -7.47
C LEU D 39 -35.84 -6.58 -6.26
N LEU D 40 -36.71 -7.52 -5.86
CA LEU D 40 -37.60 -7.31 -4.73
C LEU D 40 -37.15 -8.17 -3.56
N LEU D 41 -36.96 -7.54 -2.39
CA LEU D 41 -36.48 -8.24 -1.22
C LEU D 41 -37.50 -8.36 -0.14
N LYS D 42 -37.80 -9.58 0.26
CA LYS D 42 -38.73 -9.75 1.36
C LYS D 42 -37.91 -9.54 2.64
N VAL D 43 -38.22 -8.49 3.39
CA VAL D 43 -37.49 -8.19 4.62
C VAL D 43 -37.72 -9.26 5.69
N ASP D 44 -36.63 -9.74 6.27
CA ASP D 44 -36.70 -10.77 7.32
C ASP D 44 -36.34 -10.17 8.66
N ALA D 45 -35.39 -9.26 8.68
CA ALA D 45 -34.98 -8.62 9.93
C ALA D 45 -34.39 -7.22 9.66
N VAL D 46 -34.79 -6.26 10.46
CA VAL D 46 -34.27 -4.96 10.23
C VAL D 46 -33.91 -4.32 11.56
N GLY D 47 -32.65 -3.93 11.71
CA GLY D 47 -32.22 -3.37 12.96
C GLY D 47 -32.52 -1.91 13.17
N LEU D 48 -32.27 -1.52 14.39
CA LEU D 48 -32.48 -0.16 14.80
C LEU D 48 -31.31 0.30 15.62
N CYS D 49 -30.78 1.47 15.28
CA CYS D 49 -29.65 2.02 16.02
C CYS D 49 -29.81 3.52 16.21
N HIS D 50 -28.92 4.09 17.01
CA HIS D 50 -28.98 5.50 17.30
C HIS D 50 -29.15 6.35 16.05
N SER D 51 -28.44 6.00 14.98
CA SER D 51 -28.55 6.78 13.75
C SER D 51 -30.01 7.12 13.48
N ASP D 52 -30.85 6.08 13.42
CA ASP D 52 -32.25 6.23 13.12
C ASP D 52 -32.89 7.35 13.94
N LEU D 53 -32.49 7.47 15.21
CA LEU D 53 -33.01 8.51 16.12
C LEU D 53 -32.63 9.94 15.74
N ALA D 54 -31.44 10.11 15.16
CA ALA D 54 -31.04 11.43 14.76
C ALA D 54 -31.90 11.88 13.59
N VAL D 55 -32.38 10.94 12.77
CA VAL D 55 -33.24 11.27 11.62
C VAL D 55 -34.62 11.78 12.08
N ILE D 56 -35.17 11.11 13.09
CA ILE D 56 -36.49 11.39 13.68
C ILE D 56 -36.58 12.53 14.72
N TYR D 57 -35.66 12.53 15.70
CA TYR D 57 -35.68 13.58 16.71
C TYR D 57 -34.62 14.61 16.43
N GLU D 58 -33.36 14.27 16.63
CA GLU D 58 -32.28 15.22 16.41
C GLU D 58 -32.17 15.95 15.04
N GLY D 59 -33.17 15.82 14.17
CA GLY D 59 -33.14 16.52 12.89
C GLY D 59 -31.96 16.35 11.93
N LEU D 60 -31.66 15.12 11.55
CA LEU D 60 -30.61 14.87 10.59
C LEU D 60 -31.34 14.79 9.26
N ASP D 61 -30.93 15.65 8.33
CA ASP D 61 -31.61 15.68 7.04
C ASP D 61 -31.12 14.67 6.03
N CYS D 62 -32.00 13.73 5.67
CA CYS D 62 -31.66 12.72 4.70
C CYS D 62 -32.68 12.74 3.60
N GLY D 63 -33.63 13.66 3.76
CA GLY D 63 -34.68 13.78 2.77
C GLY D 63 -36.02 13.51 3.39
N ASP D 64 -36.98 13.15 2.51
CA ASP D 64 -38.35 12.87 2.92
C ASP D 64 -39.07 11.70 2.25
N ASN D 65 -39.95 11.11 3.05
CA ASN D 65 -40.80 10.01 2.63
C ASN D 65 -40.11 8.75 2.17
N TYR D 66 -39.58 8.01 3.14
CA TYR D 66 -38.91 6.76 2.87
C TYR D 66 -39.20 5.80 4.00
N VAL D 67 -39.28 4.52 3.69
CA VAL D 67 -39.46 3.53 4.75
C VAL D 67 -38.09 3.69 5.45
N MET D 68 -37.97 3.37 6.73
CA MET D 68 -36.66 3.56 7.34
C MET D 68 -35.96 2.28 7.74
N GLY D 69 -34.83 2.45 8.42
CA GLY D 69 -34.07 1.29 8.84
C GLY D 69 -33.09 0.89 7.77
N HIS D 70 -31.82 1.03 8.10
CA HIS D 70 -30.75 0.72 7.15
C HIS D 70 -30.05 -0.63 7.43
N GLU D 71 -30.26 -1.15 8.64
CA GLU D 71 -29.67 -2.40 9.01
C GLU D 71 -30.63 -3.45 8.51
N ILE D 72 -30.51 -3.80 7.24
CA ILE D 72 -31.43 -4.73 6.57
C ILE D 72 -30.95 -6.12 6.14
N ALA D 73 -31.76 -7.13 6.44
CA ALA D 73 -31.50 -8.52 6.04
C ALA D 73 -32.84 -9.06 5.51
N GLY D 74 -32.80 -9.85 4.44
CA GLY D 74 -34.05 -10.37 3.90
C GLY D 74 -33.83 -11.46 2.88
N THR D 75 -34.87 -11.82 2.14
CA THR D 75 -34.76 -12.86 1.12
C THR D 75 -35.25 -12.35 -0.23
N VAL D 76 -34.58 -12.78 -1.30
CA VAL D 76 -34.94 -12.37 -2.66
C VAL D 76 -36.29 -12.97 -2.98
N ALA D 77 -37.27 -12.11 -3.26
CA ALA D 77 -38.64 -12.55 -3.57
C ALA D 77 -39.01 -12.53 -5.06
N ALA D 78 -38.43 -11.63 -5.83
CA ALA D 78 -38.72 -11.51 -7.25
C ALA D 78 -37.56 -10.77 -7.86
N VAL D 79 -37.11 -11.19 -9.02
CA VAL D 79 -35.99 -10.50 -9.63
C VAL D 79 -36.41 -10.04 -11.01
N GLY D 80 -36.04 -8.82 -11.39
CA GLY D 80 -36.38 -8.34 -12.72
C GLY D 80 -35.62 -9.18 -13.72
N ASP D 81 -35.91 -9.00 -15.00
CA ASP D 81 -35.18 -9.80 -15.98
C ASP D 81 -33.84 -9.15 -15.97
N ASP D 82 -32.86 -9.82 -16.58
CA ASP D 82 -31.49 -9.31 -16.64
C ASP D 82 -30.72 -9.56 -15.31
N VAL D 83 -31.43 -9.88 -14.23
CA VAL D 83 -30.80 -10.17 -12.94
C VAL D 83 -30.30 -11.60 -12.93
N ILE D 84 -28.99 -11.78 -13.11
CA ILE D 84 -28.38 -13.11 -13.15
C ILE D 84 -27.52 -13.52 -11.93
N ASN D 85 -27.04 -12.54 -11.16
CA ASN D 85 -26.23 -12.90 -10.00
C ASN D 85 -27.09 -13.34 -8.82
N TYR D 86 -28.35 -12.92 -8.77
CA TYR D 86 -29.24 -13.33 -7.69
C TYR D 86 -30.45 -14.04 -8.29
N LYS D 87 -30.86 -15.14 -7.68
CA LYS D 87 -32.04 -15.90 -8.14
C LYS D 87 -33.05 -15.75 -6.98
N VAL D 88 -34.33 -16.02 -7.22
CA VAL D 88 -35.24 -15.89 -6.10
C VAL D 88 -34.80 -16.88 -5.02
N GLY D 89 -35.08 -16.57 -3.75
CA GLY D 89 -34.68 -17.43 -2.65
C GLY D 89 -33.41 -17.00 -1.92
N ASP D 90 -32.37 -16.59 -2.68
CA ASP D 90 -31.06 -16.13 -2.19
C ASP D 90 -31.28 -15.23 -0.97
N ARG D 91 -30.53 -15.45 0.10
CA ARG D 91 -30.68 -14.62 1.30
C ARG D 91 -29.65 -13.51 1.23
N VAL D 92 -30.05 -12.26 1.44
CA VAL D 92 -29.06 -11.19 1.37
C VAL D 92 -29.17 -10.10 2.43
N ALA D 93 -28.09 -9.31 2.54
CA ALA D 93 -28.03 -8.17 3.47
C ALA D 93 -27.80 -6.89 2.66
N CYS D 94 -28.29 -5.79 3.20
CA CYS D 94 -28.19 -4.52 2.52
C CYS D 94 -26.97 -3.72 2.91
N VAL D 95 -26.25 -3.28 1.89
CA VAL D 95 -25.07 -2.45 2.09
C VAL D 95 -25.63 -1.04 2.17
N GLY D 96 -25.75 -0.53 3.40
CA GLY D 96 -26.28 0.78 3.67
C GLY D 96 -26.11 1.93 2.70
N PRO D 97 -24.89 2.39 2.43
CA PRO D 97 -24.61 3.51 1.52
C PRO D 97 -25.24 3.42 0.14
N ASN D 98 -25.63 2.21 -0.27
CA ASN D 98 -26.25 1.94 -1.56
C ASN D 98 -25.50 2.65 -2.65
N GLY D 99 -24.17 2.59 -2.65
CA GLY D 99 -23.43 3.26 -3.71
C GLY D 99 -24.04 3.16 -5.12
N CYS D 100 -23.76 4.14 -5.99
CA CYS D 100 -24.30 4.19 -7.37
C CYS D 100 -23.78 3.12 -8.34
N GLY D 101 -22.63 2.54 -7.99
CA GLY D 101 -22.03 1.49 -8.80
C GLY D 101 -21.50 1.87 -10.17
N GLY D 102 -21.45 3.18 -10.45
CA GLY D 102 -21.00 3.65 -11.74
C GLY D 102 -20.07 4.84 -11.75
N CYS D 103 -19.71 5.41 -10.60
CA CYS D 103 -18.81 6.57 -10.57
C CYS D 103 -17.40 6.18 -10.19
N LYS D 104 -16.46 7.13 -10.25
CA LYS D 104 -15.06 6.83 -9.90
C LYS D 104 -14.88 6.27 -8.52
N TYR D 105 -15.73 6.66 -7.55
CA TYR D 105 -15.60 6.12 -6.19
C TYR D 105 -16.08 4.65 -6.08
N CYS D 106 -17.23 4.30 -6.65
CA CYS D 106 -17.73 2.93 -6.53
C CYS D 106 -16.86 1.92 -7.30
N ARG D 107 -16.45 2.34 -8.51
CA ARG D 107 -15.63 1.53 -9.39
C ARG D 107 -14.25 1.36 -8.75
N GLY D 108 -13.91 2.31 -7.88
CA GLY D 108 -12.64 2.32 -7.19
C GLY D 108 -12.59 1.71 -5.79
N ALA D 109 -13.57 0.88 -5.42
CA ALA D 109 -13.58 0.20 -4.12
C ALA D 109 -14.01 1.03 -2.90
N ILE D 110 -14.60 2.20 -3.14
CA ILE D 110 -15.11 2.99 -2.04
C ILE D 110 -16.51 3.50 -2.33
N ASP D 111 -17.45 2.57 -2.48
CA ASP D 111 -18.81 2.92 -2.75
C ASP D 111 -19.49 3.57 -1.52
N ASN D 112 -18.82 3.51 -0.38
CA ASN D 112 -19.37 4.10 0.83
C ASN D 112 -19.25 5.64 0.81
N VAL D 113 -18.54 6.17 -0.16
CA VAL D 113 -18.43 7.61 -0.20
C VAL D 113 -18.96 8.22 -1.49
N CYS D 114 -19.69 7.38 -2.26
CA CYS D 114 -20.31 7.75 -3.54
C CYS D 114 -21.06 9.06 -3.44
N LYS D 115 -20.63 10.05 -4.23
CA LYS D 115 -21.29 11.34 -4.18
C LYS D 115 -22.70 11.23 -4.71
N ASN D 116 -22.87 10.38 -5.71
CA ASN D 116 -24.17 10.18 -6.36
C ASN D 116 -25.23 9.57 -5.53
N ALA D 117 -24.84 8.80 -4.54
CA ALA D 117 -25.81 8.12 -3.69
C ALA D 117 -26.24 8.87 -2.45
N PHE D 118 -25.81 10.12 -2.32
CA PHE D 118 -26.18 10.93 -1.17
C PHE D 118 -27.69 11.12 -0.98
N GLY D 119 -28.22 10.69 0.16
CA GLY D 119 -29.65 10.81 0.37
C GLY D 119 -30.40 9.74 -0.41
N ASP D 120 -29.69 8.67 -0.77
CA ASP D 120 -30.30 7.53 -1.46
C ASP D 120 -29.86 6.23 -0.73
N TRP D 121 -29.46 6.40 0.52
CA TRP D 121 -29.03 5.30 1.38
C TRP D 121 -30.24 4.50 1.80
N PHE D 122 -30.12 3.20 1.95
CA PHE D 122 -31.28 2.43 2.38
C PHE D 122 -31.80 2.94 3.72
N GLY D 123 -33.09 3.30 3.75
CA GLY D 123 -33.72 3.80 4.96
C GLY D 123 -33.15 5.08 5.58
N LEU D 124 -32.55 5.92 4.72
CA LEU D 124 -31.95 7.21 5.08
C LEU D 124 -31.82 8.00 3.78
N GLY D 125 -32.91 8.00 3.01
CA GLY D 125 -32.95 8.69 1.75
C GLY D 125 -33.78 7.87 0.79
N TYR D 126 -33.43 6.62 0.68
CA TYR D 126 -34.19 5.73 -0.19
C TYR D 126 -34.96 4.89 0.80
N ASP D 127 -35.85 4.03 0.29
CA ASP D 127 -36.66 3.19 1.18
C ASP D 127 -35.85 2.11 1.94
N GLY D 128 -36.13 1.96 3.23
CA GLY D 128 -35.42 1.01 4.05
C GLY D 128 -36.04 -0.36 4.22
N GLY D 129 -35.80 -0.94 5.39
CA GLY D 129 -36.31 -2.27 5.72
C GLY D 129 -37.42 -2.33 6.77
N TYR D 130 -37.99 -1.19 7.16
CA TYR D 130 -39.12 -1.16 8.09
C TYR D 130 -40.43 -1.34 7.33
N GLN D 131 -40.39 -2.14 6.27
CA GLN D 131 -41.56 -2.44 5.49
C GLN D 131 -41.45 -3.95 5.33
N GLN D 132 -42.17 -4.54 4.39
CA GLN D 132 -42.15 -5.99 4.23
C GLN D 132 -41.42 -6.51 3.06
N TYR D 133 -41.46 -5.68 2.01
CA TYR D 133 -40.85 -5.95 0.71
C TYR D 133 -40.17 -4.73 0.14
N LEU D 134 -38.84 -4.72 0.17
CA LEU D 134 -38.05 -3.60 -0.32
C LEU D 134 -37.59 -3.69 -1.75
N LEU D 135 -37.68 -2.59 -2.49
CA LEU D 135 -37.24 -2.60 -3.88
C LEU D 135 -35.75 -2.27 -3.97
N VAL D 136 -34.93 -3.24 -4.33
CA VAL D 136 -33.50 -2.97 -4.44
C VAL D 136 -33.16 -2.50 -5.86
N THR D 137 -33.07 -1.18 -6.01
CA THR D 137 -32.73 -0.56 -7.29
C THR D 137 -31.40 -1.06 -7.84
N ARG D 138 -30.38 -1.11 -6.98
CA ARG D 138 -29.05 -1.59 -7.41
C ARG D 138 -28.59 -2.80 -6.62
N PRO D 139 -28.71 -4.01 -7.21
CA PRO D 139 -28.31 -5.25 -6.53
C PRO D 139 -26.82 -5.35 -6.20
N ARG D 140 -26.01 -4.44 -6.73
CA ARG D 140 -24.58 -4.52 -6.40
C ARG D 140 -24.46 -4.30 -4.90
N ASN D 141 -25.41 -3.55 -4.32
CA ASN D 141 -25.35 -3.25 -2.90
C ASN D 141 -25.96 -4.27 -1.92
N LEU D 142 -25.79 -5.55 -2.27
CA LEU D 142 -26.25 -6.70 -1.51
C LEU D 142 -25.08 -7.65 -1.21
N SER D 143 -25.15 -8.33 -0.06
CA SER D 143 -24.11 -9.27 0.35
C SER D 143 -24.79 -10.60 0.68
N ARG D 144 -24.42 -11.69 -0.01
CA ARG D 144 -25.07 -12.98 0.27
C ARG D 144 -24.87 -13.41 1.72
N ILE D 145 -25.96 -13.75 2.40
CA ILE D 145 -25.87 -14.17 3.78
C ILE D 145 -25.55 -15.65 3.88
N PRO D 146 -24.44 -15.98 4.53
CA PRO D 146 -24.00 -17.36 4.72
C PRO D 146 -25.18 -18.13 5.32
N ASP D 147 -25.32 -19.40 4.91
CA ASP D 147 -26.40 -20.25 5.39
C ASP D 147 -26.49 -20.43 6.89
N ASN D 148 -25.35 -20.51 7.57
CA ASN D 148 -25.34 -20.68 9.02
C ASN D 148 -25.58 -19.38 9.80
N VAL D 149 -26.01 -18.34 9.10
CA VAL D 149 -26.24 -17.08 9.76
C VAL D 149 -27.67 -16.66 9.68
N SER D 150 -28.26 -16.46 10.85
CA SER D 150 -29.62 -16.04 10.94
C SER D 150 -29.82 -14.70 10.27
N ALA D 151 -31.04 -14.46 9.82
CA ALA D 151 -31.38 -13.21 9.18
C ALA D 151 -31.29 -12.08 10.24
N ASP D 152 -31.44 -12.41 11.51
CA ASP D 152 -31.36 -11.39 12.55
C ASP D 152 -29.90 -10.99 12.79
N VAL D 153 -29.04 -12.00 12.88
CA VAL D 153 -27.66 -11.70 13.10
C VAL D 153 -27.15 -10.86 11.94
N ALA D 154 -27.46 -11.25 10.71
CA ALA D 154 -27.02 -10.49 9.56
C ALA D 154 -27.43 -9.03 9.71
N ALA D 155 -28.72 -8.82 9.89
CA ALA D 155 -29.23 -7.47 10.06
C ALA D 155 -28.40 -6.66 11.11
N ALA D 156 -28.06 -7.32 12.20
CA ALA D 156 -27.28 -6.69 13.27
C ALA D 156 -25.95 -6.13 12.75
N SER D 157 -25.30 -6.98 11.94
CA SER D 157 -24.00 -6.70 11.36
C SER D 157 -23.88 -5.59 10.33
N THR D 158 -24.97 -5.22 9.65
CA THR D 158 -24.91 -4.20 8.61
C THR D 158 -24.45 -2.84 9.03
N ASP D 159 -24.47 -2.55 10.32
CA ASP D 159 -23.95 -1.27 10.81
C ASP D 159 -23.08 -1.60 12.01
N ALA D 160 -23.71 -2.21 13.00
CA ALA D 160 -23.03 -2.51 14.24
C ALA D 160 -21.64 -3.11 14.11
N VAL D 161 -21.50 -4.02 13.15
CA VAL D 161 -20.23 -4.72 12.93
C VAL D 161 -19.55 -4.11 11.72
N LEU D 162 -20.29 -3.96 10.62
CA LEU D 162 -19.71 -3.37 9.41
C LEU D 162 -18.97 -2.07 9.70
N THR D 163 -19.59 -1.11 10.37
CA THR D 163 -18.86 0.14 10.59
C THR D 163 -17.47 -0.03 11.21
N PRO D 164 -17.37 -0.73 12.36
CA PRO D 164 -16.07 -0.95 13.00
C PRO D 164 -15.07 -1.77 12.15
N TYR D 165 -15.56 -2.85 11.52
CA TYR D 165 -14.71 -3.66 10.64
C TYR D 165 -14.09 -2.74 9.54
N HIS D 166 -14.90 -1.90 8.91
CA HIS D 166 -14.38 -1.05 7.88
C HIS D 166 -13.23 -0.18 8.37
N ALA D 167 -13.41 0.42 9.57
CA ALA D 167 -12.40 1.30 10.20
C ALA D 167 -11.15 0.56 10.60
N ILE D 168 -11.30 -0.61 11.21
CA ILE D 168 -10.17 -1.42 11.59
C ILE D 168 -9.38 -1.89 10.37
N LYS D 169 -10.07 -2.25 9.31
CA LYS D 169 -9.37 -2.67 8.12
C LYS D 169 -8.64 -1.48 7.56
N MET D 170 -9.30 -0.30 7.55
CA MET D 170 -8.69 0.91 7.04
C MET D 170 -7.40 1.18 7.80
N ALA D 171 -7.34 0.81 9.10
CA ALA D 171 -6.15 1.02 9.94
C ALA D 171 -5.01 -0.01 9.75
N GLN D 172 -5.36 -1.06 9.01
CA GLN D 172 -4.48 -2.16 8.70
C GLN D 172 -3.93 -2.82 9.92
N VAL D 173 -4.81 -3.08 10.87
CA VAL D 173 -4.47 -3.76 12.10
C VAL D 173 -3.99 -5.17 11.76
N SER D 174 -2.91 -5.59 12.41
CA SER D 174 -2.33 -6.92 12.18
C SER D 174 -2.13 -7.60 13.52
N PRO D 175 -1.54 -8.80 13.53
CA PRO D 175 -1.34 -9.49 14.83
C PRO D 175 -0.25 -8.86 15.73
N THR D 176 0.53 -8.00 15.10
CA THR D 176 1.60 -7.32 15.80
C THR D 176 1.15 -5.96 16.26
N SER D 177 -0.09 -5.60 15.90
CA SER D 177 -0.68 -4.34 16.29
C SER D 177 -0.90 -4.24 17.79
N ASN D 178 -0.94 -3.00 18.27
CA ASN D 178 -1.18 -2.71 19.66
C ASN D 178 -2.09 -1.52 19.64
N ILE D 179 -3.38 -1.77 19.70
CA ILE D 179 -4.32 -0.69 19.62
C ILE D 179 -4.99 -0.29 20.91
N LEU D 180 -5.57 0.90 20.86
CA LEU D 180 -6.28 1.51 21.95
C LEU D 180 -7.70 1.80 21.49
N LEU D 181 -8.68 1.42 22.31
CA LEU D 181 -10.10 1.65 21.99
C LEU D 181 -10.70 2.47 23.06
N ILE D 182 -11.31 3.58 22.70
CA ILE D 182 -11.94 4.45 23.68
C ILE D 182 -13.49 4.41 23.53
N GLY D 183 -14.17 3.70 24.43
CA GLY D 183 -15.62 3.62 24.34
C GLY D 183 -16.12 2.27 23.87
N ALA D 184 -16.20 1.33 24.81
CA ALA D 184 -16.68 -0.02 24.51
C ALA D 184 -18.21 -0.24 24.53
N GLY D 185 -18.99 0.83 24.66
CA GLY D 185 -20.43 0.69 24.69
C GLY D 185 -21.00 0.70 23.29
N GLY D 186 -21.02 1.89 22.69
CA GLY D 186 -21.59 2.08 21.37
C GLY D 186 -20.80 1.50 20.21
N LEU D 187 -21.34 0.41 19.62
CA LEU D 187 -20.74 -0.36 18.50
C LEU D 187 -19.38 -0.91 18.97
N GLY D 188 -18.69 -0.06 19.75
CA GLY D 188 -17.39 -0.36 20.30
C GLY D 188 -17.30 -1.74 20.88
N GLY D 189 -18.44 -2.40 21.11
CA GLY D 189 -18.42 -3.75 21.67
C GLY D 189 -17.89 -4.73 20.63
N ASN D 190 -18.49 -4.66 19.44
CA ASN D 190 -18.11 -5.50 18.32
C ASN D 190 -16.74 -5.13 17.88
N ALA D 191 -16.36 -3.89 18.09
CA ALA D 191 -15.04 -3.46 17.69
C ALA D 191 -13.98 -4.37 18.29
N ILE D 192 -14.15 -4.65 19.57
CA ILE D 192 -13.18 -5.48 20.27
C ILE D 192 -13.00 -6.84 19.63
N GLN D 193 -14.11 -7.47 19.27
CA GLN D 193 -14.03 -8.80 18.66
C GLN D 193 -13.38 -8.83 17.31
N VAL D 194 -13.65 -7.76 16.57
CA VAL D 194 -13.16 -7.57 15.23
C VAL D 194 -11.71 -7.33 15.30
N ALA D 195 -11.29 -6.48 16.23
CA ALA D 195 -9.88 -6.19 16.41
C ALA D 195 -9.11 -7.52 16.74
N LYS D 196 -9.68 -8.29 17.68
CA LYS D 196 -9.09 -9.55 18.10
C LYS D 196 -9.04 -10.52 16.93
N ALA D 197 -10.06 -10.51 16.07
CA ALA D 197 -10.07 -11.40 14.93
C ALA D 197 -8.90 -11.16 13.98
N PHE D 198 -8.32 -9.96 14.08
CA PHE D 198 -7.16 -9.59 13.25
C PHE D 198 -5.88 -10.01 13.95
N GLY D 199 -6.04 -10.37 15.24
CA GLY D 199 -4.93 -10.82 16.07
C GLY D 199 -4.20 -9.76 16.88
N ALA D 200 -4.79 -8.57 16.94
CA ALA D 200 -4.21 -7.44 17.63
C ALA D 200 -4.27 -7.51 19.10
N LYS D 201 -3.48 -6.68 19.75
CA LYS D 201 -3.45 -6.60 21.19
C LYS D 201 -4.25 -5.33 21.43
N VAL D 202 -5.42 -5.55 21.98
CA VAL D 202 -6.39 -4.50 22.26
C VAL D 202 -6.41 -3.93 23.69
N THR D 203 -6.21 -2.61 23.84
CA THR D 203 -6.28 -2.00 25.16
C THR D 203 -7.51 -1.12 25.11
N VAL D 204 -8.48 -1.39 25.96
CA VAL D 204 -9.75 -0.61 26.03
C VAL D 204 -9.74 0.42 27.18
N LEU D 205 -10.42 1.53 26.93
CA LEU D 205 -10.53 2.64 27.87
C LEU D 205 -12.00 3.09 27.90
N ASP D 206 -12.63 3.02 29.08
CA ASP D 206 -14.04 3.43 29.24
C ASP D 206 -14.29 3.96 30.64
N LYS D 207 -15.22 4.89 30.76
CA LYS D 207 -15.56 5.46 32.07
C LYS D 207 -16.51 4.55 32.84
N LYS D 208 -17.59 4.12 32.16
CA LYS D 208 -18.62 3.22 32.73
C LYS D 208 -18.04 1.85 33.16
N LYS D 209 -18.45 1.35 34.32
CA LYS D 209 -17.93 0.07 34.76
C LYS D 209 -18.46 -1.14 33.96
N GLU D 210 -19.73 -1.12 33.52
CA GLU D 210 -20.26 -2.27 32.75
C GLU D 210 -19.46 -2.39 31.46
N ALA D 211 -19.34 -1.27 30.75
CA ALA D 211 -18.63 -1.20 29.50
C ALA D 211 -17.29 -1.91 29.64
N ARG D 212 -16.60 -1.66 30.76
CA ARG D 212 -15.29 -2.28 30.99
C ARG D 212 -15.39 -3.77 31.24
N ASP D 213 -16.39 -4.18 32.00
CA ASP D 213 -16.57 -5.60 32.31
C ASP D 213 -16.83 -6.34 31.02
N GLN D 214 -17.73 -5.77 30.22
CA GLN D 214 -18.06 -6.36 28.94
C GLN D 214 -16.79 -6.63 28.17
N ALA D 215 -15.98 -5.58 28.03
CA ALA D 215 -14.71 -5.61 27.31
C ALA D 215 -13.84 -6.76 27.73
N LYS D 216 -13.75 -6.97 29.04
CA LYS D 216 -12.94 -8.03 29.59
C LYS D 216 -13.44 -9.34 29.02
N LYS D 217 -14.73 -9.59 29.23
CA LYS D 217 -15.41 -10.82 28.78
C LYS D 217 -15.25 -11.03 27.28
N LEU D 218 -15.19 -9.93 26.53
CA LEU D 218 -15.07 -9.95 25.06
C LEU D 218 -13.69 -10.22 24.49
N GLY D 219 -12.68 -10.27 25.36
CA GLY D 219 -11.32 -10.56 24.90
C GLY D 219 -10.33 -9.43 24.89
N ALA D 220 -10.68 -8.30 25.53
CA ALA D 220 -9.82 -7.16 25.59
C ALA D 220 -8.57 -7.55 26.35
N ASP D 221 -7.42 -7.12 25.88
CA ASP D 221 -6.21 -7.49 26.55
C ASP D 221 -6.02 -6.71 27.85
N ALA D 222 -6.35 -5.42 27.84
CA ALA D 222 -6.23 -4.61 29.05
C ALA D 222 -7.42 -3.71 29.06
N VAL D 223 -7.94 -3.40 30.24
CA VAL D 223 -9.10 -2.53 30.36
C VAL D 223 -8.83 -1.52 31.50
N TYR D 224 -9.05 -0.24 31.25
CA TYR D 224 -8.80 0.76 32.26
C TYR D 224 -9.86 1.85 32.30
N GLU D 225 -9.98 2.46 33.48
CA GLU D 225 -10.92 3.56 33.74
C GLU D 225 -10.20 4.77 33.17
N THR D 226 -8.92 4.83 33.54
CA THR D 226 -8.01 5.87 33.11
C THR D 226 -6.70 5.17 32.78
N LEU D 227 -6.09 5.59 31.67
CA LEU D 227 -4.84 4.98 31.29
C LEU D 227 -3.82 5.24 32.40
N PRO D 228 -3.21 4.18 32.92
CA PRO D 228 -2.20 4.16 33.98
C PRO D 228 -0.96 4.94 33.56
N GLU D 229 -0.14 5.30 34.54
CA GLU D 229 1.08 6.01 34.19
C GLU D 229 2.13 5.02 33.70
N SER D 230 1.96 3.73 34.01
CA SER D 230 2.92 2.74 33.53
C SER D 230 2.84 2.60 32.01
N ILE D 231 1.65 2.86 31.46
CA ILE D 231 1.43 2.80 30.01
C ILE D 231 2.09 4.04 29.46
N SER D 232 3.13 3.77 28.67
CA SER D 232 3.99 4.76 28.05
C SER D 232 3.34 5.54 26.89
N PRO D 233 3.55 6.86 26.80
CA PRO D 233 2.98 7.64 25.70
C PRO D 233 3.52 7.26 24.34
N GLY D 234 2.79 7.63 23.29
CA GLY D 234 3.20 7.34 21.93
C GLY D 234 3.65 5.92 21.76
N SER D 235 2.82 4.98 22.18
CA SER D 235 3.13 3.56 22.08
C SER D 235 2.05 2.69 21.39
N PHE D 236 0.94 3.29 20.97
CA PHE D 236 -0.09 2.50 20.31
C PHE D 236 -0.03 2.73 18.82
N SER D 237 -0.15 1.65 18.04
CA SER D 237 -0.10 1.70 16.59
C SER D 237 -1.34 2.37 16.02
N ALA D 238 -2.46 2.20 16.72
CA ALA D 238 -3.69 2.83 16.29
C ALA D 238 -4.63 3.08 17.46
N CYS D 239 -5.32 4.21 17.39
CA CYS D 239 -6.27 4.62 18.40
C CYS D 239 -7.63 4.84 17.79
N PHE D 240 -8.63 4.16 18.33
CA PHE D 240 -9.97 4.36 17.81
C PHE D 240 -10.85 5.07 18.87
N ASP D 241 -11.16 6.35 18.64
CA ASP D 241 -11.98 7.10 19.59
C ASP D 241 -13.43 6.95 19.20
N PHE D 242 -14.15 6.18 20.01
CA PHE D 242 -15.57 5.97 19.75
C PHE D 242 -16.44 7.01 20.44
N VAL D 243 -15.81 7.80 21.33
CA VAL D 243 -16.44 8.91 22.04
C VAL D 243 -16.24 10.15 21.18
N SER D 244 -15.00 10.41 20.81
CA SER D 244 -14.64 11.55 19.98
C SER D 244 -15.07 12.91 20.53
N VAL D 245 -14.37 13.30 21.59
CA VAL D 245 -14.57 14.56 22.31
C VAL D 245 -13.17 15.15 22.43
N GLN D 246 -13.06 16.47 22.43
CA GLN D 246 -11.73 17.02 22.50
C GLN D 246 -10.87 16.28 23.48
N ALA D 247 -11.46 15.90 24.60
CA ALA D 247 -10.74 15.18 25.66
C ALA D 247 -10.16 13.86 25.23
N THR D 248 -11.02 13.02 24.68
CA THR D 248 -10.66 11.68 24.19
C THR D 248 -9.69 11.70 22.99
N PHE D 249 -9.92 12.62 22.08
CA PHE D 249 -9.04 12.76 20.95
C PHE D 249 -7.64 13.11 21.48
N ASP D 250 -7.57 13.97 22.49
CA ASP D 250 -6.30 14.35 23.08
C ASP D 250 -5.54 13.18 23.66
N VAL D 251 -6.28 12.22 24.15
CA VAL D 251 -5.68 11.03 24.72
C VAL D 251 -5.04 10.19 23.60
N CYS D 252 -5.76 10.13 22.49
CA CYS D 252 -5.28 9.41 21.32
C CYS D 252 -3.99 10.02 20.82
N GLN D 253 -3.99 11.33 20.60
CA GLN D 253 -2.81 11.97 20.09
C GLN D 253 -1.65 11.88 21.05
N LYS D 254 -1.96 11.66 22.33
CA LYS D 254 -0.91 11.59 23.34
C LYS D 254 -0.28 10.20 23.35
N TYR D 255 -1.15 9.21 23.23
CA TYR D 255 -0.76 7.80 23.27
C TYR D 255 -0.47 7.03 21.96
N VAL D 256 -0.80 7.63 20.83
CA VAL D 256 -0.54 7.00 19.54
C VAL D 256 0.93 7.17 19.27
N GLU D 257 1.56 6.16 18.65
CA GLU D 257 2.99 6.22 18.37
C GLU D 257 3.30 6.98 17.09
N PRO D 258 4.59 7.25 16.86
CA PRO D 258 4.91 7.96 15.64
C PRO D 258 4.39 7.16 14.42
N LYS D 259 3.95 7.89 13.41
CA LYS D 259 3.40 7.35 12.18
C LYS D 259 2.12 6.53 12.45
N GLY D 260 1.59 6.65 13.67
CA GLY D 260 0.37 5.95 14.07
C GLY D 260 -0.90 6.48 13.45
N VAL D 261 -2.02 5.89 13.82
CA VAL D 261 -3.33 6.26 13.27
C VAL D 261 -4.31 6.62 14.37
N ILE D 262 -4.97 7.76 14.25
CA ILE D 262 -5.99 8.15 15.21
C ILE D 262 -7.28 8.13 14.40
N MET D 263 -8.25 7.36 14.83
CA MET D 263 -9.48 7.28 14.09
C MET D 263 -10.70 7.69 14.89
N PRO D 264 -11.14 8.93 14.72
CA PRO D 264 -12.28 9.55 15.39
C PRO D 264 -13.54 8.95 14.84
N VAL D 265 -13.94 7.85 15.42
CA VAL D 265 -15.11 7.20 14.93
C VAL D 265 -16.31 7.32 15.83
N GLY D 266 -16.39 8.43 16.58
CA GLY D 266 -17.52 8.68 17.46
C GLY D 266 -18.26 9.90 16.95
N LEU D 267 -19.28 10.33 17.67
CA LEU D 267 -20.05 11.49 17.24
C LEU D 267 -20.13 12.54 18.36
N GLY D 268 -19.21 12.44 19.32
CA GLY D 268 -19.21 13.34 20.48
C GLY D 268 -18.94 14.83 20.41
N ALA D 269 -18.55 15.34 19.25
CA ALA D 269 -18.27 16.76 19.13
C ALA D 269 -18.32 17.03 17.65
N PRO D 270 -18.76 18.22 17.25
CA PRO D 270 -18.84 18.54 15.81
C PRO D 270 -17.49 18.84 15.19
N ASN D 271 -16.56 19.32 16.03
CA ASN D 271 -15.19 19.67 15.64
C ASN D 271 -14.20 19.13 16.66
N LEU D 272 -12.96 18.85 16.25
CA LEU D 272 -11.97 18.38 17.20
C LEU D 272 -10.75 19.05 16.72
N SER D 273 -9.85 19.34 17.64
CA SER D 273 -8.63 19.99 17.25
C SER D 273 -7.46 19.07 17.59
N PHE D 274 -6.38 19.25 16.84
CA PHE D 274 -5.19 18.47 17.08
C PHE D 274 -4.03 19.43 17.21
N ASN D 275 -2.96 19.00 17.83
CA ASN D 275 -1.80 19.85 17.98
C ASN D 275 -0.94 19.71 16.71
N LEU D 276 -0.90 20.75 15.87
CA LEU D 276 -0.12 20.70 14.62
C LEU D 276 1.35 20.25 14.80
N GLY D 277 2.07 20.88 15.71
CA GLY D 277 3.45 20.51 15.88
C GLY D 277 3.63 19.02 16.17
N ASP D 278 2.82 18.45 17.07
CA ASP D 278 2.97 17.04 17.38
C ASP D 278 2.63 16.14 16.17
N LEU D 279 1.47 16.41 15.55
CA LEU D 279 0.98 15.62 14.41
C LEU D 279 1.98 15.56 13.29
N ALA D 280 2.58 16.72 13.04
CA ALA D 280 3.56 16.85 12.00
C ALA D 280 4.89 16.22 12.39
N LEU D 281 5.45 16.60 13.54
CA LEU D 281 6.73 16.07 13.95
C LEU D 281 6.78 14.54 14.11
N ARG D 282 5.64 13.93 14.42
CA ARG D 282 5.60 12.50 14.60
C ARG D 282 4.81 11.73 13.49
N GLU D 283 4.56 12.42 12.39
CA GLU D 283 3.87 11.91 11.23
C GLU D 283 2.55 11.17 11.50
N ILE D 284 1.88 11.59 12.57
CA ILE D 284 0.57 11.05 12.97
C ILE D 284 -0.45 11.21 11.83
N ARG D 285 -1.28 10.19 11.61
CA ARG D 285 -2.27 10.22 10.55
C ARG D 285 -3.66 10.13 11.16
N ILE D 286 -4.54 11.04 10.75
CA ILE D 286 -5.92 11.03 11.24
C ILE D 286 -6.74 10.59 10.06
N LEU D 287 -7.31 9.38 10.11
CA LEU D 287 -8.11 8.87 8.99
C LEU D 287 -9.56 8.83 9.30
N GLY D 288 -10.38 9.41 8.44
CA GLY D 288 -11.80 9.38 8.71
C GLY D 288 -12.41 8.19 8.03
N SER D 289 -13.29 7.47 8.70
CA SER D 289 -13.93 6.36 8.06
C SER D 289 -15.41 6.50 8.30
N PHE D 290 -16.20 5.83 7.45
CA PHE D 290 -17.63 5.93 7.50
C PHE D 290 -18.35 4.68 7.06
N TRP D 291 -19.07 4.03 7.97
CA TRP D 291 -19.83 2.83 7.62
C TRP D 291 -18.91 1.83 6.96
N GLY D 292 -19.35 1.27 5.82
CA GLY D 292 -18.56 0.27 5.12
C GLY D 292 -18.85 0.07 3.64
N THR D 293 -17.97 -0.68 2.96
CA THR D 293 -18.21 -0.91 1.54
C THR D 293 -18.97 -2.21 1.37
N THR D 294 -19.37 -2.47 0.13
CA THR D 294 -20.14 -3.67 -0.16
C THR D 294 -19.21 -4.83 0.14
N ASN D 295 -17.97 -4.72 -0.31
CA ASN D 295 -17.05 -5.83 -0.07
C ASN D 295 -16.84 -6.04 1.40
N ASP D 296 -16.75 -4.94 2.15
CA ASP D 296 -16.57 -5.03 3.61
C ASP D 296 -17.65 -5.94 4.21
N LEU D 297 -18.92 -5.67 3.87
CA LEU D 297 -20.00 -6.47 4.39
C LEU D 297 -19.79 -7.95 4.07
N ASP D 298 -19.23 -8.25 2.87
CA ASP D 298 -18.93 -9.64 2.44
C ASP D 298 -17.98 -10.23 3.50
N ASP D 299 -16.91 -9.50 3.79
CA ASP D 299 -15.93 -9.91 4.80
C ASP D 299 -16.63 -10.02 6.16
N VAL D 300 -17.47 -9.04 6.51
CA VAL D 300 -18.15 -9.06 7.80
C VAL D 300 -18.98 -10.32 7.99
N LEU D 301 -19.70 -10.74 6.97
CA LEU D 301 -20.47 -11.97 7.15
C LEU D 301 -19.57 -13.21 7.17
N LYS D 302 -18.49 -13.23 6.39
CA LYS D 302 -17.59 -14.38 6.43
C LYS D 302 -17.10 -14.44 7.91
N LEU D 303 -16.87 -13.31 8.56
CA LEU D 303 -16.39 -13.35 9.92
C LEU D 303 -17.44 -13.75 10.94
N VAL D 304 -18.68 -13.35 10.69
CA VAL D 304 -19.76 -13.68 11.63
C VAL D 304 -20.09 -15.14 11.52
N SER D 305 -20.14 -15.61 10.28
CA SER D 305 -20.41 -17.01 9.95
C SER D 305 -19.30 -17.88 10.53
N GLU D 306 -18.05 -17.41 10.44
CA GLU D 306 -16.91 -18.12 10.98
C GLU D 306 -16.85 -18.04 12.52
N GLY D 307 -17.80 -17.34 13.13
CA GLY D 307 -17.87 -17.23 14.59
C GLY D 307 -16.80 -16.41 15.26
N LYS D 308 -16.09 -15.58 14.49
CA LYS D 308 -15.02 -14.71 15.00
C LYS D 308 -15.66 -13.44 15.61
N VAL D 309 -16.88 -13.17 15.20
CA VAL D 309 -17.62 -12.06 15.76
C VAL D 309 -19.06 -12.58 15.98
N LYS D 310 -19.58 -12.38 17.19
CA LYS D 310 -20.92 -12.80 17.50
C LYS D 310 -21.65 -11.56 17.97
N PRO D 311 -22.49 -10.96 17.12
CA PRO D 311 -23.17 -9.77 17.64
C PRO D 311 -24.37 -10.12 18.53
N VAL D 312 -24.67 -9.21 19.45
CA VAL D 312 -25.77 -9.37 20.43
C VAL D 312 -27.11 -8.76 20.01
N VAL D 313 -28.09 -9.58 19.60
CA VAL D 313 -29.39 -9.03 19.20
C VAL D 313 -30.59 -9.76 19.69
N ARG D 314 -31.68 -9.00 19.91
CA ARG D 314 -32.95 -9.53 20.37
C ARG D 314 -34.07 -9.21 19.37
N SER D 315 -34.85 -10.23 18.98
CA SER D 315 -35.94 -10.08 18.00
C SER D 315 -37.15 -9.32 18.48
N ALA D 316 -38.07 -9.09 17.56
CA ALA D 316 -39.29 -8.36 17.90
C ALA D 316 -40.18 -8.25 16.66
N LYS D 317 -41.50 -8.42 16.83
CA LYS D 317 -42.44 -8.29 15.69
C LYS D 317 -42.23 -6.85 15.20
N LEU D 318 -42.11 -6.65 13.89
CA LEU D 318 -41.86 -5.31 13.38
C LEU D 318 -42.79 -4.23 13.93
N LYS D 319 -44.09 -4.50 13.96
CA LYS D 319 -45.06 -3.54 14.47
C LYS D 319 -44.74 -3.03 15.91
N GLU D 320 -43.84 -3.73 16.63
CA GLU D 320 -43.41 -3.38 18.00
C GLU D 320 -42.35 -2.27 17.99
N LEU D 321 -41.94 -1.88 16.79
CA LEU D 321 -40.93 -0.84 16.61
C LEU D 321 -41.12 0.42 17.44
N PRO D 322 -42.26 1.10 17.28
CA PRO D 322 -42.54 2.34 18.00
C PRO D 322 -42.10 2.39 19.44
N GLU D 323 -42.37 1.31 20.19
CA GLU D 323 -42.00 1.28 21.61
C GLU D 323 -40.52 1.17 21.83
N TYR D 324 -39.87 0.33 21.02
CA TYR D 324 -38.42 0.17 21.16
C TYR D 324 -37.70 1.48 20.86
N ILE D 325 -38.30 2.29 20.00
CA ILE D 325 -37.72 3.57 19.68
C ILE D 325 -37.82 4.53 20.86
N GLU D 326 -38.89 4.43 21.63
CA GLU D 326 -39.02 5.31 22.78
C GLU D 326 -38.09 4.84 23.88
N LYS D 327 -37.88 3.53 23.94
CA LYS D 327 -36.99 2.98 24.94
C LYS D 327 -35.60 3.49 24.62
N LEU D 328 -35.15 3.24 23.40
CA LEU D 328 -33.82 3.67 22.99
C LEU D 328 -33.67 5.19 23.04
N ARG D 329 -34.76 5.92 22.83
CA ARG D 329 -34.71 7.38 22.86
C ARG D 329 -34.19 7.93 24.19
N ASN D 330 -34.45 7.17 25.26
CA ASN D 330 -34.01 7.52 26.62
C ASN D 330 -32.96 6.52 27.02
N ASN D 331 -32.24 6.03 26.02
CA ASN D 331 -31.19 5.03 26.20
C ASN D 331 -31.51 4.01 27.25
N ALA D 332 -32.78 3.57 27.21
CA ALA D 332 -33.32 2.56 28.13
C ALA D 332 -32.97 1.11 27.69
N TYR D 333 -32.35 0.95 26.51
CA TYR D 333 -31.93 -0.35 25.94
C TYR D 333 -30.60 -0.17 25.19
N GLU D 334 -29.69 -1.12 25.36
CA GLU D 334 -28.39 -0.99 24.74
C GLU D 334 -27.83 -2.30 24.15
N GLY D 335 -28.74 -3.14 23.66
CA GLY D 335 -28.37 -4.40 23.04
C GLY D 335 -29.15 -4.34 21.76
N ARG D 336 -28.46 -4.17 20.64
CA ARG D 336 -29.11 -4.10 19.34
C ARG D 336 -30.47 -4.83 19.29
N VAL D 337 -31.46 -4.24 18.62
CA VAL D 337 -32.77 -4.85 18.50
C VAL D 337 -33.10 -5.03 17.04
N VAL D 338 -33.32 -6.26 16.58
CA VAL D 338 -33.71 -6.44 15.19
C VAL D 338 -35.22 -6.64 15.18
N PHE D 339 -35.86 -6.35 14.07
CA PHE D 339 -37.30 -6.52 13.98
C PHE D 339 -37.63 -7.36 12.81
N ASN D 340 -38.58 -8.24 13.02
CA ASN D 340 -39.00 -9.13 11.95
C ASN D 340 -40.33 -8.57 11.42
N PRO D 341 -40.37 -8.26 10.12
CA PRO D 341 -41.65 -7.73 9.62
C PRO D 341 -42.59 -8.87 9.25
CAF HXT E . 18.26 -19.65 1.97
CAD HXT E . 18.70 -19.57 0.65
CAC HXT E . 20.07 -19.44 0.40
CAE HXT E . 20.97 -19.41 1.46
CAG HXT E . 20.52 -19.48 2.78
CAJ HXT E . 19.15 -19.57 3.03
CAI HXT E . 18.68 -19.41 4.33
OAA HXT E . 19.45 -19.47 5.29
CAH HXT E . 17.21 -18.99 4.50
OAB HXT E . 16.61 -19.61 5.63
ZN ZN F . 18.06 -22.09 9.61
ZN ZN G . 22.42 -2.46 3.52
CAF HXT H . -5.22 -10.30 -24.25
CAD HXT H . -5.09 -11.63 -23.87
CAC HXT H . -6.11 -12.53 -24.15
CAE HXT H . -7.25 -12.08 -24.82
CAG HXT H . -7.37 -10.75 -25.20
CAJ HXT H . -6.37 -9.84 -24.90
CAI HXT H . -6.57 -8.48 -25.08
OAA HXT H . -7.45 -8.06 -25.84
CAH HXT H . -5.71 -7.53 -24.25
OAB HXT H . -5.28 -6.41 -25.03
ZN ZN I . -7.13 -4.27 -28.91
ZN ZN J . -17.46 -8.65 -11.67
CAF HXT K . 10.54 21.42 12.17
CAD HXT K . 9.75 21.36 13.30
CAC HXT K . 10.36 21.34 14.55
CAE HXT K . 11.74 21.45 14.65
CAG HXT K . 12.54 21.53 13.51
CAJ HXT K . 11.93 21.48 12.26
CAI HXT K . 12.73 21.31 11.12
OAA HXT K . 13.93 21.59 11.10
CAH HXT K . 12.05 20.78 9.86
OAB HXT K . 12.59 21.47 8.73
ZN ZN L . 16.26 24.30 7.61
ZN ZN M . 16.18 4.95 15.30
CAF HXT N . -23.37 8.28 10.24
CAD HXT N . -23.13 9.64 10.01
CAC HXT N . -24.07 10.41 9.33
CAE HXT N . -25.25 9.82 8.90
CAG HXT N . -25.48 8.46 9.12
CAJ HXT N . -24.53 7.68 9.76
CAI HXT N . -24.66 6.29 9.76
OAA HXT N . -25.73 5.71 9.58
CAH HXT N . -23.37 5.48 10.00
OAB HXT N . -23.65 4.42 10.92
ZN ZN O . -27.41 1.93 12.21
ZN ZN P . -20.91 5.91 -7.14
#